data_7K1R
#
_entry.id   7K1R
#
_cell.length_a   87.123
_cell.length_b   153.100
_cell.length_c   182.401
_cell.angle_alpha   90.000
_cell.angle_beta   90.000
_cell.angle_gamma   90.000
#
_symmetry.space_group_name_H-M   'P 21 21 21'
#
loop_
_entity.id
_entity.type
_entity.pdbx_description
1 polymer 'Beta xylosidase GH43'
2 non-polymer 'CALCIUM ION'
3 non-polymer GLYCEROL
4 water water
#
_entity_poly.entity_id   1
_entity_poly.type   'polypeptide(L)'
_entity_poly.pdbx_seq_one_letter_code
;MEITNPILTGFNPDPSLCRQGEDYYIATSTFEWFPGVRIYHSRDLKNWTLVSTPLDRVSMLDMKGNPDSGGIWAPCLSYA
DGKFWLLYTDVKIVDSPWKNGRNFLVTAPSIEGPWSEPIPMGNGGFDPSLFHDDDGRKYYLYRPWGPRHHSNPHNTIVMQ
EFDPQTGTLSPERKTLFTGTPLCYTEGAHLYRHAGWYYLMVAEGGTSYEHAVVVLRAKTIDGPYELHPDVTMMTSWHLPE
NPLQKSGHGSLLQTHTGEWYMAYLTSRPLRLPGVPLLASGGRGYCPLGRETGIARIEWRDGWPYVEGGKHAQLTVKGPQV
AEQPAAVQGSWRDDFDGSTLDPELQTLRIPFDDTLGSLTARPGYLRLYGNDSLNSTFTQSTVARRWQHFIFRAETRMQFS
PVHFQQSAGLTCYYNSKNWSYCFVDYEEGQGRTIKVIQLDHNVPSWPLHEQPIPVPEQAESVWLRVDVDRLVYRYSYSFD
GETWHAVPVTYEAWKLSDDYIGGRGFATGAFVGLHCEDISGDGCHADFDYFTYEPA
;
_entity_poly.pdbx_strand_id   A,B,C,D
#
loop_
_chem_comp.id
_chem_comp.type
_chem_comp.name
_chem_comp.formula
CA non-polymer 'CALCIUM ION' 'Ca 2'
GOL non-polymer GLYCEROL 'C3 H8 O3'
#
# COMPACT_ATOMS: atom_id res chain seq x y z
N MET A 1 3.31 49.96 -30.79
CA MET A 1 2.80 49.07 -29.77
C MET A 1 3.30 49.48 -28.39
N GLU A 2 2.40 49.49 -27.41
CA GLU A 2 2.72 49.84 -26.04
C GLU A 2 2.48 48.63 -25.15
N ILE A 3 3.51 48.22 -24.42
CA ILE A 3 3.42 47.10 -23.49
C ILE A 3 3.29 47.66 -22.08
N THR A 4 2.31 47.16 -21.34
CA THR A 4 2.11 47.56 -19.95
C THR A 4 2.66 46.48 -19.03
N ASN A 5 3.45 46.88 -18.05
CA ASN A 5 4.04 45.93 -17.12
C ASN A 5 3.24 45.87 -15.83
N PRO A 6 3.21 44.72 -15.13
CA PRO A 6 3.88 43.46 -15.50
C PRO A 6 3.16 42.72 -16.62
N ILE A 7 3.92 42.02 -17.47
CA ILE A 7 3.28 41.21 -18.51
C ILE A 7 2.69 39.94 -17.92
N LEU A 8 3.25 39.45 -16.82
CA LEU A 8 2.72 38.30 -16.09
C LEU A 8 2.40 38.77 -14.68
N THR A 9 1.12 38.89 -14.37
CA THR A 9 0.68 39.41 -13.08
C THR A 9 0.51 38.27 -12.07
N GLY A 10 0.70 38.61 -10.80
CA GLY A 10 0.68 37.62 -9.74
C GLY A 10 1.97 36.82 -9.72
N PHE A 11 2.00 35.87 -8.78
CA PHE A 11 3.15 34.99 -8.54
C PHE A 11 3.73 34.44 -9.83
N ASN A 12 4.80 35.07 -10.32
CA ASN A 12 5.47 34.69 -11.56
C ASN A 12 6.90 35.22 -11.58
N PRO A 13 7.80 34.66 -10.78
CA PRO A 13 9.17 35.19 -10.71
C PRO A 13 10.12 34.47 -11.67
N ASP A 14 11.33 35.02 -11.75
CA ASP A 14 12.43 34.43 -12.51
C ASP A 14 12.04 34.10 -13.95
N PRO A 15 11.70 35.11 -14.76
CA PRO A 15 11.29 34.84 -16.15
C PRO A 15 12.49 34.38 -16.98
N SER A 16 12.36 33.21 -17.60
CA SER A 16 13.34 32.69 -18.55
C SER A 16 12.72 32.82 -19.94
N LEU A 17 13.25 33.73 -20.73
CA LEU A 17 12.66 34.11 -22.01
C LEU A 17 13.43 33.45 -23.15
N CYS A 18 12.70 32.79 -24.05
CA CYS A 18 13.29 32.16 -25.22
C CYS A 18 12.36 32.41 -26.41
N ARG A 19 12.75 31.89 -27.57
CA ARG A 19 11.90 32.01 -28.74
C ARG A 19 12.22 30.88 -29.73
N GLN A 20 11.17 30.42 -30.40
CA GLN A 20 11.29 29.48 -31.53
C GLN A 20 10.70 30.18 -32.74
N GLY A 21 11.56 30.71 -33.61
CA GLY A 21 11.10 31.51 -34.73
C GLY A 21 10.39 32.76 -34.29
N GLU A 22 9.09 32.85 -34.59
CA GLU A 22 8.27 34.01 -34.24
C GLU A 22 7.41 33.76 -33.01
N ASP A 23 7.62 32.65 -32.31
CA ASP A 23 6.89 32.32 -31.10
C ASP A 23 7.79 32.53 -29.89
N TYR A 24 7.28 33.23 -28.88
CA TYR A 24 8.07 33.62 -27.73
C TYR A 24 7.51 32.98 -26.47
N TYR A 25 8.39 32.54 -25.58
CA TYR A 25 8.02 31.78 -24.41
C TYR A 25 8.75 32.30 -23.18
N ILE A 26 8.05 32.31 -22.05
CA ILE A 26 8.62 32.67 -20.75
C ILE A 26 8.26 31.59 -19.76
N ALA A 27 9.25 31.12 -19.01
CA ALA A 27 9.05 30.15 -17.94
C ALA A 27 9.31 30.82 -16.60
N THR A 28 8.38 30.66 -15.66
CA THR A 28 8.50 31.24 -14.34
C THR A 28 8.53 30.13 -13.30
N SER A 29 9.06 30.46 -12.12
CA SER A 29 9.16 29.52 -11.03
C SER A 29 7.82 29.36 -10.32
N THR A 30 7.63 28.20 -9.69
CA THR A 30 6.38 27.88 -9.01
C THR A 30 6.57 27.44 -7.57
N PHE A 31 7.80 27.21 -7.12
CA PHE A 31 8.14 26.91 -5.73
C PHE A 31 7.40 25.65 -5.31
N GLU A 32 6.60 25.67 -4.25
CA GLU A 32 5.97 24.46 -3.75
C GLU A 32 4.63 24.16 -4.42
N TRP A 33 4.19 24.98 -5.36
CA TRP A 33 2.92 24.75 -6.05
C TRP A 33 3.12 23.78 -7.20
N PHE A 34 2.21 22.80 -7.31
CA PHE A 34 2.22 21.73 -8.29
C PHE A 34 1.10 21.89 -9.30
N PRO A 35 1.35 21.66 -10.60
CA PRO A 35 2.62 21.23 -11.21
C PRO A 35 3.69 22.31 -11.26
N GLY A 36 4.93 21.93 -11.52
CA GLY A 36 6.04 22.84 -11.49
C GLY A 36 6.31 23.52 -12.82
N VAL A 37 6.76 24.78 -12.74
CA VAL A 37 7.09 25.62 -13.88
C VAL A 37 5.82 26.01 -14.62
N ARG A 38 5.70 27.30 -14.97
CA ARG A 38 4.61 27.80 -15.78
C ARG A 38 5.20 28.46 -17.02
N ILE A 39 4.81 27.98 -18.20
CA ILE A 39 5.31 28.48 -19.48
C ILE A 39 4.19 29.24 -20.18
N TYR A 40 4.48 30.47 -20.58
CA TYR A 40 3.54 31.32 -21.27
C TYR A 40 4.04 31.60 -22.67
N HIS A 41 3.12 31.73 -23.62
CA HIS A 41 3.46 31.97 -25.02
C HIS A 41 2.91 33.32 -25.49
N SER A 42 3.65 33.95 -26.39
CA SER A 42 3.23 35.21 -26.99
C SER A 42 3.90 35.38 -28.35
N ARG A 43 3.21 36.07 -29.25
CA ARG A 43 3.75 36.43 -30.54
C ARG A 43 4.03 37.92 -30.68
N ASP A 44 3.81 38.70 -29.61
CA ASP A 44 4.02 40.14 -29.67
C ASP A 44 4.74 40.71 -28.45
N LEU A 45 5.08 39.88 -27.46
CA LEU A 45 5.71 40.24 -26.20
C LEU A 45 4.80 41.09 -25.31
N LYS A 46 3.56 41.32 -25.70
CA LYS A 46 2.62 42.13 -24.91
C LYS A 46 1.53 41.28 -24.25
N ASN A 47 0.94 40.34 -24.99
CA ASN A 47 -0.14 39.50 -24.48
C ASN A 47 0.40 38.08 -24.32
N TRP A 48 0.37 37.57 -23.09
CA TRP A 48 0.89 36.25 -22.78
C TRP A 48 -0.21 35.37 -22.22
N THR A 49 -0.19 34.09 -22.59
CA THR A 49 -1.15 33.13 -22.07
C THR A 49 -0.44 31.84 -21.72
N LEU A 50 -0.89 31.20 -20.63
CA LEU A 50 -0.31 29.94 -20.21
C LEU A 50 -0.53 28.87 -21.27
N VAL A 51 0.54 28.18 -21.63
CA VAL A 51 0.47 27.07 -22.59
C VAL A 51 1.03 25.76 -22.05
N SER A 52 1.80 25.75 -20.96
CA SER A 52 2.48 24.54 -20.53
C SER A 52 2.75 24.60 -19.04
N THR A 53 2.45 23.50 -18.34
CA THR A 53 2.83 23.28 -16.95
C THR A 53 3.60 21.97 -16.94
N PRO A 54 4.89 22.00 -17.30
CA PRO A 54 5.57 20.75 -17.71
C PRO A 54 5.80 19.75 -16.60
N LEU A 55 6.20 20.19 -15.41
CA LEU A 55 6.57 19.27 -14.33
C LEU A 55 5.31 18.85 -13.59
N ASP A 56 4.56 17.93 -14.21
CA ASP A 56 3.26 17.51 -13.70
C ASP A 56 3.21 16.03 -13.34
N ARG A 57 4.36 15.41 -13.09
CA ARG A 57 4.41 14.01 -12.66
C ARG A 57 5.42 13.89 -11.52
N VAL A 58 5.07 13.07 -10.53
CA VAL A 58 5.93 12.90 -9.36
C VAL A 58 7.31 12.38 -9.76
N SER A 59 7.38 11.59 -10.84
CA SER A 59 8.66 11.13 -11.34
C SER A 59 9.54 12.28 -11.81
N MET A 60 8.94 13.42 -12.15
CA MET A 60 9.70 14.62 -12.49
C MET A 60 9.86 15.58 -11.31
N LEU A 61 8.90 15.59 -10.38
CA LEU A 61 8.90 16.56 -9.30
C LEU A 61 8.16 15.95 -8.11
N ASP A 62 8.91 15.58 -7.07
CA ASP A 62 8.37 14.94 -5.87
C ASP A 62 8.58 15.90 -4.71
N MET A 63 7.55 16.72 -4.43
CA MET A 63 7.69 17.84 -3.52
C MET A 63 6.94 17.66 -2.21
N LYS A 64 6.49 16.45 -1.89
CA LYS A 64 5.83 16.24 -0.61
C LYS A 64 6.83 16.42 0.53
N GLY A 65 6.40 17.16 1.56
CA GLY A 65 7.27 17.47 2.68
C GLY A 65 8.22 18.64 2.45
N ASN A 66 8.28 19.17 1.23
CA ASN A 66 9.15 20.29 0.94
C ASN A 66 8.81 21.49 1.83
N PRO A 67 9.80 22.25 2.24
CA PRO A 67 9.52 23.43 3.08
C PRO A 67 8.87 24.53 2.28
N ASP A 68 8.22 25.45 2.99
CA ASP A 68 7.68 26.65 2.38
C ASP A 68 8.79 27.36 1.60
N SER A 69 8.43 27.85 0.42
CA SER A 69 9.37 28.52 -0.48
C SER A 69 10.52 27.61 -0.90
N GLY A 70 10.32 26.29 -0.80
CA GLY A 70 11.19 25.33 -1.44
C GLY A 70 10.65 24.98 -2.82
N GLY A 71 11.08 23.83 -3.33
CA GLY A 71 10.64 23.38 -4.63
C GLY A 71 11.25 24.13 -5.81
N ILE A 72 10.42 24.47 -6.79
CA ILE A 72 10.92 24.98 -8.07
C ILE A 72 11.37 26.42 -7.90
N TRP A 73 12.68 26.66 -7.98
CA TRP A 73 13.22 28.01 -8.02
C TRP A 73 13.35 28.45 -9.47
N ALA A 74 14.27 29.36 -9.74
CA ALA A 74 14.43 29.93 -11.08
C ALA A 74 14.66 28.82 -12.11
N PRO A 75 13.82 28.70 -13.14
CA PRO A 75 14.10 27.74 -14.22
C PRO A 75 14.80 28.39 -15.39
N CYS A 76 15.39 27.59 -16.26
CA CYS A 76 15.94 28.07 -17.52
C CYS A 76 15.24 27.34 -18.66
N LEU A 77 14.55 28.09 -19.51
CA LEU A 77 13.92 27.56 -20.70
C LEU A 77 14.61 28.15 -21.92
N SER A 78 15.24 27.28 -22.72
CA SER A 78 15.93 27.69 -23.93
C SER A 78 15.50 26.77 -25.07
N TYR A 79 15.81 27.20 -26.29
CA TYR A 79 15.48 26.45 -27.48
C TYR A 79 16.70 26.37 -28.38
N ALA A 80 17.05 25.15 -28.80
CA ALA A 80 18.18 24.92 -29.68
C ALA A 80 18.11 23.50 -30.22
N ASP A 81 18.72 23.31 -31.40
CA ASP A 81 18.83 21.99 -32.02
C ASP A 81 17.47 21.31 -32.18
N GLY A 82 16.43 22.10 -32.41
CA GLY A 82 15.12 21.55 -32.70
C GLY A 82 14.30 21.12 -31.51
N LYS A 83 14.64 21.58 -30.30
CA LYS A 83 13.86 21.22 -29.13
C LYS A 83 14.07 22.25 -28.03
N PHE A 84 13.14 22.27 -27.08
CA PHE A 84 13.24 23.10 -25.89
C PHE A 84 14.03 22.36 -24.81
N TRP A 85 14.80 23.12 -24.03
CA TRP A 85 15.55 22.59 -22.90
C TRP A 85 15.09 23.30 -21.64
N LEU A 86 14.70 22.53 -20.63
CA LEU A 86 14.19 23.08 -19.38
C LEU A 86 15.03 22.57 -18.21
N LEU A 87 15.77 23.47 -17.58
CA LEU A 87 16.49 23.18 -16.35
C LEU A 87 15.69 23.71 -15.16
N TYR A 88 15.64 22.92 -14.09
CA TYR A 88 14.90 23.34 -12.90
C TYR A 88 15.54 22.77 -11.66
N THR A 89 15.30 23.44 -10.53
CA THR A 89 15.85 23.05 -9.24
C THR A 89 14.71 22.71 -8.29
N ASP A 90 14.81 21.57 -7.62
CA ASP A 90 13.92 21.20 -6.53
C ASP A 90 14.69 21.40 -5.23
N VAL A 91 14.34 22.45 -4.49
CA VAL A 91 15.07 22.84 -3.30
C VAL A 91 14.44 22.17 -2.08
N LYS A 92 15.27 21.54 -1.24
CA LYS A 92 14.79 20.74 -0.12
C LYS A 92 14.99 21.39 1.25
N ILE A 93 15.90 22.36 1.37
CA ILE A 93 16.11 23.07 2.63
C ILE A 93 15.97 24.56 2.37
N VAL A 94 15.34 25.27 3.31
CA VAL A 94 15.18 26.71 3.17
C VAL A 94 15.64 27.41 4.45
N ASP A 95 15.05 27.04 5.59
CA ASP A 95 15.32 27.70 6.87
C ASP A 95 16.59 27.09 7.47
N SER A 96 17.73 27.52 6.93
CA SER A 96 19.02 26.96 7.33
C SER A 96 20.11 27.88 6.83
N PRO A 97 21.27 27.90 7.48
CA PRO A 97 22.39 28.71 6.97
C PRO A 97 22.79 28.37 5.54
N TRP A 98 22.51 27.16 5.07
CA TRP A 98 22.72 26.81 3.68
C TRP A 98 21.66 25.78 3.29
N LYS A 99 21.54 25.55 1.98
CA LYS A 99 20.46 24.76 1.43
C LYS A 99 20.99 23.60 0.60
N ASN A 100 20.11 22.62 0.40
CA ASN A 100 20.33 21.51 -0.52
C ASN A 100 19.22 21.49 -1.56
N GLY A 101 19.51 20.85 -2.69
CA GLY A 101 18.52 20.76 -3.75
C GLY A 101 18.93 19.74 -4.78
N ARG A 102 18.20 19.73 -5.90
CA ARG A 102 18.50 18.85 -7.02
C ARG A 102 18.15 19.55 -8.31
N ASN A 103 19.05 19.51 -9.28
CA ASN A 103 18.85 20.10 -10.60
C ASN A 103 18.60 19.00 -11.63
N PHE A 104 17.69 19.28 -12.57
CA PHE A 104 17.30 18.31 -13.58
C PHE A 104 17.17 18.99 -14.93
N LEU A 105 17.37 18.20 -15.99
CA LEU A 105 17.19 18.65 -17.36
C LEU A 105 16.11 17.81 -18.03
N VAL A 106 15.09 18.46 -18.56
CA VAL A 106 14.07 17.83 -19.40
C VAL A 106 14.03 18.56 -20.72
N THR A 107 13.67 17.83 -21.77
CA THR A 107 13.62 18.37 -23.12
C THR A 107 12.32 17.96 -23.80
N ALA A 108 11.93 18.73 -24.82
CA ALA A 108 10.74 18.43 -25.61
C ALA A 108 10.84 19.14 -26.94
N PRO A 109 10.45 18.50 -28.05
CA PRO A 109 10.50 19.20 -29.34
C PRO A 109 9.49 20.34 -29.44
N SER A 110 8.31 20.18 -28.84
CA SER A 110 7.26 21.19 -28.84
C SER A 110 6.94 21.58 -27.40
N ILE A 111 6.50 22.83 -27.24
CA ILE A 111 6.35 23.41 -25.90
C ILE A 111 5.30 22.67 -25.08
N GLU A 112 4.28 22.13 -25.73
CA GLU A 112 3.25 21.39 -25.02
C GLU A 112 3.45 19.88 -25.06
N GLY A 113 4.25 19.39 -26.01
CA GLY A 113 4.51 17.97 -26.14
C GLY A 113 5.08 17.38 -24.87
N PRO A 114 5.01 16.05 -24.74
CA PRO A 114 5.46 15.41 -23.51
C PRO A 114 6.95 15.62 -23.30
N TRP A 115 7.32 15.91 -22.05
CA TRP A 115 8.70 16.18 -21.69
C TRP A 115 9.39 14.89 -21.27
N SER A 116 10.68 14.78 -21.63
CA SER A 116 11.43 13.56 -21.40
C SER A 116 11.63 13.30 -19.90
N GLU A 117 12.13 12.11 -19.59
CA GLU A 117 12.54 11.82 -18.23
C GLU A 117 13.67 12.77 -17.83
N PRO A 118 13.69 13.27 -16.59
CA PRO A 118 14.72 14.24 -16.21
C PRO A 118 16.11 13.63 -16.19
N ILE A 119 17.08 14.45 -16.53
CA ILE A 119 18.50 14.11 -16.44
C ILE A 119 19.08 14.85 -15.23
N PRO A 120 19.70 14.15 -14.28
CA PRO A 120 20.26 14.84 -13.12
C PRO A 120 21.47 15.69 -13.52
N MET A 121 21.40 16.98 -13.17
CA MET A 121 22.45 17.93 -13.55
C MET A 121 23.28 18.39 -12.35
N GLY A 122 23.22 17.67 -11.24
CA GLY A 122 23.97 18.03 -10.04
C GLY A 122 23.09 18.70 -9.00
N ASN A 123 23.67 18.85 -7.81
CA ASN A 123 22.96 19.43 -6.67
C ASN A 123 23.69 20.61 -6.06
N GLY A 124 24.84 21.02 -6.62
CA GLY A 124 25.74 21.95 -5.96
C GLY A 124 25.27 23.39 -5.89
N GLY A 125 24.11 23.73 -6.43
CA GLY A 125 23.67 25.11 -6.36
C GLY A 125 22.34 25.29 -7.05
N PHE A 126 21.99 26.57 -7.27
CA PHE A 126 20.70 26.93 -7.83
C PHE A 126 20.90 27.86 -9.03
N ASP A 127 19.78 28.33 -9.58
CA ASP A 127 19.75 29.11 -10.81
C ASP A 127 20.53 28.44 -11.96
N PRO A 128 20.14 27.24 -12.37
CA PRO A 128 20.85 26.59 -13.48
C PRO A 128 20.48 27.24 -14.81
N SER A 129 21.42 27.14 -15.76
CA SER A 129 21.23 27.72 -17.08
C SER A 129 22.08 26.97 -18.09
N LEU A 130 21.59 26.88 -19.31
CA LEU A 130 22.25 26.13 -20.39
C LEU A 130 22.52 27.08 -21.55
N PHE A 131 23.79 27.24 -21.90
CA PHE A 131 24.22 28.10 -22.99
C PHE A 131 24.62 27.25 -24.20
N HIS A 132 24.03 27.57 -25.35
CA HIS A 132 24.33 26.86 -26.60
C HIS A 132 25.24 27.76 -27.44
N ASP A 133 26.54 27.48 -27.37
CA ASP A 133 27.50 28.28 -28.13
C ASP A 133 27.40 27.96 -29.62
N ASP A 134 27.90 28.90 -30.44
CA ASP A 134 27.78 28.78 -31.89
C ASP A 134 28.63 27.67 -32.48
N ASP A 135 29.55 27.08 -31.71
CA ASP A 135 30.39 26.01 -32.22
C ASP A 135 29.82 24.63 -31.90
N GLY A 136 28.62 24.55 -31.34
CA GLY A 136 28.01 23.29 -30.98
C GLY A 136 28.24 22.84 -29.56
N ARG A 137 29.22 23.41 -28.87
CA ARG A 137 29.46 23.06 -27.48
C ARG A 137 28.40 23.70 -26.59
N LYS A 138 28.14 23.05 -25.45
CA LYS A 138 27.11 23.47 -24.52
C LYS A 138 27.69 23.60 -23.12
N TYR A 139 27.23 24.59 -22.37
CA TYR A 139 27.81 24.94 -21.08
C TYR A 139 26.70 25.13 -20.05
N TYR A 140 26.88 24.52 -18.88
CA TYR A 140 25.91 24.53 -17.80
C TYR A 140 26.41 25.47 -16.71
N LEU A 141 25.64 26.51 -16.42
CA LEU A 141 25.99 27.49 -15.41
C LEU A 141 25.11 27.33 -14.17
N TYR A 142 25.66 27.68 -13.02
CA TYR A 142 24.89 27.74 -11.78
C TYR A 142 25.70 28.48 -10.73
N ARG A 143 25.02 28.82 -9.64
CA ARG A 143 25.63 29.48 -8.49
C ARG A 143 25.74 28.46 -7.36
N PRO A 144 26.95 28.11 -6.92
CA PRO A 144 27.07 27.11 -5.85
C PRO A 144 26.60 27.67 -4.51
N TRP A 145 25.99 26.79 -3.73
CA TRP A 145 25.58 27.09 -2.36
C TRP A 145 26.31 26.15 -1.40
N GLY A 146 25.97 26.24 -0.13
CA GLY A 146 26.59 25.44 0.90
C GLY A 146 27.17 26.31 1.99
N PRO A 147 27.90 25.70 2.92
CA PRO A 147 28.57 26.49 3.97
C PRO A 147 29.46 27.56 3.36
N ARG A 148 29.29 28.79 3.84
CA ARG A 148 30.05 29.97 3.40
C ARG A 148 29.82 30.33 1.95
N HIS A 149 28.80 29.75 1.30
CA HIS A 149 28.49 30.08 -0.08
C HIS A 149 27.09 30.67 -0.21
N HIS A 150 26.66 31.40 0.81
CA HIS A 150 25.46 32.21 0.74
C HIS A 150 25.84 33.66 1.03
N SER A 151 26.77 34.18 0.24
CA SER A 151 27.30 35.52 0.42
C SER A 151 27.87 35.73 1.82
N ASN A 152 28.39 34.65 2.41
CA ASN A 152 29.00 34.70 3.74
C ASN A 152 30.31 33.91 3.72
N PRO A 153 31.28 34.31 2.88
CA PRO A 153 31.32 35.49 2.00
C PRO A 153 31.03 35.22 0.51
N HIS A 154 31.01 33.96 0.09
CA HIS A 154 31.11 33.62 -1.33
C HIS A 154 29.75 33.61 -2.02
N ASN A 155 29.74 34.10 -3.26
CA ASN A 155 28.61 33.93 -4.18
C ASN A 155 29.18 33.98 -5.59
N THR A 156 29.39 32.80 -6.19
CA THR A 156 30.11 32.67 -7.43
C THR A 156 29.24 32.09 -8.53
N ILE A 157 29.69 32.27 -9.77
CA ILE A 157 29.07 31.68 -10.95
C ILE A 157 30.09 30.72 -11.56
N VAL A 158 29.74 29.44 -11.61
CA VAL A 158 30.64 28.41 -12.12
C VAL A 158 30.04 27.83 -13.40
N MET A 159 30.90 27.16 -14.16
CA MET A 159 30.51 26.64 -15.47
C MET A 159 31.10 25.26 -15.69
N GLN A 160 30.26 24.32 -16.13
CA GLN A 160 30.69 22.99 -16.54
C GLN A 160 30.29 22.75 -17.99
N GLU A 161 31.16 22.11 -18.75
CA GLU A 161 30.81 21.72 -20.11
C GLU A 161 29.85 20.55 -20.09
N PHE A 162 28.87 20.56 -20.99
CA PHE A 162 27.80 19.59 -21.02
C PHE A 162 27.80 18.85 -22.35
N ASP A 163 27.86 17.52 -22.29
CA ASP A 163 27.79 16.67 -23.47
C ASP A 163 26.33 16.29 -23.70
N PRO A 164 25.67 16.81 -24.74
CA PRO A 164 24.25 16.46 -24.93
C PRO A 164 24.03 15.07 -25.47
N GLN A 165 25.03 14.47 -26.13
CA GLN A 165 24.85 13.13 -26.66
C GLN A 165 24.81 12.08 -25.55
N THR A 166 25.51 12.32 -24.45
CA THR A 166 25.52 11.40 -23.31
C THR A 166 24.83 11.97 -22.08
N GLY A 167 24.42 13.24 -22.11
CA GLY A 167 23.83 13.86 -20.96
C GLY A 167 24.79 14.04 -19.81
N THR A 168 26.08 14.17 -20.10
CA THR A 168 27.13 14.18 -19.10
C THR A 168 27.60 15.61 -18.82
N LEU A 169 27.91 15.87 -17.56
CA LEU A 169 28.58 17.10 -17.14
C LEU A 169 30.03 16.80 -16.81
N SER A 170 30.93 17.65 -17.28
CA SER A 170 32.33 17.44 -16.98
C SER A 170 32.63 17.85 -15.55
N PRO A 171 33.48 17.11 -14.84
CA PRO A 171 33.70 17.39 -13.41
C PRO A 171 34.39 18.71 -13.13
N GLU A 172 35.01 19.33 -14.13
CA GLU A 172 35.73 20.58 -13.91
C GLU A 172 34.76 21.75 -13.84
N ARG A 173 35.03 22.67 -12.92
CA ARG A 173 34.25 23.89 -12.79
C ARG A 173 35.18 25.09 -13.00
N LYS A 174 34.70 26.06 -13.78
CA LYS A 174 35.43 27.30 -14.04
C LYS A 174 34.62 28.46 -13.48
N THR A 175 35.18 29.15 -12.49
CA THR A 175 34.53 30.32 -11.93
C THR A 175 34.56 31.46 -12.94
N LEU A 176 33.37 31.95 -13.32
CA LEU A 176 33.29 33.05 -14.27
C LEU A 176 33.20 34.41 -13.60
N PHE A 177 32.69 34.47 -12.38
CA PHE A 177 32.45 35.74 -11.71
C PHE A 177 32.30 35.48 -10.21
N THR A 178 32.79 36.41 -9.39
CA THR A 178 32.67 36.30 -7.95
C THR A 178 31.82 37.39 -7.32
N GLY A 179 31.31 38.32 -8.11
CA GLY A 179 30.33 39.26 -7.61
C GLY A 179 30.92 40.61 -7.25
N THR A 180 30.08 41.64 -7.34
CA THR A 180 30.43 42.99 -6.90
C THR A 180 30.03 43.16 -5.44
N PRO A 181 30.37 44.30 -4.84
CA PRO A 181 29.92 44.56 -3.45
C PRO A 181 28.43 44.34 -3.21
N LEU A 182 27.59 44.47 -4.25
CA LEU A 182 26.17 44.17 -4.07
C LEU A 182 25.95 42.72 -3.66
N CYS A 183 26.78 41.80 -4.17
CA CYS A 183 26.71 40.38 -3.85
C CYS A 183 25.33 39.78 -4.16
N TYR A 184 25.04 38.62 -3.56
CA TYR A 184 23.89 37.80 -3.93
C TYR A 184 23.93 37.41 -5.40
N THR A 185 25.15 37.26 -5.94
CA THR A 185 25.34 36.95 -7.34
C THR A 185 24.67 35.64 -7.70
N GLU A 186 23.76 35.68 -8.68
CA GLU A 186 22.93 34.54 -9.03
C GLU A 186 22.34 34.78 -10.42
N GLY A 187 21.50 33.86 -10.86
CA GLY A 187 20.76 34.00 -12.11
C GLY A 187 21.63 34.25 -13.32
N ALA A 188 22.73 33.52 -13.45
CA ALA A 188 23.66 33.77 -14.54
C ALA A 188 23.12 33.24 -15.87
N HIS A 189 23.26 34.06 -16.91
CA HIS A 189 22.93 33.68 -18.27
C HIS A 189 24.04 34.13 -19.19
N LEU A 190 24.40 33.29 -20.15
CA LEU A 190 25.43 33.59 -21.14
C LEU A 190 24.77 33.91 -22.47
N TYR A 191 25.36 34.86 -23.19
CA TYR A 191 24.91 35.23 -24.52
C TYR A 191 26.14 35.53 -25.38
N ARG A 192 25.99 35.33 -26.69
CA ARG A 192 27.03 35.66 -27.65
C ARG A 192 26.44 36.59 -28.71
N HIS A 193 26.87 37.84 -28.71
CA HIS A 193 26.44 38.83 -29.67
C HIS A 193 27.65 39.66 -30.07
N ALA A 194 27.71 40.05 -31.35
CA ALA A 194 28.93 40.61 -31.92
C ALA A 194 30.10 39.66 -31.63
N GLY A 195 31.28 40.21 -31.33
CA GLY A 195 32.37 39.33 -30.98
C GLY A 195 32.46 38.97 -29.53
N TRP A 196 31.45 39.29 -28.72
CA TRP A 196 31.55 39.21 -27.27
C TRP A 196 30.67 38.09 -26.72
N TYR A 197 31.13 37.51 -25.62
CA TYR A 197 30.29 36.75 -24.71
C TYR A 197 29.81 37.70 -23.63
N TYR A 198 28.50 37.71 -23.38
CA TYR A 198 27.92 38.57 -22.34
C TYR A 198 27.41 37.70 -21.21
N LEU A 199 27.83 38.03 -19.98
CA LEU A 199 27.40 37.32 -18.78
C LEU A 199 26.46 38.24 -18.01
N MET A 200 25.19 37.83 -17.91
CA MET A 200 24.17 38.57 -17.18
C MET A 200 23.86 37.86 -15.89
N VAL A 201 23.93 38.58 -14.76
CA VAL A 201 23.64 38.02 -13.45
C VAL A 201 22.73 38.98 -12.70
N ALA A 202 22.09 38.45 -11.66
CA ALA A 202 21.33 39.25 -10.71
C ALA A 202 22.17 39.47 -9.45
N GLU A 203 22.01 40.64 -8.85
CA GLU A 203 22.75 40.99 -7.65
C GLU A 203 21.84 41.79 -6.72
N GLY A 204 22.28 41.92 -5.46
CA GLY A 204 21.61 42.72 -4.46
C GLY A 204 20.45 42.04 -3.76
N GLY A 205 20.20 40.77 -4.04
CA GLY A 205 19.04 40.09 -3.50
C GLY A 205 17.77 40.51 -4.21
N THR A 206 16.75 39.67 -4.08
CA THR A 206 15.52 39.83 -4.85
C THR A 206 14.51 40.77 -4.18
N SER A 207 14.94 41.55 -3.18
CA SER A 207 14.05 42.57 -2.64
C SER A 207 14.34 43.91 -3.31
N TYR A 208 14.15 45.02 -2.58
CA TYR A 208 14.22 46.35 -3.17
C TYR A 208 15.60 46.71 -3.68
N GLU A 209 16.63 45.93 -3.37
CA GLU A 209 17.97 46.17 -3.85
C GLU A 209 18.29 45.40 -5.14
N HIS A 210 17.30 44.73 -5.71
CA HIS A 210 17.53 43.86 -6.86
C HIS A 210 18.10 44.65 -8.04
N ALA A 211 19.05 44.05 -8.74
CA ALA A 211 19.68 44.69 -9.88
C ALA A 211 20.05 43.65 -10.91
N VAL A 212 20.23 44.11 -12.15
CA VAL A 212 20.72 43.29 -13.25
C VAL A 212 22.11 43.79 -13.59
N VAL A 213 23.11 42.92 -13.46
CA VAL A 213 24.50 43.27 -13.70
C VAL A 213 25.00 42.47 -14.90
N VAL A 214 25.67 43.15 -15.82
CA VAL A 214 26.13 42.55 -17.07
C VAL A 214 27.65 42.67 -17.15
N LEU A 215 28.30 41.61 -17.67
CA LEU A 215 29.72 41.62 -17.97
C LEU A 215 29.93 41.08 -19.38
N ARG A 216 31.17 41.18 -19.86
CA ARG A 216 31.48 40.72 -21.21
C ARG A 216 32.93 40.27 -21.27
N ALA A 217 33.22 39.39 -22.24
CA ALA A 217 34.56 38.85 -22.40
C ALA A 217 34.70 38.33 -23.83
N LYS A 218 35.96 38.18 -24.25
CA LYS A 218 36.25 37.68 -25.60
C LYS A 218 36.19 36.16 -25.67
N THR A 219 36.64 35.48 -24.62
CA THR A 219 36.52 34.04 -24.51
C THR A 219 35.51 33.70 -23.42
N ILE A 220 34.89 32.52 -23.56
CA ILE A 220 33.74 32.21 -22.72
C ILE A 220 34.13 32.03 -21.25
N ASP A 221 35.36 31.57 -20.99
CA ASP A 221 35.78 31.27 -19.62
C ASP A 221 36.38 32.47 -18.91
N GLY A 222 36.32 33.65 -19.51
CA GLY A 222 36.80 34.86 -18.87
C GLY A 222 38.19 35.25 -19.32
N PRO A 223 38.76 36.31 -18.70
CA PRO A 223 38.13 37.09 -17.62
C PRO A 223 37.08 38.09 -18.13
N TYR A 224 36.06 38.33 -17.33
CA TYR A 224 34.95 39.19 -17.72
C TYR A 224 35.14 40.59 -17.15
N GLU A 225 34.72 41.60 -17.90
CA GLU A 225 34.79 42.99 -17.50
C GLU A 225 33.37 43.53 -17.30
N LEU A 226 33.20 44.35 -16.26
CA LEU A 226 31.88 44.82 -15.89
C LEU A 226 31.32 45.82 -16.90
N HIS A 227 30.00 45.81 -17.03
CA HIS A 227 29.30 46.90 -17.69
C HIS A 227 29.77 48.23 -17.11
N PRO A 228 29.99 49.26 -17.95
CA PRO A 228 30.53 50.52 -17.41
C PRO A 228 29.66 51.14 -16.33
N ASP A 229 28.35 50.91 -16.35
CA ASP A 229 27.47 51.34 -15.27
C ASP A 229 27.32 50.27 -14.19
N VAL A 230 28.03 49.15 -14.30
CA VAL A 230 27.92 48.00 -13.40
C VAL A 230 26.54 47.39 -13.49
N THR A 231 25.53 48.09 -12.98
CA THR A 231 24.15 47.61 -13.02
C THR A 231 23.48 48.10 -14.30
N MET A 232 22.88 47.17 -15.04
CA MET A 232 22.15 47.55 -16.23
C MET A 232 20.71 47.95 -15.91
N MET A 233 20.06 47.20 -15.02
CA MET A 233 18.72 47.53 -14.55
C MET A 233 18.70 47.48 -13.04
N THR A 234 17.99 48.45 -12.45
CA THR A 234 17.64 48.45 -11.04
C THR A 234 16.68 49.61 -10.79
N SER A 235 15.83 49.44 -9.78
CA SER A 235 14.94 50.50 -9.33
C SER A 235 15.16 50.87 -7.87
N TRP A 236 16.27 50.40 -7.28
CA TRP A 236 16.52 50.66 -5.86
C TRP A 236 16.57 52.15 -5.55
N HIS A 237 17.18 52.93 -6.44
CA HIS A 237 17.38 54.36 -6.20
C HIS A 237 16.13 55.20 -6.45
N LEU A 238 15.03 54.59 -6.90
CA LEU A 238 13.77 55.27 -7.14
C LEU A 238 12.71 54.63 -6.25
N PRO A 239 12.66 54.98 -4.96
CA PRO A 239 11.75 54.30 -4.04
C PRO A 239 10.28 54.56 -4.31
N GLU A 240 9.94 55.63 -5.03
CA GLU A 240 8.56 55.90 -5.41
C GLU A 240 8.18 55.30 -6.76
N ASN A 241 9.11 54.63 -7.42
CA ASN A 241 8.82 54.03 -8.72
C ASN A 241 7.71 52.98 -8.56
N PRO A 242 6.72 52.95 -9.46
CA PRO A 242 5.67 51.94 -9.34
C PRO A 242 6.18 50.51 -9.32
N LEU A 243 7.14 50.19 -10.18
CA LEU A 243 7.72 48.86 -10.21
C LEU A 243 9.00 48.84 -9.37
N GLN A 244 9.15 47.82 -8.54
CA GLN A 244 10.28 47.68 -7.64
C GLN A 244 10.88 46.29 -7.78
N LYS A 245 12.07 46.13 -7.18
CA LYS A 245 12.76 44.83 -7.11
C LYS A 245 13.04 44.28 -8.52
N SER A 246 13.35 45.18 -9.45
CA SER A 246 13.55 44.80 -10.85
C SER A 246 14.91 44.13 -11.02
N GLY A 247 14.90 42.81 -11.15
CA GLY A 247 16.13 42.06 -11.35
C GLY A 247 15.86 40.70 -11.97
N HIS A 248 16.92 39.89 -12.01
CA HIS A 248 16.89 38.55 -12.61
C HIS A 248 16.46 38.63 -14.08
N GLY A 249 17.32 39.27 -14.87
CA GLY A 249 17.01 39.52 -16.25
C GLY A 249 17.19 38.29 -17.14
N SER A 250 16.55 38.36 -18.32
CA SER A 250 16.66 37.31 -19.33
C SER A 250 16.62 38.00 -20.68
N LEU A 251 17.77 38.11 -21.33
CA LEU A 251 17.91 38.88 -22.56
C LEU A 251 17.61 37.99 -23.77
N LEU A 252 16.89 38.57 -24.74
CA LEU A 252 16.52 37.86 -25.96
C LEU A 252 16.49 38.83 -27.13
N GLN A 253 16.97 38.37 -28.28
CA GLN A 253 16.84 39.10 -29.53
C GLN A 253 15.69 38.49 -30.33
N THR A 254 14.77 39.33 -30.80
CA THR A 254 13.61 38.88 -31.52
C THR A 254 13.96 38.55 -32.97
N HIS A 255 13.02 37.91 -33.66
CA HIS A 255 13.18 37.63 -35.09
C HIS A 255 13.16 38.89 -35.94
N THR A 256 12.89 40.06 -35.33
CA THR A 256 12.88 41.33 -36.03
C THR A 256 14.13 42.14 -35.77
N GLY A 257 15.13 41.56 -35.09
CA GLY A 257 16.37 42.25 -34.82
C GLY A 257 16.37 43.16 -33.62
N GLU A 258 15.30 43.16 -32.83
CA GLU A 258 15.18 44.00 -31.66
C GLU A 258 15.55 43.21 -30.40
N TRP A 259 15.77 43.94 -29.31
CA TRP A 259 16.31 43.35 -28.08
C TRP A 259 15.39 43.65 -26.90
N TYR A 260 15.07 42.60 -26.14
CA TYR A 260 14.17 42.71 -25.01
C TYR A 260 14.69 41.85 -23.85
N MET A 261 14.40 42.30 -22.64
CA MET A 261 14.85 41.61 -21.44
C MET A 261 13.66 41.41 -20.50
N ALA A 262 13.35 40.16 -20.19
CA ALA A 262 12.36 39.86 -19.18
C ALA A 262 13.00 39.90 -17.80
N TYR A 263 12.27 40.41 -16.83
CA TYR A 263 12.79 40.57 -15.48
C TYR A 263 11.64 40.39 -14.49
N LEU A 264 12.00 40.08 -13.24
CA LEU A 264 11.01 40.01 -12.18
C LEU A 264 10.90 41.35 -11.47
N THR A 265 9.70 41.63 -10.96
CA THR A 265 9.43 42.91 -10.30
C THR A 265 8.19 42.76 -9.43
N SER A 266 8.02 43.70 -8.50
CA SER A 266 6.91 43.67 -7.57
C SER A 266 6.27 45.05 -7.47
N ARG A 267 4.97 45.06 -7.17
CA ARG A 267 4.21 46.30 -7.02
C ARG A 267 3.79 46.46 -5.56
N PRO A 268 4.44 47.32 -4.79
CA PRO A 268 4.16 47.39 -3.36
C PRO A 268 2.98 48.28 -3.02
N LEU A 269 2.26 47.87 -1.97
CA LEU A 269 1.28 48.71 -1.30
C LEU A 269 1.91 49.23 -0.01
N ARG A 270 1.76 50.53 0.24
CA ARG A 270 2.37 51.16 1.40
C ARG A 270 1.31 51.47 2.46
N LEU A 271 1.72 51.40 3.72
CA LEU A 271 0.87 51.74 4.84
C LEU A 271 0.91 53.24 5.10
N PRO A 272 -0.22 53.85 5.47
CA PRO A 272 -0.23 55.29 5.74
C PRO A 272 0.60 55.62 6.97
N GLY A 273 1.32 56.75 6.89
CA GLY A 273 2.10 57.25 8.00
C GLY A 273 3.52 56.74 8.09
N VAL A 274 3.87 55.69 7.35
CA VAL A 274 5.20 55.09 7.44
C VAL A 274 6.16 55.83 6.51
N PRO A 275 7.29 56.32 7.00
CA PRO A 275 8.25 57.01 6.12
C PRO A 275 8.74 56.07 5.02
N LEU A 276 8.90 56.63 3.82
CA LEU A 276 9.12 55.82 2.63
C LEU A 276 10.35 54.93 2.76
N LEU A 277 11.43 55.45 3.32
CA LEU A 277 12.69 54.71 3.39
C LEU A 277 12.97 54.14 4.76
N ALA A 278 12.01 54.18 5.68
CA ALA A 278 12.12 53.46 6.93
C ALA A 278 11.86 51.97 6.69
N SER A 279 11.94 51.18 7.76
CA SER A 279 11.66 49.76 7.65
C SER A 279 10.19 49.54 7.31
N GLY A 280 9.94 48.71 6.29
CA GLY A 280 8.60 48.49 5.80
C GLY A 280 8.00 49.66 5.05
N GLY A 281 8.67 50.80 5.01
CA GLY A 281 8.13 51.98 4.35
C GLY A 281 8.09 51.89 2.84
N ARG A 282 8.86 50.98 2.26
CA ARG A 282 8.87 50.86 0.80
C ARG A 282 7.69 50.04 0.28
N GLY A 283 7.02 49.29 1.14
CA GLY A 283 5.73 48.71 0.80
C GLY A 283 5.69 47.20 1.01
N TYR A 284 4.49 46.67 0.86
CA TYR A 284 4.20 45.24 0.94
C TYR A 284 3.54 44.80 -0.36
N CYS A 285 3.89 43.60 -0.83
CA CYS A 285 3.53 43.13 -2.16
C CYS A 285 2.73 41.83 -2.09
N PRO A 286 1.40 41.92 -1.96
CA PRO A 286 0.60 40.68 -1.94
C PRO A 286 0.59 39.94 -3.27
N LEU A 287 0.73 40.65 -4.38
CA LEU A 287 0.84 40.00 -5.68
C LEU A 287 2.22 39.40 -5.92
N GLY A 288 3.12 39.49 -4.95
CA GLY A 288 4.42 38.85 -4.99
C GLY A 288 5.33 39.38 -6.08
N ARG A 289 6.20 38.50 -6.55
CA ARG A 289 7.16 38.84 -7.60
C ARG A 289 6.57 38.46 -8.95
N GLU A 290 6.34 39.46 -9.79
CA GLU A 290 5.73 39.30 -11.10
C GLU A 290 6.78 39.50 -12.18
N THR A 291 6.36 39.43 -13.44
CA THR A 291 7.28 39.46 -14.57
C THR A 291 7.01 40.68 -15.43
N GLY A 292 8.06 41.46 -15.71
CA GLY A 292 7.99 42.57 -16.64
C GLY A 292 8.98 42.38 -17.78
N ILE A 293 8.91 43.31 -18.73
CA ILE A 293 9.75 43.27 -19.92
C ILE A 293 10.17 44.70 -20.27
N ALA A 294 11.41 44.84 -20.75
CA ALA A 294 11.98 46.14 -21.10
C ALA A 294 12.65 46.06 -22.46
N ARG A 295 12.57 47.15 -23.22
CA ARG A 295 13.27 47.22 -24.49
C ARG A 295 14.73 47.61 -24.28
N ILE A 296 15.62 46.98 -25.04
CA ILE A 296 17.05 47.12 -24.85
C ILE A 296 17.65 47.75 -26.10
N GLU A 297 18.53 48.73 -25.90
CA GLU A 297 19.32 49.33 -26.97
C GLU A 297 20.79 49.01 -26.73
N TRP A 298 21.59 49.13 -27.80
CA TRP A 298 23.01 48.81 -27.76
C TRP A 298 23.84 50.05 -28.05
N ARG A 299 24.88 50.27 -27.26
CA ARG A 299 25.78 51.40 -27.44
C ARG A 299 27.20 50.95 -27.14
N ASP A 300 28.08 51.06 -28.14
CA ASP A 300 29.51 50.78 -27.98
C ASP A 300 29.76 49.39 -27.38
N GLY A 301 28.99 48.42 -27.84
CA GLY A 301 29.17 47.05 -27.39
C GLY A 301 28.60 46.74 -26.03
N TRP A 302 27.68 47.57 -25.52
CA TRP A 302 27.06 47.34 -24.23
C TRP A 302 25.56 47.54 -24.33
N PRO A 303 24.77 46.68 -23.69
CA PRO A 303 23.32 46.84 -23.69
C PRO A 303 22.84 47.76 -22.58
N TYR A 304 21.81 48.53 -22.88
CA TYR A 304 21.19 49.44 -21.93
C TYR A 304 19.68 49.31 -22.02
N VAL A 305 19.00 49.58 -20.91
CA VAL A 305 17.54 49.68 -20.92
C VAL A 305 17.16 51.06 -21.42
N GLU A 306 16.27 51.10 -22.41
CA GLU A 306 15.79 52.38 -22.92
C GLU A 306 15.10 53.17 -21.83
N GLY A 307 15.44 54.46 -21.73
CA GLY A 307 14.82 55.35 -20.78
C GLY A 307 15.49 55.42 -19.42
N GLY A 308 16.31 54.43 -19.08
CA GLY A 308 16.98 54.43 -17.78
C GLY A 308 17.08 53.04 -17.18
N LYS A 309 17.74 52.95 -16.02
CA LYS A 309 17.93 51.66 -15.37
C LYS A 309 16.64 51.08 -14.82
N HIS A 310 15.67 51.93 -14.49
CA HIS A 310 14.51 51.51 -13.72
C HIS A 310 13.48 50.82 -14.60
N ALA A 311 12.66 49.98 -13.96
CA ALA A 311 11.57 49.31 -14.63
C ALA A 311 10.42 50.29 -14.84
N GLN A 312 10.00 50.46 -16.09
CA GLN A 312 8.91 51.37 -16.43
C GLN A 312 7.62 50.60 -16.62
N LEU A 313 6.50 51.27 -16.33
CA LEU A 313 5.20 50.64 -16.50
C LEU A 313 4.89 50.40 -17.97
N THR A 314 5.27 51.33 -18.84
CA THR A 314 5.02 51.23 -20.27
C THR A 314 6.34 51.22 -21.02
N VAL A 315 6.47 50.31 -21.98
CA VAL A 315 7.65 50.21 -22.84
C VAL A 315 7.18 50.02 -24.29
N LYS A 316 8.12 50.20 -25.21
CA LYS A 316 7.82 50.12 -26.64
C LYS A 316 7.94 48.68 -27.11
N GLY A 317 6.86 48.18 -27.72
CA GLY A 317 6.82 46.82 -28.20
C GLY A 317 7.51 46.65 -29.53
N PRO A 318 7.68 45.39 -29.93
CA PRO A 318 8.42 45.08 -31.15
C PRO A 318 7.62 45.41 -32.41
N GLN A 319 8.30 45.26 -33.55
CA GLN A 319 7.71 45.57 -34.86
C GLN A 319 6.86 44.40 -35.36
N VAL A 320 5.82 44.08 -34.59
CA VAL A 320 4.86 43.05 -34.95
C VAL A 320 3.46 43.53 -34.58
N ALA A 321 2.46 42.93 -35.20
CA ALA A 321 1.08 43.21 -34.84
C ALA A 321 0.74 42.55 -33.50
N GLU A 322 -0.21 43.16 -32.79
CA GLU A 322 -0.68 42.57 -31.54
C GLU A 322 -1.54 41.36 -31.83
N GLN A 323 -1.20 40.22 -31.22
CA GLN A 323 -1.88 38.96 -31.46
C GLN A 323 -2.24 38.32 -30.12
N PRO A 324 -3.29 38.81 -29.46
CA PRO A 324 -3.70 38.22 -28.19
C PRO A 324 -4.39 36.89 -28.42
N ALA A 325 -4.21 35.98 -27.45
CA ALA A 325 -4.81 34.66 -27.52
C ALA A 325 -5.98 34.50 -26.56
N ALA A 326 -5.84 34.95 -25.32
CA ALA A 326 -6.82 34.72 -24.28
C ALA A 326 -7.61 35.99 -23.96
N VAL A 327 -8.87 35.81 -23.63
CA VAL A 327 -9.70 36.91 -23.14
C VAL A 327 -9.27 37.26 -21.72
N GLN A 328 -9.17 38.55 -21.44
CA GLN A 328 -8.74 39.03 -20.13
C GLN A 328 -9.93 39.38 -19.25
N GLY A 329 -9.66 39.45 -17.95
CA GLY A 329 -10.68 39.87 -17.00
C GLY A 329 -11.15 38.77 -16.06
N SER A 330 -12.46 38.58 -15.99
CA SER A 330 -13.04 37.63 -15.07
C SER A 330 -12.55 36.21 -15.37
N TRP A 331 -12.60 35.37 -14.34
CA TRP A 331 -12.18 33.99 -14.42
C TRP A 331 -13.15 33.16 -13.61
N ARG A 332 -13.48 31.96 -14.10
CA ARG A 332 -14.33 31.06 -13.33
C ARG A 332 -14.16 29.64 -13.84
N ASP A 333 -14.21 28.69 -12.91
CA ASP A 333 -14.25 27.27 -13.21
C ASP A 333 -15.58 26.74 -12.71
N ASP A 334 -16.42 26.25 -13.62
CA ASP A 334 -17.69 25.64 -13.26
C ASP A 334 -17.58 24.15 -13.03
N PHE A 335 -16.37 23.58 -13.17
CA PHE A 335 -16.11 22.19 -12.83
C PHE A 335 -16.99 21.24 -13.63
N ASP A 336 -17.21 21.58 -14.91
CA ASP A 336 -18.06 20.79 -15.79
C ASP A 336 -17.31 19.74 -16.58
N GLY A 337 -16.00 19.85 -16.71
CA GLY A 337 -15.26 18.92 -17.55
C GLY A 337 -14.47 17.85 -16.83
N SER A 338 -13.29 17.56 -17.36
CA SER A 338 -12.47 16.46 -16.86
C SER A 338 -11.29 16.91 -16.01
N THR A 339 -10.79 18.13 -16.26
CA THR A 339 -9.59 18.63 -15.61
C THR A 339 -9.90 19.92 -14.86
N LEU A 340 -9.14 20.17 -13.79
CA LEU A 340 -9.16 21.48 -13.16
C LEU A 340 -8.67 22.53 -14.15
N ASP A 341 -9.19 23.74 -13.99
CA ASP A 341 -8.71 24.85 -14.81
C ASP A 341 -7.21 25.05 -14.58
N PRO A 342 -6.42 25.24 -15.64
CA PRO A 342 -4.96 25.32 -15.48
C PRO A 342 -4.48 26.47 -14.60
N GLU A 343 -5.34 27.44 -14.29
CA GLU A 343 -4.97 28.49 -13.34
C GLU A 343 -4.98 27.99 -11.91
N LEU A 344 -5.47 26.78 -11.67
CA LEU A 344 -5.52 26.21 -10.33
C LEU A 344 -4.33 25.29 -10.11
N GLN A 345 -3.79 25.32 -8.89
CA GLN A 345 -2.65 24.50 -8.53
C GLN A 345 -2.88 23.89 -7.16
N THR A 346 -2.14 22.83 -6.87
CA THR A 346 -2.15 22.17 -5.58
C THR A 346 -0.84 22.45 -4.86
N LEU A 347 -0.82 22.13 -3.57
CA LEU A 347 0.37 22.32 -2.75
C LEU A 347 1.19 21.04 -2.78
N ARG A 348 2.33 21.10 -3.47
CA ARG A 348 3.37 20.07 -3.45
C ARG A 348 3.01 18.81 -4.23
N ILE A 349 1.83 18.25 -3.99
CA ILE A 349 1.48 16.95 -4.57
C ILE A 349 0.47 17.14 -5.69
N PRO A 350 0.39 16.20 -6.65
CA PRO A 350 -0.56 16.37 -7.75
C PRO A 350 -1.99 16.18 -7.30
N PHE A 351 -2.91 16.74 -8.09
CA PHE A 351 -4.33 16.55 -7.85
C PHE A 351 -4.75 15.18 -8.38
N ASP A 352 -5.34 14.37 -7.52
CA ASP A 352 -5.85 13.06 -7.91
C ASP A 352 -6.96 12.67 -6.94
N ASP A 353 -7.43 11.43 -7.04
CA ASP A 353 -8.51 10.92 -6.20
C ASP A 353 -8.20 11.02 -4.71
N THR A 354 -6.95 11.23 -4.33
CA THR A 354 -6.62 11.44 -2.92
C THR A 354 -7.17 12.79 -2.43
N LEU A 355 -6.96 13.84 -3.21
CA LEU A 355 -7.38 15.18 -2.84
C LEU A 355 -8.80 15.51 -3.26
N GLY A 356 -9.23 15.01 -4.41
CA GLY A 356 -10.56 15.33 -4.88
C GLY A 356 -10.89 14.60 -6.16
N SER A 357 -12.05 14.97 -6.73
CA SER A 357 -12.53 14.30 -7.94
C SER A 357 -13.51 15.20 -8.67
N LEU A 358 -13.49 15.12 -9.99
CA LEU A 358 -14.44 15.82 -10.84
C LEU A 358 -15.45 14.87 -11.48
N THR A 359 -15.40 13.58 -11.15
CA THR A 359 -16.34 12.60 -11.68
C THR A 359 -17.25 11.97 -10.64
N ALA A 360 -16.91 12.06 -9.35
CA ALA A 360 -17.80 11.53 -8.32
C ALA A 360 -19.15 12.22 -8.34
N ARG A 361 -19.15 13.54 -8.52
CA ARG A 361 -20.38 14.32 -8.66
C ARG A 361 -20.18 15.29 -9.81
N PRO A 362 -20.58 14.92 -11.02
CA PRO A 362 -20.34 15.79 -12.18
C PRO A 362 -21.00 17.15 -12.01
N GLY A 363 -20.30 18.18 -12.48
CA GLY A 363 -20.73 19.54 -12.27
C GLY A 363 -20.24 20.16 -10.98
N TYR A 364 -19.64 19.37 -10.09
CA TYR A 364 -19.08 19.87 -8.84
C TYR A 364 -17.63 19.41 -8.71
N LEU A 365 -16.85 20.22 -8.00
CA LEU A 365 -15.52 19.80 -7.56
C LEU A 365 -15.65 19.25 -6.15
N ARG A 366 -15.45 17.95 -6.01
CA ARG A 366 -15.49 17.30 -4.70
C ARG A 366 -14.09 17.26 -4.11
N LEU A 367 -13.92 17.78 -2.91
CA LEU A 367 -12.65 17.76 -2.20
C LEU A 367 -12.79 16.87 -0.97
N TYR A 368 -11.84 15.95 -0.80
CA TYR A 368 -11.87 15.03 0.31
C TYR A 368 -11.13 15.60 1.53
N GLY A 369 -11.56 15.18 2.71
CA GLY A 369 -10.98 15.71 3.94
C GLY A 369 -9.62 15.13 4.28
N ASN A 370 -8.58 15.95 4.20
CA ASN A 370 -7.24 15.52 4.55
C ASN A 370 -6.61 16.47 5.56
N ASP A 371 -5.37 16.89 5.33
CA ASP A 371 -4.67 17.72 6.29
C ASP A 371 -5.16 19.16 6.26
N SER A 372 -4.90 19.88 7.34
CA SER A 372 -5.23 21.29 7.43
C SER A 372 -4.21 22.13 6.67
N LEU A 373 -4.45 23.44 6.64
CA LEU A 373 -3.69 24.32 5.76
C LEU A 373 -2.23 24.49 6.20
N ASN A 374 -1.89 24.09 7.43
CA ASN A 374 -0.55 24.27 7.94
C ASN A 374 0.38 23.10 7.61
N SER A 375 -0.08 22.14 6.81
CA SER A 375 0.67 20.92 6.56
C SER A 375 1.44 21.01 5.26
N THR A 376 2.66 20.46 5.26
CA THR A 376 3.48 20.33 4.06
C THR A 376 3.34 18.97 3.40
N PHE A 377 2.26 18.25 3.69
CA PHE A 377 2.14 16.89 3.14
C PHE A 377 0.93 16.75 2.22
N THR A 378 -0.23 16.43 2.78
CA THR A 378 -1.41 16.10 1.98
C THR A 378 -2.57 17.04 2.31
N GLN A 379 -2.60 18.18 1.63
CA GLN A 379 -3.72 19.12 1.70
C GLN A 379 -4.60 18.98 0.47
N SER A 380 -5.91 18.85 0.67
CA SER A 380 -6.85 18.99 -0.43
C SER A 380 -7.19 20.47 -0.61
N THR A 381 -6.21 21.19 -1.16
CA THR A 381 -6.32 22.62 -1.40
C THR A 381 -6.09 22.89 -2.88
N VAL A 382 -7.00 23.63 -3.50
CA VAL A 382 -6.94 23.96 -4.91
C VAL A 382 -7.05 25.49 -5.00
N ALA A 383 -5.97 26.14 -5.40
CA ALA A 383 -5.88 27.59 -5.28
C ALA A 383 -5.37 28.22 -6.58
N ARG A 384 -5.60 29.52 -6.71
CA ARG A 384 -5.17 30.30 -7.85
C ARG A 384 -4.58 31.61 -7.36
N ARG A 385 -3.87 32.30 -8.25
CA ARG A 385 -3.08 33.47 -7.88
C ARG A 385 -3.95 34.70 -7.66
N TRP A 386 -3.55 35.51 -6.67
CA TRP A 386 -3.95 36.91 -6.66
C TRP A 386 -3.26 37.61 -7.82
N GLN A 387 -4.05 38.19 -8.73
CA GLN A 387 -3.48 38.92 -9.85
C GLN A 387 -3.86 40.40 -9.87
N HIS A 388 -4.65 40.85 -8.90
CA HIS A 388 -5.06 42.25 -8.81
C HIS A 388 -5.12 42.64 -7.34
N PHE A 389 -5.10 43.94 -7.09
CA PHE A 389 -5.22 44.45 -5.73
C PHE A 389 -6.68 44.53 -5.27
N ILE A 390 -7.62 44.63 -6.20
CA ILE A 390 -9.05 44.71 -5.89
C ILE A 390 -9.77 43.65 -6.70
N PHE A 391 -10.38 42.68 -6.03
CA PHE A 391 -11.12 41.63 -6.70
C PHE A 391 -12.04 40.93 -5.71
N ARG A 392 -12.88 40.04 -6.24
CA ARG A 392 -13.76 39.21 -5.44
C ARG A 392 -13.65 37.76 -5.91
N ALA A 393 -13.54 36.84 -4.96
CA ALA A 393 -13.56 35.41 -5.22
C ALA A 393 -14.76 34.80 -4.51
N GLU A 394 -15.44 33.87 -5.19
CA GLU A 394 -16.72 33.37 -4.68
C GLU A 394 -16.87 31.91 -5.05
N THR A 395 -17.57 31.17 -4.19
CA THR A 395 -17.88 29.77 -4.42
C THR A 395 -19.22 29.44 -3.78
N ARG A 396 -19.84 28.37 -4.26
CA ARG A 396 -21.02 27.78 -3.64
C ARG A 396 -20.65 26.37 -3.18
N MET A 397 -20.83 26.09 -1.90
CA MET A 397 -20.35 24.88 -1.28
C MET A 397 -21.51 24.10 -0.66
N GLN A 398 -21.45 22.78 -0.76
CA GLN A 398 -22.33 21.87 -0.03
C GLN A 398 -21.47 20.98 0.84
N PHE A 399 -21.72 20.99 2.15
CA PHE A 399 -20.87 20.29 3.10
C PHE A 399 -21.67 19.88 4.32
N SER A 400 -21.43 18.67 4.81
CA SER A 400 -22.14 18.13 5.97
C SER A 400 -21.16 17.47 6.91
N PRO A 401 -20.44 18.27 7.71
CA PRO A 401 -19.51 17.70 8.69
C PRO A 401 -20.24 17.20 9.93
N VAL A 402 -19.61 16.24 10.61
CA VAL A 402 -20.23 15.58 11.75
C VAL A 402 -19.53 15.85 13.07
N HIS A 403 -18.30 16.38 13.06
CA HIS A 403 -17.66 16.79 14.31
C HIS A 403 -16.74 17.97 14.02
N PHE A 404 -16.02 18.41 15.06
CA PHE A 404 -15.29 19.67 15.00
C PHE A 404 -14.04 19.59 14.13
N GLN A 405 -13.56 18.39 13.79
CA GLN A 405 -12.34 18.26 13.03
C GLN A 405 -12.57 18.20 11.53
N GLN A 406 -13.82 18.21 11.08
CA GLN A 406 -14.16 18.30 9.67
C GLN A 406 -14.56 19.74 9.33
N SER A 407 -13.92 20.31 8.32
CA SER A 407 -14.25 21.67 7.91
C SER A 407 -13.90 21.84 6.44
N ALA A 408 -14.49 22.88 5.84
CA ALA A 408 -14.31 23.14 4.42
C ALA A 408 -14.74 24.57 4.12
N GLY A 409 -14.05 25.19 3.18
CA GLY A 409 -14.41 26.54 2.77
C GLY A 409 -13.41 27.24 1.88
N LEU A 410 -13.25 28.54 2.10
CA LEU A 410 -12.45 29.42 1.27
C LEU A 410 -11.23 29.90 2.05
N THR A 411 -10.12 30.07 1.36
CA THR A 411 -8.87 30.48 2.01
C THR A 411 -8.07 31.44 1.15
N CYS A 412 -7.42 32.39 1.80
CA CYS A 412 -6.39 33.23 1.21
C CYS A 412 -5.06 32.79 1.82
N TYR A 413 -4.15 32.33 0.98
CA TYR A 413 -3.01 31.52 1.43
C TYR A 413 -1.71 32.08 0.87
N TYR A 414 -0.69 32.19 1.73
CA TYR A 414 0.67 32.51 1.29
C TYR A 414 1.62 31.34 1.50
N ASN A 415 1.76 30.89 2.74
CA ASN A 415 2.47 29.64 3.03
C ASN A 415 1.76 28.97 4.21
N SER A 416 2.39 27.95 4.78
CA SER A 416 1.73 27.16 5.81
C SER A 416 1.60 27.88 7.15
N LYS A 417 2.29 28.99 7.34
CA LYS A 417 2.23 29.74 8.59
C LYS A 417 1.58 31.11 8.43
N ASN A 418 1.05 31.41 7.25
CA ASN A 418 0.45 32.73 6.99
C ASN A 418 -0.72 32.51 6.03
N TRP A 419 -1.92 32.47 6.58
CA TRP A 419 -3.13 32.34 5.76
C TRP A 419 -4.33 32.69 6.63
N SER A 420 -5.49 32.79 5.98
CA SER A 420 -6.76 32.92 6.66
C SER A 420 -7.77 32.02 5.95
N TYR A 421 -8.81 31.62 6.68
CA TYR A 421 -9.62 30.47 6.28
C TYR A 421 -10.98 30.60 6.92
N CYS A 422 -12.01 30.82 6.10
CA CYS A 422 -13.40 30.93 6.55
C CYS A 422 -14.15 29.69 6.08
N PHE A 423 -14.66 28.91 7.03
CA PHE A 423 -15.09 27.54 6.73
C PHE A 423 -16.40 27.22 7.45
N VAL A 424 -16.99 26.09 7.04
CA VAL A 424 -18.12 25.49 7.73
C VAL A 424 -17.63 24.23 8.44
N ASP A 425 -17.97 24.09 9.72
CA ASP A 425 -17.66 22.89 10.49
C ASP A 425 -18.91 22.44 11.24
N TYR A 426 -18.76 21.42 12.06
CA TYR A 426 -19.81 20.97 12.97
C TYR A 426 -19.40 21.25 14.41
N GLU A 427 -20.32 21.82 15.18
CA GLU A 427 -20.12 22.04 16.60
C GLU A 427 -21.08 21.16 17.38
N GLU A 428 -20.57 20.54 18.45
CA GLU A 428 -21.31 19.47 19.12
C GLU A 428 -22.65 19.94 19.67
N GLY A 429 -22.76 21.20 20.05
CA GLY A 429 -23.98 21.70 20.65
C GLY A 429 -24.98 22.27 19.66
N GLN A 430 -24.48 23.08 18.72
CA GLN A 430 -25.33 23.81 17.78
C GLN A 430 -25.58 23.02 16.50
N GLY A 431 -24.50 22.57 15.85
CA GLY A 431 -24.60 21.95 14.55
C GLY A 431 -23.58 22.53 13.60
N ARG A 432 -24.00 22.86 12.38
CA ARG A 432 -23.08 23.47 11.41
C ARG A 432 -22.91 24.95 11.72
N THR A 433 -21.65 25.40 11.73
CA THR A 433 -21.34 26.80 11.99
C THR A 433 -20.26 27.26 11.03
N ILE A 434 -20.18 28.58 10.86
CA ILE A 434 -19.11 29.21 10.10
C ILE A 434 -18.11 29.80 11.08
N LYS A 435 -16.83 29.50 10.88
CA LYS A 435 -15.75 30.04 11.70
C LYS A 435 -14.66 30.58 10.78
N VAL A 436 -13.70 31.27 11.39
CA VAL A 436 -12.53 31.80 10.69
C VAL A 436 -11.29 31.48 11.50
N ILE A 437 -10.22 31.11 10.81
CA ILE A 437 -8.92 30.89 11.41
C ILE A 437 -7.89 31.66 10.61
N GLN A 438 -7.02 32.40 11.29
CA GLN A 438 -5.92 33.09 10.65
C GLN A 438 -4.61 32.73 11.33
N LEU A 439 -3.59 32.46 10.51
CA LEU A 439 -2.22 32.31 10.98
C LEU A 439 -1.45 33.57 10.57
N ASP A 440 -0.83 34.22 11.56
CA ASP A 440 -0.09 35.47 11.35
C ASP A 440 1.25 35.29 12.04
N HIS A 441 2.31 35.13 11.25
CA HIS A 441 3.63 34.76 11.77
C HIS A 441 3.52 33.48 12.60
N ASN A 442 2.73 32.53 12.09
CA ASN A 442 2.45 31.25 12.74
C ASN A 442 1.72 31.42 14.07
N VAL A 443 1.09 32.56 14.31
CA VAL A 443 0.33 32.81 15.53
C VAL A 443 -1.16 32.72 15.19
N PRO A 444 -1.94 31.94 15.93
CA PRO A 444 -3.33 31.69 15.52
C PRO A 444 -4.28 32.79 15.97
N SER A 445 -5.35 32.95 15.19
CA SER A 445 -6.40 33.93 15.46
C SER A 445 -7.73 33.30 15.05
N TRP A 446 -8.56 32.98 16.03
CA TRP A 446 -9.85 32.32 15.80
C TRP A 446 -10.92 32.99 16.66
N PRO A 447 -11.34 34.21 16.27
CA PRO A 447 -12.21 35.00 17.14
C PRO A 447 -13.67 34.58 17.15
N LEU A 448 -14.07 33.64 16.30
CA LEU A 448 -15.47 33.22 16.20
C LEU A 448 -15.73 31.88 16.85
N HIS A 449 -14.72 31.23 17.43
CA HIS A 449 -14.91 29.86 17.91
C HIS A 449 -15.81 29.83 19.15
N GLU A 450 -15.73 30.85 20.01
CA GLU A 450 -16.56 30.86 21.21
C GLU A 450 -18.02 31.14 20.88
N GLN A 451 -18.28 31.94 19.85
CA GLN A 451 -19.65 32.27 19.43
C GLN A 451 -19.71 32.24 17.91
N PRO A 452 -19.89 31.05 17.33
CA PRO A 452 -19.86 30.93 15.87
C PRO A 452 -21.20 31.27 15.24
N ILE A 453 -21.15 31.54 13.94
CA ILE A 453 -22.33 31.90 13.15
C ILE A 453 -23.08 30.63 12.77
N PRO A 454 -24.34 30.48 13.17
CA PRO A 454 -25.05 29.22 12.91
C PRO A 454 -25.41 29.07 11.43
N VAL A 455 -25.27 27.85 10.94
CA VAL A 455 -25.69 27.49 9.58
C VAL A 455 -27.04 26.80 9.68
N PRO A 456 -28.08 27.29 9.01
CA PRO A 456 -29.39 26.66 9.14
C PRO A 456 -29.38 25.22 8.65
N GLU A 457 -30.14 24.37 9.34
CA GLU A 457 -30.13 22.94 9.05
C GLU A 457 -30.64 22.66 7.63
N GLN A 458 -31.64 23.41 7.19
CA GLN A 458 -32.24 23.17 5.88
C GLN A 458 -31.42 23.75 4.73
N ALA A 459 -30.37 24.53 5.01
CA ALA A 459 -29.57 25.16 3.97
C ALA A 459 -28.84 24.11 3.14
N GLU A 460 -29.24 23.97 1.86
CA GLU A 460 -28.58 23.00 1.00
C GLU A 460 -27.18 23.48 0.60
N SER A 461 -26.98 24.78 0.48
CA SER A 461 -25.71 25.34 0.08
C SER A 461 -25.30 26.46 1.04
N VAL A 462 -24.00 26.70 1.10
CA VAL A 462 -23.44 27.84 1.82
C VAL A 462 -22.50 28.56 0.86
N TRP A 463 -22.91 29.73 0.40
CA TRP A 463 -22.07 30.56 -0.46
C TRP A 463 -20.98 31.23 0.36
N LEU A 464 -19.76 31.23 -0.17
CA LEU A 464 -18.64 31.88 0.48
C LEU A 464 -17.97 32.85 -0.50
N ARG A 465 -17.45 33.93 0.04
CA ARG A 465 -16.94 35.01 -0.78
C ARG A 465 -15.89 35.79 0.00
N VAL A 466 -14.82 36.19 -0.69
CA VAL A 466 -13.81 37.09 -0.14
C VAL A 466 -13.69 38.29 -1.07
N ASP A 467 -13.69 39.48 -0.48
CA ASP A 467 -13.56 40.73 -1.23
C ASP A 467 -12.24 41.38 -0.85
N VAL A 468 -11.31 41.46 -1.79
CA VAL A 468 -9.98 42.02 -1.56
C VAL A 468 -9.97 43.46 -2.07
N ASP A 469 -9.47 44.38 -1.25
CA ASP A 469 -9.44 45.80 -1.58
C ASP A 469 -8.16 46.39 -1.02
N ARG A 470 -7.10 46.37 -1.83
CA ARG A 470 -5.80 46.92 -1.47
C ARG A 470 -5.27 46.31 -0.17
N LEU A 471 -5.29 47.10 0.91
CA LEU A 471 -4.65 46.69 2.15
C LEU A 471 -5.47 45.69 2.95
N VAL A 472 -6.79 45.61 2.73
CA VAL A 472 -7.67 44.80 3.54
C VAL A 472 -8.46 43.83 2.65
N TYR A 473 -9.06 42.85 3.30
CA TYR A 473 -10.00 41.93 2.65
C TYR A 473 -10.88 41.31 3.72
N ARG A 474 -12.12 41.00 3.34
CA ARG A 474 -13.11 40.46 4.28
C ARG A 474 -13.85 39.30 3.63
N TYR A 475 -14.31 38.38 4.48
CA TYR A 475 -15.11 37.24 4.05
C TYR A 475 -16.59 37.54 4.22
N SER A 476 -17.40 36.98 3.33
CA SER A 476 -18.85 37.10 3.40
C SER A 476 -19.48 35.78 3.01
N TYR A 477 -20.68 35.52 3.55
CA TYR A 477 -21.37 34.26 3.36
C TYR A 477 -22.83 34.50 3.02
N SER A 478 -23.49 33.46 2.53
CA SER A 478 -24.90 33.52 2.19
C SER A 478 -25.48 32.11 2.17
N PHE A 479 -26.76 32.02 2.52
CA PHE A 479 -27.48 30.74 2.49
C PHE A 479 -28.49 30.67 1.36
N ASP A 480 -28.58 31.71 0.52
CA ASP A 480 -29.48 31.68 -0.63
C ASP A 480 -28.87 32.24 -1.91
N GLY A 481 -27.68 32.83 -1.87
CA GLY A 481 -27.04 33.38 -3.04
C GLY A 481 -27.38 34.82 -3.35
N GLU A 482 -28.50 35.33 -2.84
CA GLU A 482 -28.91 36.71 -3.08
C GLU A 482 -28.61 37.62 -1.90
N THR A 483 -28.97 37.21 -0.68
CA THR A 483 -28.74 38.00 0.52
C THR A 483 -27.43 37.52 1.17
N TRP A 484 -26.48 38.43 1.31
CA TRP A 484 -25.16 38.12 1.84
C TRP A 484 -24.96 38.79 3.20
N HIS A 485 -24.08 38.18 4.01
CA HIS A 485 -23.72 38.70 5.32
C HIS A 485 -22.21 38.69 5.45
N ALA A 486 -21.66 39.78 5.95
CA ALA A 486 -20.22 39.88 6.14
C ALA A 486 -19.80 39.20 7.44
N VAL A 487 -18.69 38.48 7.39
CA VAL A 487 -18.05 37.95 8.58
C VAL A 487 -17.32 39.10 9.25
N PRO A 488 -17.70 39.48 10.47
CA PRO A 488 -17.20 40.75 11.03
C PRO A 488 -15.74 40.70 11.45
N VAL A 489 -14.86 40.35 10.51
CA VAL A 489 -13.42 40.32 10.77
C VAL A 489 -12.72 40.88 9.54
N THR A 490 -11.92 41.92 9.72
CA THR A 490 -11.12 42.51 8.65
C THR A 490 -9.72 41.93 8.69
N TYR A 491 -9.21 41.53 7.53
CA TYR A 491 -7.91 40.90 7.41
C TYR A 491 -6.95 41.78 6.63
N GLU A 492 -5.67 41.67 6.97
CA GLU A 492 -4.63 42.52 6.39
C GLU A 492 -4.03 41.81 5.19
N ALA A 493 -4.35 42.30 3.98
CA ALA A 493 -3.82 41.70 2.77
C ALA A 493 -2.31 41.89 2.66
N TRP A 494 -1.78 42.99 3.22
CA TRP A 494 -0.35 43.24 3.16
C TRP A 494 0.44 42.23 3.99
N LYS A 495 -0.21 41.53 4.91
CA LYS A 495 0.47 40.50 5.68
C LYS A 495 0.68 39.22 4.87
N LEU A 496 -0.03 39.07 3.75
CA LEU A 496 0.20 37.94 2.84
C LEU A 496 1.25 38.35 1.81
N SER A 497 2.46 38.58 2.33
CA SER A 497 3.58 39.01 1.50
C SER A 497 4.88 38.74 2.25
N ASP A 498 5.93 38.46 1.47
CA ASP A 498 7.25 38.24 2.07
C ASP A 498 7.79 39.50 2.74
N ASP A 499 7.36 40.68 2.28
CA ASP A 499 7.75 41.92 2.92
C ASP A 499 7.37 41.92 4.40
N TYR A 500 6.26 41.29 4.75
CA TYR A 500 5.83 41.19 6.14
C TYR A 500 6.35 39.95 6.84
N ILE A 501 6.30 38.80 6.15
CA ILE A 501 6.66 37.53 6.79
C ILE A 501 8.16 37.46 7.04
N GLY A 502 8.95 37.80 6.04
CA GLY A 502 10.40 37.74 6.24
C GLY A 502 10.89 36.31 6.15
N GLY A 503 11.88 36.00 6.99
CA GLY A 503 12.47 34.68 6.99
C GLY A 503 13.39 34.47 5.80
N ARG A 504 13.85 33.22 5.67
CA ARG A 504 14.77 32.88 4.59
C ARG A 504 14.07 32.57 3.29
N GLY A 505 12.77 32.28 3.32
CA GLY A 505 12.03 32.04 2.09
C GLY A 505 11.98 33.28 1.22
N PHE A 506 11.74 33.05 -0.07
CA PHE A 506 11.67 34.14 -1.03
C PHE A 506 10.22 34.42 -1.40
N ALA A 507 9.99 35.65 -1.87
CA ALA A 507 8.63 36.10 -2.17
C ALA A 507 8.02 35.26 -3.29
N THR A 508 6.86 34.67 -3.00
CA THR A 508 6.10 34.00 -4.04
C THR A 508 4.87 34.83 -4.40
N GLY A 509 3.80 34.70 -3.64
CA GLY A 509 2.60 35.46 -3.90
C GLY A 509 1.41 34.88 -3.18
N ALA A 510 0.39 35.72 -3.03
CA ALA A 510 -0.83 35.30 -2.34
C ALA A 510 -1.73 34.51 -3.27
N PHE A 511 -2.37 33.48 -2.73
CA PHE A 511 -3.32 32.65 -3.45
C PHE A 511 -4.68 32.74 -2.79
N VAL A 512 -5.72 32.42 -3.56
CA VAL A 512 -7.07 32.21 -3.05
C VAL A 512 -7.54 30.86 -3.54
N GLY A 513 -8.16 30.08 -2.66
CA GLY A 513 -8.48 28.72 -3.06
C GLY A 513 -9.58 28.09 -2.24
N LEU A 514 -9.93 26.87 -2.64
CA LEU A 514 -10.93 26.05 -1.97
C LEU A 514 -10.23 24.95 -1.19
N HIS A 515 -10.71 24.69 0.02
CA HIS A 515 -10.06 23.75 0.92
C HIS A 515 -11.11 22.96 1.67
N CYS A 516 -10.79 21.69 1.94
CA CYS A 516 -11.60 20.84 2.81
C CYS A 516 -10.65 19.91 3.54
N GLU A 517 -10.85 19.77 4.85
CA GLU A 517 -9.93 18.99 5.68
C GLU A 517 -10.73 18.11 6.63
N ASP A 518 -10.07 17.03 7.08
CA ASP A 518 -10.62 16.18 8.15
C ASP A 518 -9.42 15.70 8.98
N ILE A 519 -9.09 16.48 10.01
CA ILE A 519 -7.99 16.10 10.90
C ILE A 519 -8.27 14.75 11.55
N SER A 520 -9.54 14.38 11.69
CA SER A 520 -9.89 13.10 12.31
C SER A 520 -9.45 11.93 11.46
N GLY A 521 -9.37 12.12 10.15
CA GLY A 521 -9.12 11.03 9.23
C GLY A 521 -10.30 10.11 9.00
N ASP A 522 -11.46 10.43 9.59
CA ASP A 522 -12.65 9.59 9.40
C ASP A 522 -13.05 9.55 7.93
N GLY A 523 -12.95 10.68 7.24
CA GLY A 523 -13.38 10.75 5.86
C GLY A 523 -14.58 11.65 5.69
N CYS A 524 -14.51 12.57 4.72
CA CYS A 524 -15.60 13.49 4.41
C CYS A 524 -15.30 14.09 3.04
N HIS A 525 -16.25 14.87 2.53
CA HIS A 525 -16.05 15.54 1.26
C HIS A 525 -16.93 16.78 1.19
N ALA A 526 -16.42 17.80 0.52
CA ALA A 526 -17.14 19.04 0.29
C ALA A 526 -17.27 19.27 -1.21
N ASP A 527 -18.48 19.54 -1.67
CA ASP A 527 -18.76 19.74 -3.09
C ASP A 527 -18.82 21.23 -3.39
N PHE A 528 -18.06 21.66 -4.39
CA PHE A 528 -18.00 23.06 -4.80
C PHE A 528 -18.57 23.18 -6.21
N ASP A 529 -19.66 23.94 -6.33
CA ASP A 529 -20.28 24.10 -7.64
C ASP A 529 -19.37 24.88 -8.59
N TYR A 530 -18.81 26.00 -8.12
CA TYR A 530 -17.99 26.83 -8.97
C TYR A 530 -16.97 27.58 -8.14
N PHE A 531 -16.02 28.20 -8.84
CA PHE A 531 -15.02 29.07 -8.24
C PHE A 531 -14.83 30.25 -9.17
N THR A 532 -14.99 31.47 -8.66
CA THR A 532 -14.92 32.66 -9.47
C THR A 532 -13.83 33.59 -8.96
N TYR A 533 -13.23 34.33 -9.89
CA TYR A 533 -12.25 35.37 -9.59
C TYR A 533 -12.56 36.56 -10.48
N GLU A 534 -13.09 37.62 -9.89
CA GLU A 534 -13.54 38.78 -10.66
C GLU A 534 -12.77 40.03 -10.28
N PRO A 535 -11.87 40.52 -11.12
CA PRO A 535 -11.20 41.79 -10.84
C PRO A 535 -12.21 42.93 -10.83
N ALA A 536 -11.83 44.02 -10.17
CA ALA A 536 -12.70 45.19 -10.07
C ALA A 536 -12.94 45.81 -11.43
N MET B 1 -1.23 -17.64 4.56
CA MET B 1 -1.11 -16.96 3.27
C MET B 1 -1.11 -17.96 2.11
N GLU B 2 -1.85 -17.63 1.06
CA GLU B 2 -2.01 -18.50 -0.10
C GLU B 2 -1.56 -17.77 -1.35
N ILE B 3 -0.54 -18.31 -2.02
CA ILE B 3 -0.10 -17.81 -3.32
C ILE B 3 -0.85 -18.57 -4.40
N THR B 4 -1.27 -17.86 -5.44
CA THR B 4 -1.95 -18.46 -6.57
C THR B 4 -1.07 -18.39 -7.81
N ASN B 5 -0.86 -19.53 -8.46
CA ASN B 5 -0.03 -19.61 -9.64
C ASN B 5 -0.87 -19.48 -10.90
N PRO B 6 -0.29 -18.94 -12.00
CA PRO B 6 1.07 -18.40 -12.10
C PRO B 6 1.22 -17.02 -11.45
N ILE B 7 2.38 -16.76 -10.86
CA ILE B 7 2.61 -15.45 -10.23
C ILE B 7 2.91 -14.40 -11.29
N LEU B 8 3.50 -14.79 -12.41
CA LEU B 8 3.70 -13.92 -13.56
C LEU B 8 2.94 -14.52 -14.74
N THR B 9 2.02 -13.75 -15.30
CA THR B 9 1.12 -14.26 -16.33
C THR B 9 1.54 -13.77 -17.71
N GLY B 10 1.25 -14.58 -18.73
CA GLY B 10 1.67 -14.29 -20.08
C GLY B 10 3.11 -14.73 -20.32
N PHE B 11 3.66 -14.24 -21.43
CA PHE B 11 5.03 -14.53 -21.82
C PHE B 11 6.02 -14.18 -20.71
N ASN B 12 6.39 -15.17 -19.89
CA ASN B 12 7.29 -14.94 -18.76
C ASN B 12 7.98 -16.25 -18.37
N PRO B 13 8.87 -16.74 -19.23
CA PRO B 13 9.55 -18.01 -18.93
C PRO B 13 10.91 -17.77 -18.29
N ASP B 14 11.50 -18.86 -17.82
CA ASP B 14 12.84 -18.93 -17.25
C ASP B 14 13.01 -18.02 -16.04
N PRO B 15 12.21 -18.16 -14.99
CA PRO B 15 12.30 -17.23 -13.86
C PRO B 15 13.58 -17.46 -13.06
N SER B 16 14.42 -16.42 -12.99
CA SER B 16 15.62 -16.44 -12.17
C SER B 16 15.33 -15.69 -10.88
N LEU B 17 15.27 -16.43 -9.77
CA LEU B 17 14.81 -15.90 -8.49
C LEU B 17 16.01 -15.54 -7.63
N CYS B 18 16.10 -14.27 -7.24
CA CYS B 18 17.17 -13.76 -6.38
C CYS B 18 16.55 -12.92 -5.27
N ARG B 19 17.39 -12.50 -4.33
CA ARG B 19 16.91 -11.66 -3.25
C ARG B 19 18.05 -10.76 -2.75
N GLN B 20 17.70 -9.52 -2.41
CA GLN B 20 18.59 -8.58 -1.75
C GLN B 20 17.95 -8.26 -0.40
N GLY B 21 18.39 -8.96 0.64
CA GLY B 21 17.81 -8.78 1.95
C GLY B 21 16.36 -9.22 2.02
N GLU B 22 15.45 -8.25 2.14
CA GLU B 22 14.02 -8.53 2.22
C GLU B 22 13.29 -8.22 0.92
N ASP B 23 14.02 -7.95 -0.16
CA ASP B 23 13.42 -7.63 -1.45
C ASP B 23 13.75 -8.74 -2.45
N TYR B 24 12.72 -9.32 -3.04
CA TYR B 24 12.86 -10.46 -3.93
C TYR B 24 12.62 -10.04 -5.37
N TYR B 25 13.40 -10.60 -6.29
CA TYR B 25 13.35 -10.26 -7.69
C TYR B 25 13.35 -11.52 -8.55
N ILE B 26 12.65 -11.44 -9.68
CA ILE B 26 12.61 -12.52 -10.66
C ILE B 26 12.85 -11.94 -12.04
N ALA B 27 13.84 -12.47 -12.76
CA ALA B 27 14.12 -12.08 -14.12
C ALA B 27 13.61 -13.16 -15.08
N THR B 28 12.94 -12.75 -16.14
CA THR B 28 12.39 -13.70 -17.11
C THR B 28 12.93 -13.40 -18.50
N SER B 29 12.94 -14.43 -19.34
CA SER B 29 13.40 -14.26 -20.71
C SER B 29 12.40 -13.45 -21.54
N THR B 30 12.93 -12.82 -22.59
CA THR B 30 12.13 -12.01 -23.48
C THR B 30 12.33 -12.32 -24.96
N PHE B 31 13.33 -13.13 -25.32
CA PHE B 31 13.54 -13.60 -26.70
C PHE B 31 13.75 -12.40 -27.63
N GLU B 32 12.98 -12.23 -28.68
CA GLU B 32 13.25 -11.18 -29.66
C GLU B 32 12.57 -9.86 -29.34
N TRP B 33 11.85 -9.77 -28.22
CA TRP B 33 11.16 -8.53 -27.86
C TRP B 33 12.13 -7.60 -27.12
N PHE B 34 12.12 -6.32 -27.50
CA PHE B 34 12.99 -5.30 -26.94
C PHE B 34 12.21 -4.32 -26.08
N PRO B 35 12.75 -3.90 -24.92
CA PRO B 35 14.05 -4.28 -24.36
C PRO B 35 14.09 -5.70 -23.80
N GLY B 36 15.29 -6.20 -23.54
CA GLY B 36 15.46 -7.57 -23.08
C GLY B 36 15.45 -7.70 -21.56
N VAL B 37 14.97 -8.86 -21.11
CA VAL B 37 14.88 -9.22 -19.70
C VAL B 37 13.83 -8.38 -18.98
N ARG B 38 12.94 -9.03 -18.25
CA ARG B 38 11.95 -8.35 -17.42
C ARG B 38 12.17 -8.77 -15.98
N ILE B 39 12.38 -7.79 -15.11
CA ILE B 39 12.69 -8.03 -13.70
C ILE B 39 11.52 -7.54 -12.86
N TYR B 40 10.88 -8.47 -12.14
CA TYR B 40 9.77 -8.18 -11.27
C TYR B 40 10.22 -8.21 -9.81
N HIS B 41 9.54 -7.45 -8.96
CA HIS B 41 9.89 -7.33 -7.56
C HIS B 41 8.71 -7.75 -6.68
N SER B 42 9.03 -8.25 -5.49
CA SER B 42 8.03 -8.63 -4.50
C SER B 42 8.68 -8.70 -3.14
N ARG B 43 7.88 -8.44 -2.11
CA ARG B 43 8.31 -8.59 -0.73
C ARG B 43 7.60 -9.73 -0.03
N ASP B 44 6.63 -10.37 -0.68
CA ASP B 44 5.92 -11.50 -0.10
C ASP B 44 5.87 -12.72 -0.99
N LEU B 45 6.52 -12.70 -2.17
CA LEU B 45 6.52 -13.78 -3.16
C LEU B 45 5.14 -14.06 -3.73
N LYS B 46 4.14 -13.26 -3.39
CA LYS B 46 2.78 -13.40 -3.92
C LYS B 46 2.45 -12.34 -4.97
N ASN B 47 2.61 -11.07 -4.62
CA ASN B 47 2.30 -9.95 -5.51
C ASN B 47 3.60 -9.44 -6.14
N TRP B 48 3.66 -9.43 -7.46
CA TRP B 48 4.86 -9.04 -8.18
C TRP B 48 4.58 -7.86 -9.10
N THR B 49 5.57 -6.97 -9.20
CA THR B 49 5.47 -5.77 -10.01
C THR B 49 6.73 -5.61 -10.84
N LEU B 50 6.55 -5.27 -12.12
CA LEU B 50 7.69 -5.01 -12.98
C LEU B 50 8.44 -3.78 -12.50
N VAL B 51 9.76 -3.89 -12.38
CA VAL B 51 10.56 -2.77 -11.90
C VAL B 51 11.73 -2.44 -12.81
N SER B 52 12.18 -3.33 -13.69
CA SER B 52 13.36 -3.02 -14.49
C SER B 52 13.33 -3.80 -15.79
N THR B 53 13.66 -3.11 -16.88
CA THR B 53 13.89 -3.71 -18.19
C THR B 53 15.31 -3.32 -18.60
N PRO B 54 16.31 -4.06 -18.10
CA PRO B 54 17.69 -3.52 -18.11
C PRO B 54 18.35 -3.47 -19.48
N LEU B 55 18.05 -4.40 -20.38
CA LEU B 55 18.75 -4.47 -21.67
C LEU B 55 18.05 -3.57 -22.69
N ASP B 56 18.18 -2.25 -22.47
CA ASP B 56 17.47 -1.26 -23.26
C ASP B 56 18.38 -0.40 -24.12
N ARG B 57 19.63 -0.84 -24.35
CA ARG B 57 20.55 -0.16 -25.26
C ARG B 57 21.05 -1.16 -26.30
N VAL B 58 21.18 -0.70 -27.54
CA VAL B 58 21.66 -1.57 -28.61
C VAL B 58 23.08 -2.05 -28.31
N SER B 59 23.88 -1.23 -27.62
CA SER B 59 25.21 -1.66 -27.22
C SER B 59 25.17 -2.83 -26.24
N MET B 60 24.04 -3.04 -25.56
CA MET B 60 23.87 -4.22 -24.72
C MET B 60 23.16 -5.36 -25.45
N LEU B 61 22.23 -5.03 -26.33
CA LEU B 61 21.40 -6.05 -26.98
C LEU B 61 21.11 -5.58 -28.40
N ASP B 62 21.73 -6.23 -29.39
CA ASP B 62 21.60 -5.88 -30.79
C ASP B 62 20.93 -7.06 -31.51
N MET B 63 19.61 -6.99 -31.68
CA MET B 63 18.82 -8.13 -32.14
C MET B 63 18.23 -7.94 -33.53
N LYS B 64 18.66 -6.93 -34.28
CA LYS B 64 18.14 -6.76 -35.63
C LYS B 64 18.56 -7.93 -36.50
N GLY B 65 17.57 -8.54 -37.18
CA GLY B 65 17.82 -9.72 -37.97
C GLY B 65 17.80 -11.02 -37.20
N ASN B 66 17.60 -10.98 -35.89
CA ASN B 66 17.54 -12.20 -35.10
C ASN B 66 16.40 -13.09 -35.59
N PRO B 67 16.57 -14.40 -35.61
CA PRO B 67 15.46 -15.28 -35.99
C PRO B 67 14.37 -15.28 -34.94
N ASP B 68 13.17 -15.70 -35.36
CA ASP B 68 12.08 -15.92 -34.42
C ASP B 68 12.53 -16.86 -33.32
N SER B 69 12.04 -16.61 -32.11
CA SER B 69 12.43 -17.36 -30.92
C SER B 69 13.94 -17.30 -30.66
N GLY B 70 14.62 -16.33 -31.25
CA GLY B 70 16.00 -16.04 -30.91
C GLY B 70 16.07 -14.99 -29.82
N GLY B 71 17.22 -14.35 -29.72
CA GLY B 71 17.32 -13.24 -28.78
C GLY B 71 17.58 -13.75 -27.39
N ILE B 72 16.88 -13.18 -26.42
CA ILE B 72 17.17 -13.40 -25.00
C ILE B 72 16.55 -14.72 -24.54
N TRP B 73 17.39 -15.69 -24.22
CA TRP B 73 16.93 -16.94 -23.62
C TRP B 73 16.99 -16.80 -22.10
N ALA B 74 17.11 -17.90 -21.38
CA ALA B 74 17.06 -17.90 -19.93
C ALA B 74 18.15 -17.01 -19.33
N PRO B 75 17.80 -16.00 -18.56
CA PRO B 75 18.81 -15.19 -17.88
C PRO B 75 19.08 -15.69 -16.47
N CYS B 76 20.09 -15.10 -15.85
CA CYS B 76 20.43 -15.35 -14.44
C CYS B 76 20.65 -14.02 -13.76
N LEU B 77 19.71 -13.64 -12.89
CA LEU B 77 19.86 -12.49 -12.02
C LEU B 77 20.26 -12.98 -10.64
N SER B 78 21.37 -12.44 -10.13
CA SER B 78 21.85 -12.80 -8.80
C SER B 78 22.33 -11.53 -8.11
N TYR B 79 22.46 -11.61 -6.78
CA TYR B 79 22.93 -10.49 -5.97
C TYR B 79 24.08 -10.96 -5.11
N ALA B 80 25.23 -10.30 -5.23
CA ALA B 80 26.40 -10.65 -4.44
C ALA B 80 27.38 -9.50 -4.47
N ASP B 81 28.10 -9.34 -3.35
CA ASP B 81 29.16 -8.34 -3.22
C ASP B 81 28.67 -6.92 -3.49
N GLY B 82 27.43 -6.63 -3.12
CA GLY B 82 26.90 -5.28 -3.21
C GLY B 82 26.36 -4.87 -4.56
N LYS B 83 26.15 -5.80 -5.49
CA LYS B 83 25.64 -5.44 -6.80
C LYS B 83 24.93 -6.64 -7.41
N PHE B 84 24.04 -6.35 -8.35
CA PHE B 84 23.32 -7.38 -9.10
C PHE B 84 24.14 -7.86 -10.28
N TRP B 85 24.03 -9.14 -10.59
CA TRP B 85 24.72 -9.76 -11.72
C TRP B 85 23.69 -10.35 -12.66
N LEU B 86 23.77 -9.98 -13.94
CA LEU B 86 22.80 -10.43 -14.94
C LEU B 86 23.55 -11.07 -16.10
N LEU B 87 23.43 -12.39 -16.22
CA LEU B 87 23.92 -13.11 -17.38
C LEU B 87 22.77 -13.30 -18.37
N TYR B 88 23.06 -13.10 -19.65
CA TYR B 88 22.04 -13.30 -20.67
C TYR B 88 22.68 -13.81 -21.95
N THR B 89 21.86 -14.41 -22.80
CA THR B 89 22.27 -14.95 -24.08
C THR B 89 21.48 -14.29 -25.20
N ASP B 90 22.18 -13.93 -26.27
CA ASP B 90 21.56 -13.43 -27.50
C ASP B 90 21.77 -14.51 -28.55
N VAL B 91 20.71 -15.27 -28.84
CA VAL B 91 20.79 -16.43 -29.72
C VAL B 91 20.57 -15.98 -31.16
N LYS B 92 21.46 -16.42 -32.06
CA LYS B 92 21.49 -15.93 -33.43
C LYS B 92 21.07 -16.97 -34.46
N ILE B 93 20.99 -18.24 -34.09
CA ILE B 93 20.51 -19.30 -34.98
C ILE B 93 19.44 -20.09 -34.23
N VAL B 94 18.34 -20.39 -34.92
CA VAL B 94 17.27 -21.17 -34.31
C VAL B 94 16.93 -22.38 -35.18
N ASP B 95 16.49 -22.13 -36.41
CA ASP B 95 16.05 -23.21 -37.31
C ASP B 95 17.28 -23.83 -37.97
N SER B 96 17.98 -24.65 -37.19
CA SER B 96 19.19 -25.34 -37.66
C SER B 96 19.47 -26.48 -36.71
N PRO B 97 20.10 -27.57 -37.18
CA PRO B 97 20.41 -28.69 -36.28
C PRO B 97 21.27 -28.30 -35.09
N TRP B 98 21.95 -27.16 -35.13
CA TRP B 98 22.58 -26.60 -33.94
C TRP B 98 22.53 -25.08 -34.05
N LYS B 99 22.82 -24.42 -32.94
CA LYS B 99 22.62 -22.98 -32.82
C LYS B 99 23.92 -22.27 -32.46
N ASN B 100 23.91 -20.95 -32.64
CA ASN B 100 24.97 -20.07 -32.17
C ASN B 100 24.34 -18.94 -31.36
N GLY B 101 25.19 -18.25 -30.61
CA GLY B 101 24.72 -17.15 -29.79
C GLY B 101 25.88 -16.46 -29.13
N ARG B 102 25.55 -15.56 -28.19
CA ARG B 102 26.55 -14.80 -27.44
C ARG B 102 26.07 -14.61 -26.01
N ASN B 103 26.94 -14.88 -25.05
CA ASN B 103 26.63 -14.71 -23.63
C ASN B 103 27.32 -13.46 -23.09
N PHE B 104 26.59 -12.70 -22.27
CA PHE B 104 27.08 -11.43 -21.77
C PHE B 104 26.77 -11.32 -20.28
N LEU B 105 27.58 -10.51 -19.60
CA LEU B 105 27.38 -10.21 -18.18
C LEU B 105 27.32 -8.70 -18.00
N VAL B 106 26.28 -8.23 -17.31
CA VAL B 106 26.17 -6.83 -16.91
C VAL B 106 25.89 -6.79 -15.42
N THR B 107 26.35 -5.74 -14.76
CA THR B 107 26.18 -5.56 -13.34
C THR B 107 25.55 -4.20 -13.06
N ALA B 108 25.02 -4.05 -11.83
CA ALA B 108 24.38 -2.80 -11.45
C ALA B 108 24.39 -2.67 -9.94
N PRO B 109 24.65 -1.47 -9.40
CA PRO B 109 24.59 -1.29 -7.94
C PRO B 109 23.18 -1.25 -7.38
N SER B 110 22.17 -1.10 -8.23
CA SER B 110 20.77 -1.14 -7.82
C SER B 110 19.97 -1.81 -8.92
N ILE B 111 18.72 -2.17 -8.59
CA ILE B 111 17.93 -2.98 -9.51
C ILE B 111 17.49 -2.17 -10.73
N GLU B 112 17.33 -0.86 -10.58
CA GLU B 112 16.92 0.01 -11.69
C GLU B 112 18.10 0.77 -12.27
N GLY B 113 19.28 0.15 -12.31
CA GLY B 113 20.43 0.73 -12.95
C GLY B 113 21.31 1.53 -12.01
N PRO B 114 22.39 2.11 -12.55
CA PRO B 114 22.77 1.97 -13.96
C PRO B 114 23.43 0.63 -14.27
N TRP B 115 23.06 0.04 -15.41
CA TRP B 115 23.62 -1.24 -15.83
C TRP B 115 24.84 -1.01 -16.72
N SER B 116 25.93 -1.70 -16.40
CA SER B 116 27.18 -1.53 -17.11
C SER B 116 27.08 -2.07 -18.54
N GLU B 117 28.08 -1.76 -19.35
CA GLU B 117 28.19 -2.35 -20.67
C GLU B 117 28.51 -3.84 -20.53
N PRO B 118 28.11 -4.66 -21.49
CA PRO B 118 28.23 -6.12 -21.33
C PRO B 118 29.68 -6.60 -21.41
N ILE B 119 30.00 -7.55 -20.55
CA ILE B 119 31.28 -8.26 -20.59
C ILE B 119 31.06 -9.58 -21.32
N PRO B 120 31.85 -9.92 -22.33
CA PRO B 120 31.65 -11.20 -23.02
C PRO B 120 31.99 -12.37 -22.12
N MET B 121 31.14 -13.39 -22.15
CA MET B 121 31.28 -14.57 -21.30
C MET B 121 31.42 -15.86 -22.08
N GLY B 122 31.65 -15.80 -23.38
CA GLY B 122 31.74 -16.98 -24.21
C GLY B 122 30.47 -17.21 -25.01
N ASN B 123 30.61 -17.97 -26.09
CA ASN B 123 29.50 -18.24 -26.99
C ASN B 123 29.16 -19.72 -27.08
N GLY B 124 29.78 -20.56 -26.25
CA GLY B 124 29.70 -22.00 -26.38
C GLY B 124 28.41 -22.65 -25.93
N GLY B 125 27.46 -21.89 -25.41
CA GLY B 125 26.23 -22.50 -24.96
C GLY B 125 25.24 -21.47 -24.48
N PHE B 126 24.18 -21.96 -23.83
CA PHE B 126 23.09 -21.14 -23.34
C PHE B 126 22.79 -21.51 -21.89
N ASP B 127 21.77 -20.86 -21.34
CA ASP B 127 21.42 -20.97 -19.93
C ASP B 127 22.63 -20.69 -19.02
N PRO B 128 23.23 -19.51 -19.13
CA PRO B 128 24.40 -19.21 -18.29
C PRO B 128 23.98 -18.98 -16.84
N SER B 129 24.89 -19.30 -15.93
CA SER B 129 24.63 -19.15 -14.50
C SER B 129 25.91 -18.74 -13.80
N LEU B 130 25.76 -17.90 -12.78
CA LEU B 130 26.88 -17.46 -11.95
C LEU B 130 26.64 -17.92 -10.52
N PHE B 131 27.51 -18.78 -10.02
CA PHE B 131 27.43 -19.27 -8.66
C PHE B 131 28.45 -18.52 -7.80
N HIS B 132 27.98 -17.93 -6.71
CA HIS B 132 28.82 -17.19 -5.77
C HIS B 132 29.09 -18.10 -4.57
N ASP B 133 30.26 -18.75 -4.56
CA ASP B 133 30.59 -19.66 -3.49
C ASP B 133 30.92 -18.90 -2.20
N ASP B 134 30.76 -19.59 -1.07
CA ASP B 134 30.92 -18.97 0.24
C ASP B 134 32.35 -18.57 0.55
N ASP B 135 33.34 -19.04 -0.22
CA ASP B 135 34.73 -18.68 0.01
C ASP B 135 35.16 -17.45 -0.77
N GLY B 136 34.27 -16.86 -1.56
CA GLY B 136 34.59 -15.70 -2.36
C GLY B 136 34.83 -15.99 -3.82
N ARG B 137 35.00 -17.25 -4.19
CA ARG B 137 35.22 -17.60 -5.59
C ARG B 137 33.91 -17.70 -6.35
N LYS B 138 33.98 -17.44 -7.65
CA LYS B 138 32.80 -17.41 -8.51
C LYS B 138 32.97 -18.42 -9.63
N TYR B 139 31.85 -19.03 -10.03
CA TYR B 139 31.84 -20.09 -11.02
C TYR B 139 30.73 -19.83 -12.03
N TYR B 140 31.02 -20.11 -13.30
CA TYR B 140 30.13 -19.81 -14.41
C TYR B 140 29.73 -21.11 -15.09
N LEU B 141 28.45 -21.42 -15.08
CA LEU B 141 27.91 -22.64 -15.69
C LEU B 141 27.19 -22.30 -16.99
N TYR B 142 27.10 -23.30 -17.86
CA TYR B 142 26.25 -23.24 -19.04
C TYR B 142 26.14 -24.63 -19.64
N ARG B 143 25.16 -24.80 -20.50
CA ARG B 143 24.99 -26.03 -21.25
C ARG B 143 25.56 -25.83 -22.64
N PRO B 144 26.64 -26.52 -23.01
CA PRO B 144 27.21 -26.34 -24.35
C PRO B 144 26.27 -26.85 -25.43
N TRP B 145 26.29 -26.16 -26.57
CA TRP B 145 25.56 -26.60 -27.75
C TRP B 145 26.55 -26.81 -28.90
N GLY B 146 26.01 -26.96 -30.10
CA GLY B 146 26.81 -27.22 -31.27
C GLY B 146 26.45 -28.53 -31.91
N PRO B 147 27.21 -28.96 -32.91
CA PRO B 147 26.96 -30.25 -33.55
C PRO B 147 26.94 -31.38 -32.54
N ARG B 148 25.88 -32.18 -32.58
CA ARG B 148 25.70 -33.35 -31.73
C ARG B 148 25.60 -33.00 -30.24
N HIS B 149 25.37 -31.73 -29.92
CA HIS B 149 25.21 -31.29 -28.55
C HIS B 149 23.83 -30.68 -28.32
N HIS B 150 22.85 -31.10 -29.12
CA HIS B 150 21.45 -30.81 -28.84
C HIS B 150 20.73 -32.11 -28.56
N SER B 151 21.18 -32.82 -27.52
CA SER B 151 20.64 -34.13 -27.13
C SER B 151 20.72 -35.13 -28.27
N ASN B 152 21.71 -34.96 -29.16
CA ASN B 152 21.86 -35.82 -30.33
C ASN B 152 23.33 -36.22 -30.50
N PRO B 153 23.92 -36.90 -29.51
CA PRO B 153 23.34 -37.42 -28.26
C PRO B 153 23.65 -36.60 -27.01
N HIS B 154 24.50 -35.57 -27.12
CA HIS B 154 25.11 -34.94 -25.96
C HIS B 154 24.27 -33.81 -25.38
N ASN B 155 24.23 -33.74 -24.05
CA ASN B 155 23.67 -32.59 -23.33
C ASN B 155 24.43 -32.50 -22.00
N THR B 156 25.44 -31.63 -21.95
CA THR B 156 26.33 -31.54 -20.81
C THR B 156 26.09 -30.26 -20.02
N ILE B 157 26.62 -30.25 -18.80
CA ILE B 157 26.69 -29.06 -17.97
C ILE B 157 28.16 -28.85 -17.62
N VAL B 158 28.71 -27.71 -18.02
CA VAL B 158 30.12 -27.43 -17.79
C VAL B 158 30.26 -26.19 -16.90
N MET B 159 31.42 -26.09 -16.27
CA MET B 159 31.70 -25.03 -15.29
C MET B 159 33.05 -24.40 -15.58
N GLN B 160 33.09 -23.08 -15.52
CA GLN B 160 34.33 -22.31 -15.66
C GLN B 160 34.48 -21.39 -14.45
N GLU B 161 35.70 -21.29 -13.93
CA GLU B 161 35.94 -20.37 -12.82
C GLU B 161 35.99 -18.94 -13.34
N PHE B 162 35.23 -18.06 -12.71
CA PHE B 162 35.15 -16.66 -13.09
C PHE B 162 35.99 -15.82 -12.13
N ASP B 163 36.84 -14.96 -12.68
CA ASP B 163 37.71 -14.09 -11.89
C ASP B 163 37.09 -12.70 -11.86
N PRO B 164 36.42 -12.30 -10.78
CA PRO B 164 35.60 -11.08 -10.84
C PRO B 164 36.39 -9.79 -11.01
N GLN B 165 37.59 -9.69 -10.41
CA GLN B 165 38.33 -8.43 -10.49
C GLN B 165 38.81 -8.15 -11.91
N THR B 166 39.03 -9.19 -12.72
CA THR B 166 39.43 -9.01 -14.11
C THR B 166 38.32 -9.35 -15.10
N GLY B 167 37.22 -9.96 -14.65
CA GLY B 167 36.12 -10.24 -15.54
C GLY B 167 36.40 -11.26 -16.62
N THR B 168 37.40 -12.11 -16.44
CA THR B 168 37.74 -13.15 -17.40
C THR B 168 37.41 -14.51 -16.82
N LEU B 169 37.41 -15.51 -17.70
CA LEU B 169 37.06 -16.87 -17.35
C LEU B 169 38.25 -17.80 -17.56
N SER B 170 38.38 -18.78 -16.67
CA SER B 170 39.39 -19.80 -16.86
C SER B 170 39.08 -20.61 -18.11
N PRO B 171 40.07 -20.91 -18.96
CA PRO B 171 39.79 -21.68 -20.17
C PRO B 171 39.40 -23.12 -19.91
N GLU B 172 39.65 -23.65 -18.72
CA GLU B 172 39.32 -25.03 -18.41
C GLU B 172 37.83 -25.19 -18.11
N ARG B 173 37.25 -26.25 -18.65
CA ARG B 173 35.86 -26.60 -18.41
C ARG B 173 35.81 -27.91 -17.63
N LYS B 174 35.03 -27.90 -16.54
CA LYS B 174 34.74 -29.10 -15.77
C LYS B 174 33.31 -29.52 -16.05
N THR B 175 33.12 -30.79 -16.43
CA THR B 175 31.78 -31.31 -16.66
C THR B 175 31.16 -31.71 -15.33
N LEU B 176 29.99 -31.18 -15.03
CA LEU B 176 29.29 -31.50 -13.79
C LEU B 176 28.28 -32.62 -13.97
N PHE B 177 27.61 -32.67 -15.12
CA PHE B 177 26.52 -33.60 -15.34
C PHE B 177 26.36 -33.84 -16.83
N THR B 178 25.99 -35.08 -17.19
CA THR B 178 25.81 -35.47 -18.57
C THR B 178 24.37 -35.87 -18.91
N GLY B 179 23.48 -35.91 -17.94
CA GLY B 179 22.08 -36.08 -18.22
C GLY B 179 21.57 -37.48 -17.91
N THR B 180 20.28 -37.55 -17.57
CA THR B 180 19.55 -38.80 -17.45
C THR B 180 18.89 -39.12 -18.79
N PRO B 181 18.26 -40.30 -18.93
CA PRO B 181 17.57 -40.59 -20.20
C PRO B 181 16.52 -39.57 -20.60
N LEU B 182 16.07 -38.70 -19.69
CA LEU B 182 15.15 -37.64 -20.09
C LEU B 182 15.83 -36.63 -21.01
N CYS B 183 17.15 -36.46 -20.88
CA CYS B 183 17.97 -35.60 -21.72
C CYS B 183 17.53 -34.14 -21.68
N TYR B 184 17.96 -33.35 -22.67
CA TYR B 184 17.68 -31.91 -22.71
C TYR B 184 18.20 -31.20 -21.46
N THR B 185 19.27 -31.72 -20.88
CA THR B 185 19.80 -31.17 -19.63
C THR B 185 20.27 -29.74 -19.84
N GLU B 186 19.70 -28.83 -19.05
CA GLU B 186 19.96 -27.40 -19.21
C GLU B 186 19.56 -26.71 -17.91
N GLY B 187 19.65 -25.37 -17.92
CA GLY B 187 19.21 -24.58 -16.79
C GLY B 187 19.93 -24.88 -15.48
N ALA B 188 21.25 -25.02 -15.53
CA ALA B 188 22.00 -25.40 -14.35
C ALA B 188 22.13 -24.24 -13.38
N HIS B 189 21.96 -24.54 -12.10
CA HIS B 189 22.21 -23.60 -11.02
C HIS B 189 22.87 -24.34 -9.87
N LEU B 190 23.79 -23.67 -9.18
CA LEU B 190 24.48 -24.24 -8.04
C LEU B 190 24.02 -23.57 -6.76
N TYR B 191 23.93 -24.37 -5.68
CA TYR B 191 23.58 -23.87 -4.37
C TYR B 191 24.41 -24.59 -3.32
N ARG B 192 24.72 -23.89 -2.24
CA ARG B 192 25.44 -24.47 -1.10
C ARG B 192 24.55 -24.34 0.13
N HIS B 193 23.99 -25.46 0.57
CA HIS B 193 23.16 -25.50 1.77
C HIS B 193 23.59 -26.68 2.62
N ALA B 194 23.62 -26.47 3.94
CA ALA B 194 24.18 -27.42 4.90
C ALA B 194 25.60 -27.72 4.44
N GLY B 195 26.03 -28.99 4.40
CA GLY B 195 27.36 -29.30 3.93
C GLY B 195 27.36 -29.93 2.56
N TRP B 196 26.53 -29.41 1.65
CA TRP B 196 26.37 -29.98 0.33
C TRP B 196 26.35 -28.89 -0.73
N TYR B 197 26.90 -29.22 -1.90
CA TYR B 197 26.64 -28.48 -3.12
C TYR B 197 25.45 -29.12 -3.82
N TYR B 198 24.52 -28.28 -4.30
CA TYR B 198 23.33 -28.76 -4.98
C TYR B 198 23.33 -28.25 -6.42
N LEU B 199 23.24 -29.17 -7.37
CA LEU B 199 23.13 -28.85 -8.79
C LEU B 199 21.70 -29.07 -9.24
N MET B 200 21.05 -28.00 -9.69
CA MET B 200 19.68 -28.06 -10.19
C MET B 200 19.69 -27.84 -11.69
N VAL B 201 19.08 -28.76 -12.44
CA VAL B 201 18.99 -28.66 -13.88
C VAL B 201 17.55 -28.92 -14.30
N ALA B 202 17.23 -28.52 -15.53
CA ALA B 202 15.98 -28.88 -16.16
C ALA B 202 16.24 -30.01 -17.15
N GLU B 203 15.27 -30.92 -17.27
CA GLU B 203 15.39 -32.03 -18.19
C GLU B 203 14.03 -32.28 -18.85
N GLY B 204 14.05 -33.07 -19.90
CA GLY B 204 12.84 -33.46 -20.61
C GLY B 204 12.34 -32.49 -21.65
N GLY B 205 12.99 -31.34 -21.83
CA GLY B 205 12.51 -30.33 -22.73
C GLY B 205 11.38 -29.51 -22.12
N THR B 206 11.21 -28.30 -22.65
CA THR B 206 10.29 -27.33 -22.06
C THR B 206 8.84 -27.50 -22.53
N SER B 207 8.48 -28.67 -23.05
CA SER B 207 7.08 -28.96 -23.32
C SER B 207 6.49 -29.78 -22.17
N TYR B 208 5.55 -30.67 -22.46
CA TYR B 208 4.80 -31.35 -21.41
C TYR B 208 5.61 -32.38 -20.65
N GLU B 209 6.85 -32.65 -21.08
CA GLU B 209 7.73 -33.57 -20.36
C GLU B 209 8.69 -32.84 -19.43
N HIS B 210 8.50 -31.54 -19.23
CA HIS B 210 9.42 -30.72 -18.46
C HIS B 210 9.56 -31.24 -17.02
N ALA B 211 10.74 -31.07 -16.46
CA ALA B 211 11.02 -31.55 -15.11
C ALA B 211 12.21 -30.80 -14.52
N VAL B 212 12.21 -30.68 -13.20
CA VAL B 212 13.33 -30.15 -12.46
C VAL B 212 14.09 -31.32 -11.84
N VAL B 213 15.37 -31.45 -12.17
CA VAL B 213 16.21 -32.53 -11.67
C VAL B 213 17.24 -31.94 -10.72
N VAL B 214 17.48 -32.62 -9.61
CA VAL B 214 18.38 -32.14 -8.56
C VAL B 214 19.45 -33.18 -8.28
N LEU B 215 20.69 -32.73 -8.13
CA LEU B 215 21.81 -33.57 -7.72
C LEU B 215 22.56 -32.86 -6.60
N ARG B 216 23.44 -33.61 -5.94
CA ARG B 216 24.21 -33.04 -4.83
C ARG B 216 25.59 -33.69 -4.79
N ALA B 217 26.53 -32.97 -4.18
CA ALA B 217 27.90 -33.45 -4.03
C ALA B 217 28.56 -32.69 -2.90
N LYS B 218 29.65 -33.27 -2.38
CA LYS B 218 30.37 -32.65 -1.27
C LYS B 218 31.35 -31.58 -1.75
N THR B 219 31.94 -31.76 -2.93
CA THR B 219 32.79 -30.75 -3.55
C THR B 219 32.13 -30.23 -4.81
N ILE B 220 32.50 -29.01 -5.20
CA ILE B 220 31.77 -28.31 -6.25
C ILE B 220 31.96 -28.99 -7.60
N ASP B 221 33.05 -29.72 -7.79
CA ASP B 221 33.31 -30.39 -9.06
C ASP B 221 32.81 -31.82 -9.09
N GLY B 222 32.08 -32.25 -8.07
CA GLY B 222 31.43 -33.55 -8.09
C GLY B 222 32.35 -34.68 -7.70
N PRO B 223 32.00 -35.92 -8.11
CA PRO B 223 30.82 -36.26 -8.92
C PRO B 223 29.50 -36.13 -8.17
N TYR B 224 28.42 -35.84 -8.89
CA TYR B 224 27.13 -35.55 -8.30
C TYR B 224 26.23 -36.78 -8.31
N GLU B 225 25.48 -36.96 -7.23
CA GLU B 225 24.54 -38.07 -7.08
C GLU B 225 23.13 -37.55 -7.28
N LEU B 226 22.30 -38.35 -7.96
CA LEU B 226 20.94 -37.95 -8.26
C LEU B 226 20.05 -38.00 -7.02
N HIS B 227 19.12 -37.05 -6.94
CA HIS B 227 18.01 -37.03 -6.00
C HIS B 227 17.38 -38.42 -5.93
N PRO B 228 16.92 -38.87 -4.74
CA PRO B 228 16.32 -40.21 -4.66
C PRO B 228 15.17 -40.43 -5.63
N ASP B 229 14.41 -39.38 -5.94
CA ASP B 229 13.31 -39.47 -6.89
C ASP B 229 13.69 -38.99 -8.29
N VAL B 230 14.97 -38.70 -8.51
CA VAL B 230 15.48 -38.16 -9.78
C VAL B 230 14.85 -36.79 -10.04
N THR B 231 13.58 -36.78 -10.41
CA THR B 231 12.86 -35.54 -10.68
C THR B 231 12.25 -34.99 -9.40
N MET B 232 12.57 -33.73 -9.08
CA MET B 232 11.98 -33.08 -7.92
C MET B 232 10.66 -32.40 -8.25
N MET B 233 10.52 -31.85 -9.46
CA MET B 233 9.26 -31.30 -9.94
C MET B 233 9.00 -31.79 -11.35
N THR B 234 7.76 -32.21 -11.59
CA THR B 234 7.25 -32.46 -12.94
C THR B 234 5.75 -32.68 -12.84
N SER B 235 5.04 -32.32 -13.90
CA SER B 235 3.61 -32.59 -14.02
C SER B 235 3.30 -33.44 -15.24
N TRP B 236 4.32 -34.04 -15.86
CA TRP B 236 4.10 -34.84 -17.07
C TRP B 236 3.14 -35.99 -16.81
N HIS B 237 3.24 -36.63 -15.64
CA HIS B 237 2.42 -37.78 -15.33
C HIS B 237 0.97 -37.42 -15.03
N LEU B 238 0.62 -36.13 -14.96
CA LEU B 238 -0.74 -35.68 -14.68
C LEU B 238 -1.21 -34.82 -15.85
N PRO B 239 -1.72 -35.45 -16.92
CA PRO B 239 -2.07 -34.67 -18.12
C PRO B 239 -3.28 -33.76 -17.96
N GLU B 240 -4.05 -33.90 -16.88
CA GLU B 240 -5.18 -33.02 -16.61
C GLU B 240 -4.89 -32.00 -15.54
N ASN B 241 -3.65 -31.91 -15.07
CA ASN B 241 -3.27 -30.89 -14.11
C ASN B 241 -3.43 -29.51 -14.74
N PRO B 242 -3.99 -28.54 -14.02
CA PRO B 242 -4.13 -27.20 -14.60
C PRO B 242 -2.80 -26.58 -15.03
N LEU B 243 -1.74 -26.81 -14.28
CA LEU B 243 -0.41 -26.31 -14.62
C LEU B 243 0.39 -27.43 -15.28
N GLN B 244 0.94 -27.15 -16.45
CA GLN B 244 1.73 -28.10 -17.22
C GLN B 244 3.11 -27.53 -17.50
N LYS B 245 3.99 -28.39 -18.01
CA LYS B 245 5.33 -28.00 -18.45
C LYS B 245 6.12 -27.34 -17.32
N SER B 246 5.93 -27.83 -16.09
CA SER B 246 6.54 -27.21 -14.91
C SER B 246 7.99 -27.66 -14.81
N GLY B 247 8.91 -26.77 -15.20
CA GLY B 247 10.32 -27.06 -15.12
C GLY B 247 11.15 -25.79 -15.13
N HIS B 248 12.47 -25.99 -15.19
CA HIS B 248 13.45 -24.90 -15.14
C HIS B 248 13.31 -24.11 -13.83
N GLY B 249 13.72 -24.77 -12.74
CA GLY B 249 13.54 -24.20 -11.43
C GLY B 249 14.66 -23.26 -11.01
N SER B 250 14.33 -22.40 -10.06
CA SER B 250 15.28 -21.45 -9.48
C SER B 250 15.02 -21.44 -7.97
N LEU B 251 15.90 -22.09 -7.22
CA LEU B 251 15.73 -22.23 -5.77
C LEU B 251 16.25 -21.00 -5.05
N LEU B 252 15.59 -20.66 -3.94
CA LEU B 252 16.02 -19.55 -3.10
C LEU B 252 15.55 -19.76 -1.67
N GLN B 253 16.42 -19.45 -0.72
CA GLN B 253 16.08 -19.43 0.69
C GLN B 253 15.73 -18.00 1.08
N THR B 254 14.54 -17.80 1.64
CA THR B 254 14.10 -16.47 2.02
C THR B 254 14.87 -15.97 3.24
N HIS B 255 14.70 -14.69 3.55
CA HIS B 255 15.23 -14.14 4.78
C HIS B 255 14.50 -14.66 6.01
N THR B 256 13.38 -15.37 5.82
CA THR B 256 12.68 -16.04 6.89
C THR B 256 13.22 -17.43 7.18
N GLY B 257 14.24 -17.87 6.44
CA GLY B 257 14.72 -19.23 6.57
C GLY B 257 13.93 -20.26 5.80
N GLU B 258 12.98 -19.82 4.96
CA GLU B 258 12.15 -20.72 4.17
C GLU B 258 12.66 -20.80 2.74
N TRP B 259 12.26 -21.86 2.04
CA TRP B 259 12.80 -22.21 0.74
C TRP B 259 11.70 -22.23 -0.31
N TYR B 260 11.97 -21.56 -1.44
CA TYR B 260 11.01 -21.52 -2.54
C TYR B 260 11.75 -21.73 -3.85
N MET B 261 10.98 -22.06 -4.89
CA MET B 261 11.54 -22.33 -6.21
C MET B 261 10.62 -21.77 -7.27
N ALA B 262 11.09 -20.79 -8.03
CA ALA B 262 10.38 -20.33 -9.21
C ALA B 262 10.57 -21.32 -10.35
N TYR B 263 9.58 -21.41 -11.21
CA TYR B 263 9.60 -22.36 -12.31
C TYR B 263 8.68 -21.86 -13.41
N LEU B 264 9.00 -22.22 -14.65
CA LEU B 264 8.11 -21.89 -15.75
C LEU B 264 7.02 -22.95 -15.86
N THR B 265 5.86 -22.51 -16.35
CA THR B 265 4.70 -23.38 -16.43
C THR B 265 3.76 -22.82 -17.49
N SER B 266 2.79 -23.64 -17.89
CA SER B 266 1.87 -23.27 -18.97
C SER B 266 0.47 -23.78 -18.65
N ARG B 267 -0.53 -23.03 -19.11
CA ARG B 267 -1.94 -23.37 -18.91
C ARG B 267 -2.60 -23.59 -20.26
N PRO B 268 -2.85 -24.84 -20.66
CA PRO B 268 -3.29 -25.10 -22.03
C PRO B 268 -4.81 -25.10 -22.18
N LEU B 269 -5.23 -24.68 -23.38
CA LEU B 269 -6.60 -24.84 -23.84
C LEU B 269 -6.69 -26.10 -24.68
N ARG B 270 -7.71 -26.90 -24.45
CA ARG B 270 -7.90 -28.17 -25.15
C ARG B 270 -9.04 -28.04 -26.14
N LEU B 271 -8.82 -28.54 -27.35
CA LEU B 271 -9.88 -28.57 -28.35
C LEU B 271 -10.87 -29.67 -28.01
N PRO B 272 -12.14 -29.50 -28.39
CA PRO B 272 -13.14 -30.52 -28.07
C PRO B 272 -12.97 -31.76 -28.93
N GLY B 273 -13.19 -32.92 -28.32
CA GLY B 273 -13.14 -34.19 -29.01
C GLY B 273 -11.75 -34.79 -29.18
N VAL B 274 -10.70 -34.01 -29.00
CA VAL B 274 -9.33 -34.50 -29.19
C VAL B 274 -8.94 -35.36 -27.99
N PRO B 275 -8.55 -36.62 -28.21
CA PRO B 275 -8.09 -37.46 -27.10
C PRO B 275 -6.97 -36.80 -26.31
N LEU B 276 -7.01 -36.98 -24.99
CA LEU B 276 -6.14 -36.23 -24.09
C LEU B 276 -4.66 -36.46 -24.41
N LEU B 277 -4.28 -37.68 -24.75
CA LEU B 277 -2.88 -38.03 -24.95
C LEU B 277 -2.53 -38.21 -26.42
N ALA B 278 -3.46 -37.96 -27.33
CA ALA B 278 -3.11 -37.90 -28.74
C ALA B 278 -2.29 -36.62 -29.01
N SER B 279 -1.79 -36.51 -30.24
CA SER B 279 -1.04 -35.32 -30.61
C SER B 279 -1.94 -34.09 -30.53
N GLY B 280 -1.47 -33.06 -29.84
CA GLY B 280 -2.26 -31.87 -29.59
C GLY B 280 -3.33 -32.02 -28.53
N GLY B 281 -3.53 -33.22 -27.99
CA GLY B 281 -4.58 -33.43 -27.01
C GLY B 281 -4.29 -32.85 -25.65
N ARG B 282 -3.03 -32.60 -25.33
CA ARG B 282 -2.69 -32.05 -24.03
C ARG B 282 -2.94 -30.54 -23.96
N GLY B 283 -3.08 -29.87 -25.10
CA GLY B 283 -3.59 -28.52 -25.13
C GLY B 283 -2.73 -27.58 -25.96
N TYR B 284 -3.22 -26.35 -26.06
CA TYR B 284 -2.53 -25.27 -26.76
C TYR B 284 -2.46 -24.06 -25.82
N CYS B 285 -1.31 -23.38 -25.83
CA CYS B 285 -0.99 -22.39 -24.80
C CYS B 285 -0.77 -21.02 -25.43
N PRO B 286 -1.85 -20.25 -25.64
CA PRO B 286 -1.69 -18.90 -26.20
C PRO B 286 -1.01 -17.93 -25.24
N LEU B 287 -1.12 -18.16 -23.93
CA LEU B 287 -0.42 -17.32 -22.96
C LEU B 287 1.04 -17.73 -22.79
N GLY B 288 1.51 -18.73 -23.52
CA GLY B 288 2.92 -19.08 -23.53
C GLY B 288 3.36 -19.71 -22.23
N ARG B 289 4.67 -19.59 -21.95
CA ARG B 289 5.27 -20.14 -20.75
C ARG B 289 5.33 -19.04 -19.69
N GLU B 290 4.52 -19.18 -18.65
CA GLU B 290 4.42 -18.22 -17.58
C GLU B 290 5.27 -18.70 -16.39
N THR B 291 5.19 -17.99 -15.26
CA THR B 291 6.03 -18.26 -14.12
C THR B 291 5.18 -18.59 -12.89
N GLY B 292 5.52 -19.69 -12.23
CA GLY B 292 4.93 -20.05 -10.95
C GLY B 292 6.00 -20.15 -9.87
N ILE B 293 5.53 -20.40 -8.65
CA ILE B 293 6.41 -20.54 -7.50
C ILE B 293 5.86 -21.65 -6.59
N ALA B 294 6.76 -22.41 -5.98
CA ALA B 294 6.37 -23.53 -5.12
C ALA B 294 7.21 -23.50 -3.85
N ARG B 295 6.60 -23.96 -2.76
CA ARG B 295 7.28 -24.06 -1.47
C ARG B 295 8.03 -25.37 -1.37
N ILE B 296 9.27 -25.30 -0.88
CA ILE B 296 10.18 -26.43 -0.84
C ILE B 296 10.39 -26.85 0.60
N GLU B 297 10.41 -28.16 0.84
CA GLU B 297 10.74 -28.74 2.13
C GLU B 297 11.98 -29.60 1.99
N TRP B 298 12.70 -29.77 3.10
CA TRP B 298 13.93 -30.56 3.13
C TRP B 298 13.71 -31.82 3.95
N ARG B 299 14.27 -32.93 3.46
CA ARG B 299 14.06 -34.24 4.07
C ARG B 299 15.33 -35.05 3.88
N ASP B 300 16.12 -35.18 4.95
CA ASP B 300 17.36 -35.97 4.94
C ASP B 300 18.35 -35.44 3.89
N GLY B 301 18.54 -34.12 3.88
CA GLY B 301 19.49 -33.51 2.98
C GLY B 301 19.05 -33.44 1.54
N TRP B 302 17.76 -33.60 1.27
CA TRP B 302 17.24 -33.51 -0.09
C TRP B 302 16.04 -32.58 -0.12
N PRO B 303 15.88 -31.79 -1.17
CA PRO B 303 14.70 -30.92 -1.30
C PRO B 303 13.54 -31.62 -1.97
N TYR B 304 12.33 -31.27 -1.53
CA TYR B 304 11.11 -31.80 -2.09
C TYR B 304 10.09 -30.66 -2.25
N VAL B 305 9.20 -30.82 -3.22
CA VAL B 305 8.12 -29.88 -3.43
C VAL B 305 6.94 -30.29 -2.55
N GLU B 306 6.43 -29.37 -1.75
CA GLU B 306 5.34 -29.66 -0.83
C GLU B 306 4.11 -30.15 -1.58
N GLY B 307 3.58 -31.30 -1.16
CA GLY B 307 2.36 -31.85 -1.71
C GLY B 307 2.55 -32.82 -2.85
N GLY B 308 3.69 -32.81 -3.50
CA GLY B 308 3.94 -33.70 -4.62
C GLY B 308 4.84 -33.03 -5.64
N LYS B 309 5.20 -33.82 -6.67
CA LYS B 309 6.10 -33.33 -7.71
C LYS B 309 5.44 -32.27 -8.57
N HIS B 310 4.12 -32.32 -8.71
CA HIS B 310 3.42 -31.51 -9.69
C HIS B 310 3.28 -30.06 -9.22
N ALA B 311 2.96 -29.19 -10.18
CA ALA B 311 2.75 -27.78 -9.91
C ALA B 311 1.30 -27.54 -9.50
N GLN B 312 1.11 -26.79 -8.43
CA GLN B 312 -0.21 -26.54 -7.88
C GLN B 312 -0.61 -25.09 -8.10
N LEU B 313 -1.93 -24.87 -8.25
CA LEU B 313 -2.44 -23.51 -8.34
C LEU B 313 -2.14 -22.73 -7.07
N THR B 314 -2.36 -23.35 -5.91
CA THR B 314 -2.26 -22.69 -4.62
C THR B 314 -1.16 -23.33 -3.79
N VAL B 315 -0.23 -22.50 -3.31
CA VAL B 315 0.86 -22.94 -2.44
C VAL B 315 0.87 -22.04 -1.21
N LYS B 316 1.69 -22.44 -0.23
CA LYS B 316 1.80 -21.69 1.01
C LYS B 316 2.86 -20.60 0.89
N GLY B 317 2.51 -19.39 1.27
CA GLY B 317 3.41 -18.26 1.22
C GLY B 317 4.32 -18.20 2.42
N PRO B 318 5.38 -17.38 2.32
CA PRO B 318 6.38 -17.31 3.39
C PRO B 318 5.87 -16.59 4.63
N GLN B 319 6.71 -16.53 5.66
CA GLN B 319 6.35 -15.95 6.95
C GLN B 319 6.51 -14.43 6.96
N VAL B 320 5.90 -13.76 5.99
CA VAL B 320 5.89 -12.30 5.92
C VAL B 320 4.47 -11.83 5.63
N ALA B 321 4.17 -10.61 6.06
CA ALA B 321 2.86 -10.03 5.81
C ALA B 321 2.68 -9.73 4.34
N GLU B 322 1.45 -9.90 3.86
CA GLU B 322 1.15 -9.64 2.46
C GLU B 322 1.26 -8.16 2.15
N GLN B 323 1.90 -7.84 1.02
CA GLN B 323 2.16 -6.46 0.63
C GLN B 323 1.81 -6.29 -0.84
N PRO B 324 0.52 -6.18 -1.16
CA PRO B 324 0.12 -5.98 -2.56
C PRO B 324 0.51 -4.60 -3.05
N ALA B 325 0.60 -4.48 -4.38
CA ALA B 325 1.01 -3.25 -5.03
C ALA B 325 0.08 -2.08 -4.67
N SER B 330 -9.10 -1.91 -17.15
CA SER B 330 -7.84 -2.17 -16.46
C SER B 330 -6.68 -1.42 -17.11
N TRP B 331 -5.82 -2.16 -17.80
CA TRP B 331 -4.63 -1.58 -18.40
C TRP B 331 -4.99 -0.70 -19.60
N ARG B 332 -4.35 0.47 -19.67
CA ARG B 332 -4.51 1.35 -20.81
C ARG B 332 -3.32 2.30 -20.86
N ASP B 333 -2.91 2.64 -22.07
CA ASP B 333 -1.86 3.64 -22.31
C ASP B 333 -2.48 4.75 -23.14
N ASP B 334 -2.69 5.91 -22.52
CA ASP B 334 -3.21 7.07 -23.22
C ASP B 334 -2.15 7.81 -24.02
N PHE B 335 -0.91 7.30 -24.04
CA PHE B 335 0.18 7.90 -24.80
C PHE B 335 0.36 9.37 -24.45
N ASP B 336 0.25 9.67 -23.15
CA ASP B 336 0.39 11.02 -22.63
C ASP B 336 1.83 11.40 -22.30
N GLY B 337 2.74 10.42 -22.23
CA GLY B 337 4.04 10.62 -21.62
C GLY B 337 5.20 10.50 -22.60
N SER B 338 6.39 10.80 -22.07
CA SER B 338 7.63 10.68 -22.81
C SER B 338 7.94 9.25 -23.22
N THR B 339 7.27 8.27 -22.63
CA THR B 339 7.63 6.87 -22.81
C THR B 339 6.38 6.04 -23.03
N LEU B 340 6.54 4.94 -23.77
CA LEU B 340 5.50 3.92 -23.82
C LEU B 340 5.34 3.29 -22.45
N ASP B 341 4.12 2.83 -22.16
CA ASP B 341 3.91 2.07 -20.94
C ASP B 341 4.84 0.84 -20.94
N PRO B 342 5.49 0.54 -19.81
CA PRO B 342 6.48 -0.55 -19.81
C PRO B 342 5.91 -1.91 -20.12
N GLU B 343 4.60 -2.05 -20.25
CA GLU B 343 4.01 -3.31 -20.71
C GLU B 343 4.12 -3.47 -22.22
N LEU B 344 4.45 -2.41 -22.96
CA LEU B 344 4.59 -2.46 -24.40
C LEU B 344 6.05 -2.67 -24.77
N GLN B 345 6.28 -3.51 -25.78
CA GLN B 345 7.61 -3.81 -26.29
C GLN B 345 7.61 -3.73 -27.80
N THR B 346 8.79 -3.57 -28.37
CA THR B 346 9.00 -3.64 -29.81
C THR B 346 9.75 -4.92 -30.15
N LEU B 347 9.89 -5.16 -31.45
CA LEU B 347 10.53 -6.37 -31.96
C LEU B 347 11.99 -6.07 -32.28
N ARG B 348 12.90 -6.66 -31.50
CA ARG B 348 14.33 -6.68 -31.77
C ARG B 348 15.01 -5.32 -31.59
N ILE B 349 14.44 -4.26 -32.16
CA ILE B 349 15.10 -2.96 -32.16
C ILE B 349 14.42 -2.03 -31.15
N PRO B 350 15.11 -1.00 -30.65
CA PRO B 350 14.47 -0.09 -29.70
C PRO B 350 13.45 0.81 -30.39
N PHE B 351 12.49 1.28 -29.60
CA PHE B 351 11.50 2.23 -30.07
C PHE B 351 12.15 3.60 -30.13
N ASP B 352 12.51 4.04 -31.34
CA ASP B 352 13.03 5.39 -31.52
C ASP B 352 12.29 6.10 -32.66
N ASP B 353 12.85 7.22 -33.13
CA ASP B 353 12.13 8.07 -34.07
C ASP B 353 11.89 7.39 -35.41
N THR B 354 12.67 6.37 -35.77
CA THR B 354 12.42 5.69 -37.03
C THR B 354 11.14 4.85 -36.97
N LEU B 355 10.81 4.31 -35.79
CA LEU B 355 9.61 3.52 -35.62
C LEU B 355 8.39 4.39 -35.30
N GLY B 356 8.53 5.28 -34.32
CA GLY B 356 7.40 6.08 -33.90
C GLY B 356 7.82 7.30 -33.13
N SER B 357 6.82 7.98 -32.57
CA SER B 357 7.07 9.24 -31.87
C SER B 357 5.87 9.55 -30.99
N LEU B 358 6.15 9.97 -29.75
CA LEU B 358 5.14 10.47 -28.85
C LEU B 358 5.14 12.00 -28.76
N THR B 359 6.05 12.66 -29.48
CA THR B 359 6.15 14.12 -29.46
C THR B 359 5.75 14.78 -30.77
N ALA B 360 5.66 14.02 -31.87
CA ALA B 360 5.22 14.62 -33.13
C ALA B 360 3.78 15.11 -33.02
N ARG B 361 2.90 14.30 -32.43
CA ARG B 361 1.53 14.69 -32.13
C ARG B 361 1.27 14.37 -30.67
N PRO B 362 1.44 15.35 -29.77
CA PRO B 362 1.26 15.10 -28.34
C PRO B 362 -0.14 14.55 -28.04
N GLY B 363 -0.17 13.53 -27.18
CA GLY B 363 -1.40 12.82 -26.88
C GLY B 363 -1.65 11.60 -27.73
N TYR B 364 -0.91 11.42 -28.81
CA TYR B 364 -1.03 10.25 -29.68
C TYR B 364 0.30 9.53 -29.75
N LEU B 365 0.24 8.21 -29.92
CA LEU B 365 1.38 7.43 -30.35
C LEU B 365 1.34 7.39 -31.88
N ARG B 366 2.29 8.06 -32.51
CA ARG B 366 2.41 8.06 -33.96
C ARG B 366 3.38 6.98 -34.37
N LEU B 367 2.94 6.07 -35.23
CA LEU B 367 3.79 5.02 -35.77
C LEU B 367 4.06 5.30 -37.24
N TYR B 368 5.32 5.17 -37.64
CA TYR B 368 5.71 5.43 -39.02
C TYR B 368 5.65 4.15 -39.84
N GLY B 369 5.62 4.33 -41.16
CA GLY B 369 5.47 3.20 -42.06
C GLY B 369 6.78 2.56 -42.49
N ASN B 370 7.08 1.39 -41.94
CA ASN B 370 8.29 0.66 -42.31
C ASN B 370 7.91 -0.73 -42.81
N ASP B 371 8.63 -1.75 -42.35
CA ASP B 371 8.38 -3.11 -42.83
C ASP B 371 7.05 -3.66 -42.30
N SER B 372 6.61 -4.75 -42.90
CA SER B 372 5.39 -5.42 -42.49
C SER B 372 5.70 -6.43 -41.37
N LEU B 373 4.64 -7.07 -40.87
CA LEU B 373 4.75 -7.87 -39.65
C LEU B 373 5.60 -9.11 -39.84
N ASN B 374 5.90 -9.49 -41.09
CA ASN B 374 6.69 -10.69 -41.35
C ASN B 374 8.18 -10.42 -41.39
N SER B 375 8.62 -9.23 -40.99
CA SER B 375 10.01 -8.82 -41.14
C SER B 375 10.76 -8.97 -39.82
N THR B 376 12.00 -9.44 -39.93
CA THR B 376 12.89 -9.54 -38.78
C THR B 376 13.83 -8.34 -38.67
N PHE B 377 13.48 -7.22 -39.31
CA PHE B 377 14.39 -6.08 -39.33
C PHE B 377 13.77 -4.85 -38.68
N THR B 378 12.91 -4.12 -39.40
CA THR B 378 12.42 -2.82 -38.93
C THR B 378 10.92 -2.70 -39.19
N GLN B 379 10.11 -3.19 -38.25
CA GLN B 379 8.68 -2.94 -38.25
C GLN B 379 8.34 -1.96 -37.14
N SER B 380 7.40 -1.06 -37.42
CA SER B 380 6.83 -0.18 -36.39
C SER B 380 5.66 -0.92 -35.76
N THR B 381 6.01 -1.87 -34.89
CA THR B 381 5.03 -2.66 -34.15
C THR B 381 5.28 -2.43 -32.66
N VAL B 382 4.20 -2.16 -31.92
CA VAL B 382 4.26 -1.94 -30.49
C VAL B 382 3.16 -2.78 -29.85
N ALA B 383 3.56 -3.77 -29.04
CA ALA B 383 2.63 -4.80 -28.58
C ALA B 383 2.87 -5.13 -27.13
N ARG B 384 1.84 -5.72 -26.51
CA ARG B 384 1.89 -6.20 -25.13
C ARG B 384 1.37 -7.63 -25.09
N ARG B 385 1.59 -8.28 -23.95
CA ARG B 385 1.32 -9.71 -23.82
C ARG B 385 -0.16 -10.00 -23.64
N TRP B 386 -0.58 -11.17 -24.14
CA TRP B 386 -1.79 -11.79 -23.63
C TRP B 386 -1.53 -12.29 -22.22
N GLN B 387 -2.39 -11.90 -21.28
CA GLN B 387 -2.28 -12.39 -19.92
C GLN B 387 -3.54 -13.07 -19.42
N HIS B 388 -4.58 -13.14 -20.27
CA HIS B 388 -5.83 -13.79 -19.90
C HIS B 388 -6.40 -14.47 -21.14
N PHE B 389 -7.23 -15.49 -20.90
CA PHE B 389 -7.86 -16.20 -22.00
C PHE B 389 -9.04 -15.43 -22.60
N ILE B 390 -9.59 -14.47 -21.87
CA ILE B 390 -10.72 -13.68 -22.33
C ILE B 390 -10.42 -12.21 -22.03
N PHE B 391 -10.32 -11.39 -23.07
CA PHE B 391 -10.06 -9.97 -22.89
C PHE B 391 -10.48 -9.23 -24.15
N ARG B 392 -10.42 -7.91 -24.07
CA ARG B 392 -10.70 -7.02 -25.20
C ARG B 392 -9.60 -5.98 -25.28
N ALA B 393 -9.05 -5.80 -26.48
CA ALA B 393 -8.10 -4.73 -26.76
C ALA B 393 -8.72 -3.77 -27.76
N GLU B 394 -8.52 -2.47 -27.52
CA GLU B 394 -9.17 -1.43 -28.31
C GLU B 394 -8.21 -0.29 -28.55
N THR B 395 -8.44 0.43 -29.64
CA THR B 395 -7.64 1.60 -29.97
C THR B 395 -8.45 2.53 -30.85
N ARG B 396 -8.06 3.80 -30.86
CA ARG B 396 -8.64 4.81 -31.75
C ARG B 396 -7.54 5.30 -32.67
N MET B 397 -7.70 5.07 -33.97
CA MET B 397 -6.65 5.31 -34.94
C MET B 397 -7.06 6.39 -35.94
N GLN B 398 -6.09 7.20 -36.35
CA GLN B 398 -6.24 8.17 -37.42
C GLN B 398 -5.18 7.89 -38.47
N PHE B 399 -5.62 7.62 -39.70
CA PHE B 399 -4.73 7.13 -40.74
C PHE B 399 -5.33 7.44 -42.10
N SER B 400 -4.49 7.94 -43.01
CA SER B 400 -4.90 8.30 -44.36
C SER B 400 -3.86 7.82 -45.36
N PRO B 401 -3.92 6.55 -45.76
CA PRO B 401 -2.98 6.04 -46.76
C PRO B 401 -3.31 6.57 -48.15
N VAL B 402 -2.34 6.44 -49.05
CA VAL B 402 -2.48 6.92 -50.42
C VAL B 402 -2.38 5.82 -51.46
N HIS B 403 -1.89 4.63 -51.12
CA HIS B 403 -1.85 3.51 -52.06
C HIS B 403 -1.94 2.21 -51.26
N PHE B 404 -1.81 1.09 -51.95
CA PHE B 404 -2.10 -0.22 -51.36
C PHE B 404 -1.00 -0.74 -50.45
N GLN B 405 0.20 -0.17 -50.50
CA GLN B 405 1.30 -0.63 -49.66
C GLN B 405 1.39 0.11 -48.32
N GLN B 406 0.44 1.01 -48.04
CA GLN B 406 0.37 1.71 -46.77
C GLN B 406 -0.83 1.16 -45.98
N SER B 407 -0.55 0.66 -44.77
CA SER B 407 -1.59 0.10 -43.93
C SER B 407 -1.22 0.29 -42.47
N ALA B 408 -2.23 0.24 -41.60
CA ALA B 408 -2.04 0.42 -40.17
C ALA B 408 -3.26 -0.12 -39.44
N GLY B 409 -3.02 -0.76 -38.30
CA GLY B 409 -4.15 -1.28 -37.53
C GLY B 409 -3.71 -2.07 -36.32
N LEU B 410 -4.51 -3.08 -36.00
CA LEU B 410 -4.40 -3.88 -34.79
C LEU B 410 -4.00 -5.30 -35.14
N THR B 411 -3.05 -5.86 -34.39
CA THR B 411 -2.51 -7.19 -34.68
C THR B 411 -2.46 -8.04 -33.43
N CYS B 412 -2.75 -9.33 -33.60
CA CYS B 412 -2.46 -10.38 -32.63
C CYS B 412 -1.34 -11.22 -33.20
N TYR B 413 -0.20 -11.25 -32.50
CA TYR B 413 1.06 -11.66 -33.09
C TYR B 413 1.75 -12.68 -32.20
N TYR B 414 2.20 -13.78 -32.79
CA TYR B 414 3.08 -14.72 -32.11
C TYR B 414 4.51 -14.62 -32.62
N ASN B 415 4.75 -14.90 -33.90
CA ASN B 415 6.06 -14.70 -34.50
C ASN B 415 5.84 -14.18 -35.92
N SER B 416 6.94 -14.03 -36.67
CA SER B 416 6.89 -13.44 -38.00
C SER B 416 6.09 -14.27 -39.01
N LYS B 417 5.77 -15.52 -38.69
CA LYS B 417 5.04 -16.39 -39.59
C LYS B 417 3.67 -16.78 -39.06
N ASN B 418 3.26 -16.23 -37.91
CA ASN B 418 1.98 -16.59 -37.31
C ASN B 418 1.40 -15.35 -36.64
N TRP B 419 0.41 -14.74 -37.30
CA TRP B 419 -0.24 -13.55 -36.76
C TRP B 419 -1.47 -13.24 -37.59
N SER B 420 -2.34 -12.40 -37.04
CA SER B 420 -3.47 -11.82 -37.76
C SER B 420 -3.40 -10.31 -37.60
N TYR B 421 -3.98 -9.59 -38.57
CA TYR B 421 -3.72 -8.16 -38.71
C TYR B 421 -4.89 -7.50 -39.43
N CYS B 422 -5.72 -6.79 -38.66
CA CYS B 422 -6.85 -6.02 -39.19
C CYS B 422 -6.44 -4.56 -39.29
N PHE B 423 -6.55 -3.99 -40.49
CA PHE B 423 -5.94 -2.69 -40.75
C PHE B 423 -6.83 -1.85 -41.66
N VAL B 424 -6.43 -0.59 -41.79
CA VAL B 424 -7.01 0.34 -42.76
C VAL B 424 -5.96 0.58 -43.84
N ASP B 425 -6.38 0.51 -45.11
CA ASP B 425 -5.48 0.72 -46.23
C ASP B 425 -6.18 1.64 -47.23
N TYR B 426 -5.61 1.73 -48.44
CA TYR B 426 -6.20 2.49 -49.53
C TYR B 426 -6.29 1.60 -50.75
N GLU B 427 -7.49 1.54 -51.35
CA GLU B 427 -7.69 0.80 -52.58
C GLU B 427 -7.92 1.78 -53.73
N GLU B 428 -7.39 1.41 -54.91
CA GLU B 428 -7.29 2.36 -56.01
C GLU B 428 -8.64 2.87 -56.49
N GLY B 429 -9.68 2.05 -56.40
CA GLY B 429 -10.97 2.42 -56.95
C GLY B 429 -12.01 2.85 -55.94
N GLN B 430 -11.72 2.68 -54.65
CA GLN B 430 -12.69 2.96 -53.59
C GLN B 430 -12.24 4.07 -52.67
N GLY B 431 -11.07 3.95 -52.06
CA GLY B 431 -10.64 4.86 -51.03
C GLY B 431 -10.13 4.10 -49.83
N ARG B 432 -10.34 4.61 -48.63
CA ARG B 432 -9.92 3.91 -47.42
C ARG B 432 -10.79 2.70 -47.18
N THR B 433 -10.16 1.54 -46.97
CA THR B 433 -10.88 0.31 -46.70
C THR B 433 -10.26 -0.39 -45.48
N ILE B 434 -11.01 -1.35 -44.94
CA ILE B 434 -10.55 -2.19 -43.83
C ILE B 434 -10.40 -3.61 -44.35
N LYS B 435 -9.23 -4.20 -44.11
CA LYS B 435 -8.94 -5.57 -44.53
C LYS B 435 -8.28 -6.32 -43.37
N VAL B 436 -8.07 -7.62 -43.60
CA VAL B 436 -7.41 -8.49 -42.62
C VAL B 436 -6.41 -9.38 -43.34
N ILE B 437 -5.31 -9.68 -42.66
CA ILE B 437 -4.30 -10.63 -43.13
C ILE B 437 -4.00 -11.59 -42.00
N GLN B 438 -4.01 -12.89 -42.29
CA GLN B 438 -3.58 -13.89 -41.33
C GLN B 438 -2.45 -14.71 -41.93
N LEU B 439 -1.36 -14.84 -41.17
CA LEU B 439 -0.31 -15.80 -41.48
C LEU B 439 -0.51 -17.00 -40.55
N ASP B 440 -0.70 -18.18 -41.15
CA ASP B 440 -0.96 -19.42 -40.43
C ASP B 440 0.05 -20.45 -40.93
N HIS B 441 1.02 -20.80 -40.09
CA HIS B 441 2.14 -21.63 -40.50
C HIS B 441 2.80 -21.04 -41.76
N ASN B 442 2.90 -19.71 -41.78
CA ASN B 442 3.43 -18.92 -42.88
C ASN B 442 2.57 -18.96 -44.14
N VAL B 443 1.33 -19.42 -44.04
CA VAL B 443 0.41 -19.50 -45.17
C VAL B 443 -0.52 -18.28 -45.11
N PRO B 444 -0.69 -17.55 -46.21
CA PRO B 444 -1.49 -16.32 -46.16
C PRO B 444 -2.99 -16.59 -46.23
N SER B 445 -3.74 -15.68 -45.61
CA SER B 445 -5.20 -15.75 -45.59
C SER B 445 -5.72 -14.31 -45.64
N TRP B 446 -6.36 -13.93 -46.74
CA TRP B 446 -6.91 -12.59 -46.92
C TRP B 446 -8.30 -12.69 -47.52
N PRO B 447 -9.32 -12.99 -46.70
CA PRO B 447 -10.67 -13.21 -47.22
C PRO B 447 -11.43 -11.95 -47.59
N LEU B 448 -10.86 -10.76 -47.38
CA LEU B 448 -11.57 -9.51 -47.61
C LEU B 448 -10.95 -8.64 -48.69
N HIS B 449 -9.86 -9.07 -49.33
CA HIS B 449 -9.20 -8.22 -50.32
C HIS B 449 -10.04 -8.05 -51.57
N GLU B 450 -10.90 -9.03 -51.88
CA GLU B 450 -11.77 -8.91 -53.05
C GLU B 450 -12.99 -8.04 -52.77
N GLN B 451 -13.45 -8.00 -51.52
CA GLN B 451 -14.60 -7.19 -51.11
C GLN B 451 -14.28 -6.50 -49.79
N PRO B 452 -13.46 -5.47 -49.83
CA PRO B 452 -13.05 -4.80 -48.59
C PRO B 452 -14.18 -4.02 -47.96
N ILE B 453 -13.97 -3.64 -46.70
CA ILE B 453 -14.96 -2.90 -45.92
C ILE B 453 -14.71 -1.42 -46.13
N PRO B 454 -15.64 -0.66 -46.71
CA PRO B 454 -15.38 0.74 -47.01
C PRO B 454 -15.35 1.59 -45.75
N VAL B 455 -14.47 2.59 -45.76
CA VAL B 455 -14.32 3.55 -44.67
C VAL B 455 -14.88 4.89 -45.16
N PRO B 456 -15.75 5.54 -44.40
CA PRO B 456 -16.28 6.84 -44.84
C PRO B 456 -15.15 7.86 -44.99
N GLU B 457 -15.20 8.63 -46.07
CA GLU B 457 -14.11 9.54 -46.39
C GLU B 457 -13.91 10.60 -45.31
N GLN B 458 -15.00 11.04 -44.68
CA GLN B 458 -14.93 12.06 -43.63
C GLN B 458 -15.04 11.47 -42.23
N ALA B 459 -14.67 10.20 -42.07
CA ALA B 459 -14.52 9.60 -40.75
C ALA B 459 -13.13 9.94 -40.24
N GLU B 460 -13.05 10.86 -39.27
CA GLU B 460 -11.75 11.34 -38.82
C GLU B 460 -10.98 10.27 -38.03
N SER B 461 -11.70 9.33 -37.40
CA SER B 461 -11.07 8.29 -36.62
C SER B 461 -11.71 6.95 -36.92
N VAL B 462 -10.89 5.91 -36.97
CA VAL B 462 -11.35 4.54 -37.15
C VAL B 462 -10.98 3.77 -35.88
N TRP B 463 -11.99 3.41 -35.10
CA TRP B 463 -11.78 2.59 -33.91
C TRP B 463 -11.57 1.13 -34.32
N LEU B 464 -10.64 0.46 -33.63
CA LEU B 464 -10.38 -0.95 -33.86
C LEU B 464 -10.39 -1.69 -32.54
N ARG B 465 -10.81 -2.96 -32.59
CA ARG B 465 -11.08 -3.73 -31.39
C ARG B 465 -10.91 -5.21 -31.68
N VAL B 466 -10.35 -5.94 -30.73
CA VAL B 466 -10.27 -7.40 -30.80
C VAL B 466 -10.83 -7.98 -29.51
N ASP B 467 -11.71 -8.96 -29.65
CA ASP B 467 -12.32 -9.66 -28.51
C ASP B 467 -11.82 -11.10 -28.54
N VAL B 468 -11.06 -11.47 -27.51
CA VAL B 468 -10.52 -12.81 -27.38
C VAL B 468 -11.36 -13.59 -26.39
N ASP B 469 -11.78 -14.79 -26.77
CA ASP B 469 -12.58 -15.66 -25.89
C ASP B 469 -12.03 -17.08 -26.01
N ARG B 470 -11.05 -17.39 -25.16
CA ARG B 470 -10.44 -18.71 -25.10
C ARG B 470 -9.95 -19.19 -26.46
N LEU B 471 -10.66 -20.13 -27.08
CA LEU B 471 -10.14 -20.78 -28.28
C LEU B 471 -10.18 -19.88 -29.52
N VAL B 472 -11.06 -18.87 -29.55
CA VAL B 472 -11.22 -18.04 -30.74
C VAL B 472 -11.18 -16.57 -30.36
N TYR B 473 -10.94 -15.73 -31.38
CA TYR B 473 -11.00 -14.28 -31.21
C TYR B 473 -11.48 -13.65 -32.52
N ARG B 474 -12.06 -12.45 -32.39
CA ARG B 474 -12.62 -11.75 -33.53
C ARG B 474 -12.30 -10.26 -33.42
N TYR B 475 -12.17 -9.61 -34.58
CA TYR B 475 -11.94 -8.18 -34.64
C TYR B 475 -13.26 -7.44 -34.81
N SER B 476 -13.29 -6.20 -34.34
CA SER B 476 -14.41 -5.30 -34.56
C SER B 476 -13.88 -3.90 -34.85
N TYR B 477 -14.74 -3.07 -35.43
CA TYR B 477 -14.36 -1.72 -35.81
C TYR B 477 -15.53 -0.77 -35.59
N SER B 478 -15.24 0.53 -35.74
CA SER B 478 -16.26 1.56 -35.61
C SER B 478 -15.74 2.84 -36.26
N PHE B 479 -16.68 3.74 -36.56
CA PHE B 479 -16.35 5.06 -37.09
C PHE B 479 -16.88 6.18 -36.21
N ASP B 480 -17.55 5.87 -35.11
CA ASP B 480 -18.04 6.86 -34.17
C ASP B 480 -17.68 6.58 -32.72
N GLY B 481 -17.20 5.38 -32.40
CA GLY B 481 -16.80 5.04 -31.05
C GLY B 481 -17.88 4.48 -30.16
N GLU B 482 -19.10 4.34 -30.65
CA GLU B 482 -20.20 3.84 -29.84
C GLU B 482 -20.93 2.66 -30.47
N THR B 483 -21.10 2.67 -31.79
CA THR B 483 -21.72 1.56 -32.52
C THR B 483 -20.62 0.80 -33.25
N TRP B 484 -20.51 -0.49 -32.98
CA TRP B 484 -19.41 -1.32 -33.47
C TRP B 484 -19.91 -2.38 -34.43
N HIS B 485 -19.05 -2.76 -35.36
CA HIS B 485 -19.35 -3.78 -36.35
C HIS B 485 -18.29 -4.87 -36.29
N ALA B 486 -18.73 -6.12 -36.30
CA ALA B 486 -17.81 -7.24 -36.34
C ALA B 486 -17.26 -7.42 -37.75
N VAL B 487 -16.04 -7.92 -37.84
CA VAL B 487 -15.43 -8.31 -39.10
C VAL B 487 -15.67 -9.81 -39.27
N PRO B 488 -16.39 -10.25 -40.31
CA PRO B 488 -16.89 -11.63 -40.35
C PRO B 488 -15.81 -12.67 -40.59
N VAL B 489 -14.78 -12.69 -39.76
CA VAL B 489 -13.75 -13.73 -39.77
C VAL B 489 -13.45 -14.11 -38.33
N THR B 490 -13.53 -15.40 -38.02
CA THR B 490 -13.22 -15.92 -36.70
C THR B 490 -11.85 -16.57 -36.75
N TYR B 491 -10.93 -16.09 -35.92
CA TYR B 491 -9.57 -16.61 -35.87
C TYR B 491 -9.40 -17.53 -34.67
N GLU B 492 -8.44 -18.45 -34.80
CA GLU B 492 -8.17 -19.43 -33.75
C GLU B 492 -7.07 -18.90 -32.85
N ALA B 493 -7.41 -18.67 -31.57
CA ALA B 493 -6.41 -18.21 -30.62
C ALA B 493 -5.43 -19.30 -30.26
N TRP B 494 -5.86 -20.57 -30.32
CA TRP B 494 -4.98 -21.67 -29.97
C TRP B 494 -3.87 -21.88 -30.99
N LYS B 495 -4.02 -21.32 -32.19
CA LYS B 495 -2.95 -21.38 -33.19
C LYS B 495 -1.81 -20.43 -32.88
N LEU B 496 -2.06 -19.40 -32.05
CA LEU B 496 -1.00 -18.48 -31.64
C LEU B 496 -0.25 -19.06 -30.45
N SER B 497 0.23 -20.29 -30.61
CA SER B 497 0.95 -20.97 -29.54
C SER B 497 1.99 -21.90 -30.16
N ASP B 498 3.04 -22.18 -29.39
CA ASP B 498 4.06 -23.12 -29.84
C ASP B 498 3.52 -24.53 -29.96
N ASP B 499 2.42 -24.85 -29.27
CA ASP B 499 1.82 -26.17 -29.41
C ASP B 499 1.31 -26.40 -30.82
N TYR B 500 0.79 -25.35 -31.47
CA TYR B 500 0.32 -25.47 -32.84
C TYR B 500 1.43 -25.23 -33.86
N ILE B 501 2.26 -24.22 -33.64
CA ILE B 501 3.22 -23.81 -34.66
C ILE B 501 4.32 -24.84 -34.82
N GLY B 502 4.81 -25.39 -33.70
CA GLY B 502 5.89 -26.35 -33.78
C GLY B 502 7.22 -25.70 -34.14
N GLY B 503 8.05 -26.47 -34.83
CA GLY B 503 9.38 -26.00 -35.21
C GLY B 503 10.35 -26.02 -34.05
N ARG B 504 11.57 -25.60 -34.34
CA ARG B 504 12.62 -25.58 -33.32
C ARG B 504 12.55 -24.36 -32.41
N GLY B 505 11.70 -23.39 -32.72
CA GLY B 505 11.47 -22.29 -31.82
C GLY B 505 10.79 -22.74 -30.54
N PHE B 506 11.02 -21.98 -29.48
CA PHE B 506 10.47 -22.30 -28.17
C PHE B 506 9.29 -21.39 -27.83
N ALA B 507 8.48 -21.85 -26.90
CA ALA B 507 7.22 -21.18 -26.57
C ALA B 507 7.49 -19.81 -25.95
N THR B 508 6.98 -18.77 -26.58
CA THR B 508 7.02 -17.44 -26.00
C THR B 508 5.65 -17.09 -25.42
N GLY B 509 4.75 -16.65 -26.29
CA GLY B 509 3.41 -16.28 -25.88
C GLY B 509 2.81 -15.28 -26.85
N ALA B 510 1.48 -15.26 -26.89
CA ALA B 510 0.78 -14.38 -27.81
C ALA B 510 0.86 -12.93 -27.35
N PHE B 511 0.96 -12.03 -28.33
CA PHE B 511 0.96 -10.60 -28.09
C PHE B 511 -0.22 -9.96 -28.83
N VAL B 512 -0.55 -8.73 -28.45
CA VAL B 512 -1.50 -7.91 -29.18
C VAL B 512 -0.96 -6.49 -29.21
N GLY B 513 -0.97 -5.87 -30.39
CA GLY B 513 -0.37 -4.55 -30.46
C GLY B 513 -0.85 -3.73 -31.65
N LEU B 514 -0.23 -2.56 -31.79
CA LEU B 514 -0.54 -1.62 -32.84
C LEU B 514 0.56 -1.63 -33.87
N HIS B 515 0.20 -1.47 -35.15
CA HIS B 515 1.15 -1.63 -36.23
C HIS B 515 0.84 -0.64 -37.34
N CYS B 516 1.89 -0.15 -37.99
CA CYS B 516 1.79 0.64 -39.21
C CYS B 516 2.97 0.29 -40.10
N GLU B 517 2.70 0.11 -41.40
CA GLU B 517 3.74 -0.24 -42.35
C GLU B 517 3.56 0.54 -43.64
N ASP B 518 4.68 0.73 -44.34
CA ASP B 518 4.68 1.29 -45.70
C ASP B 518 5.70 0.46 -46.48
N ILE B 519 5.21 -0.56 -47.19
CA ILE B 519 6.08 -1.39 -48.01
C ILE B 519 6.71 -0.55 -49.11
N SER B 520 6.01 0.49 -49.57
CA SER B 520 6.55 1.35 -50.61
C SER B 520 7.76 2.15 -50.15
N GLY B 521 7.92 2.36 -48.85
CA GLY B 521 8.97 3.25 -48.39
C GLY B 521 8.75 4.72 -48.69
N ASP B 522 7.56 5.07 -49.17
CA ASP B 522 7.28 6.48 -49.48
C ASP B 522 7.28 7.33 -48.23
N GLY B 523 6.69 6.82 -47.15
CA GLY B 523 6.53 7.60 -45.94
C GLY B 523 5.08 7.76 -45.56
N CYS B 524 4.69 7.20 -44.42
CA CYS B 524 3.33 7.32 -43.93
C CYS B 524 3.37 7.34 -42.40
N HIS B 525 2.22 7.60 -41.80
CA HIS B 525 2.14 7.59 -40.35
C HIS B 525 0.69 7.44 -39.92
N ALA B 526 0.49 6.72 -38.82
CA ALA B 526 -0.81 6.54 -38.20
C ALA B 526 -0.73 6.95 -36.73
N ASP B 527 -1.73 7.69 -36.29
CA ASP B 527 -1.79 8.17 -34.92
C ASP B 527 -2.78 7.32 -34.12
N PHE B 528 -2.40 6.98 -32.89
CA PHE B 528 -3.22 6.17 -32.01
C PHE B 528 -3.48 6.95 -30.73
N ASP B 529 -4.76 7.19 -30.42
CA ASP B 529 -5.11 8.00 -29.26
C ASP B 529 -4.83 7.25 -27.96
N TYR B 530 -5.15 5.96 -27.93
CA TYR B 530 -4.97 5.16 -26.73
C TYR B 530 -4.80 3.69 -27.12
N PHE B 531 -4.55 2.86 -26.11
CA PHE B 531 -4.47 1.41 -26.27
C PHE B 531 -4.96 0.78 -24.98
N THR B 532 -6.03 0.00 -25.05
CA THR B 532 -6.67 -0.60 -23.88
C THR B 532 -6.48 -2.11 -23.89
N TYR B 533 -6.35 -2.66 -22.68
CA TYR B 533 -6.35 -4.11 -22.46
C TYR B 533 -7.24 -4.34 -21.25
N GLU B 534 -8.40 -4.98 -21.46
CA GLU B 534 -9.40 -5.14 -20.42
C GLU B 534 -9.80 -6.60 -20.31
N PRO B 535 -9.31 -7.33 -19.30
CA PRO B 535 -9.72 -8.73 -19.13
C PRO B 535 -11.18 -8.84 -18.72
N ALA B 536 -11.70 -10.05 -18.85
CA ALA B 536 -13.11 -10.32 -18.55
C ALA B 536 -13.43 -10.06 -17.09
N MET C 1 -19.96 -25.07 -18.13
CA MET C 1 -19.79 -25.39 -16.71
C MET C 1 -20.85 -26.36 -16.22
N GLU C 2 -20.48 -27.22 -15.28
CA GLU C 2 -21.39 -28.25 -14.74
C GLU C 2 -21.23 -28.31 -13.23
N ILE C 3 -22.27 -27.88 -12.51
CA ILE C 3 -22.27 -27.93 -11.05
C ILE C 3 -22.91 -29.24 -10.60
N THR C 4 -22.27 -29.91 -9.65
CA THR C 4 -22.80 -31.12 -9.05
C THR C 4 -23.32 -30.78 -7.66
N ASN C 5 -24.60 -31.09 -7.40
CA ASN C 5 -25.31 -30.80 -6.16
C ASN C 5 -25.12 -31.95 -5.16
N PRO C 6 -25.19 -31.66 -3.85
CA PRO C 6 -25.36 -30.34 -3.24
C PRO C 6 -24.09 -29.48 -3.29
N ILE C 7 -24.26 -28.16 -3.40
CA ILE C 7 -23.10 -27.27 -3.39
C ILE C 7 -22.58 -27.08 -1.97
N LEU C 8 -23.47 -27.02 -1.00
CA LEU C 8 -23.11 -27.02 0.42
C LEU C 8 -23.57 -28.35 1.01
N THR C 9 -22.63 -29.14 1.50
CA THR C 9 -22.94 -30.47 2.02
C THR C 9 -23.13 -30.40 3.53
N GLY C 10 -23.82 -31.40 4.06
CA GLY C 10 -24.12 -31.43 5.46
C GLY C 10 -25.21 -30.44 5.85
N PHE C 11 -25.44 -30.34 7.16
CA PHE C 11 -26.43 -29.46 7.75
C PHE C 11 -26.28 -28.03 7.23
N ASN C 12 -27.10 -27.66 6.26
CA ASN C 12 -27.09 -26.33 5.64
C ASN C 12 -28.44 -26.04 4.99
N PRO C 13 -29.51 -25.88 5.75
CA PRO C 13 -30.84 -25.69 5.16
C PRO C 13 -31.15 -24.23 4.89
N ASP C 14 -32.26 -24.02 4.20
CA ASP C 14 -32.81 -22.70 3.93
C ASP C 14 -31.80 -21.75 3.29
N PRO C 15 -31.28 -22.08 2.11
CA PRO C 15 -30.29 -21.19 1.48
C PRO C 15 -30.92 -19.88 1.04
N SER C 16 -30.30 -18.78 1.49
CA SER C 16 -30.69 -17.43 1.08
C SER C 16 -29.62 -16.90 0.14
N LEU C 17 -29.97 -16.75 -1.14
CA LEU C 17 -29.03 -16.41 -2.19
C LEU C 17 -29.12 -14.92 -2.52
N CYS C 18 -27.97 -14.25 -2.52
CA CYS C 18 -27.88 -12.84 -2.87
C CYS C 18 -26.58 -12.62 -3.63
N ARG C 19 -26.40 -11.39 -4.11
CA ARG C 19 -25.16 -11.07 -4.81
C ARG C 19 -24.86 -9.58 -4.65
N GLN C 20 -23.57 -9.29 -4.48
CA GLN C 20 -23.05 -7.93 -4.50
C GLN C 20 -22.14 -7.84 -5.74
N GLY C 21 -22.73 -7.40 -6.85
CA GLY C 21 -22.01 -7.37 -8.11
C GLY C 21 -21.71 -8.76 -8.63
N GLU C 22 -20.42 -9.08 -8.75
CA GLU C 22 -19.99 -10.38 -9.23
C GLU C 22 -19.72 -11.37 -8.09
N ASP C 23 -19.92 -10.96 -6.85
CA ASP C 23 -19.73 -11.83 -5.69
C ASP C 23 -21.08 -12.36 -5.24
N TYR C 24 -21.17 -13.68 -5.04
CA TYR C 24 -22.41 -14.36 -4.72
C TYR C 24 -22.33 -14.99 -3.34
N TYR C 25 -23.40 -14.86 -2.57
CA TYR C 25 -23.42 -15.26 -1.18
C TYR C 25 -24.66 -16.10 -0.88
N ILE C 26 -24.48 -17.11 -0.02
CA ILE C 26 -25.57 -17.96 0.44
C ILE C 26 -25.49 -18.04 1.97
N ALA C 27 -26.58 -17.67 2.64
CA ALA C 27 -26.71 -17.84 4.07
C ALA C 27 -27.54 -19.08 4.37
N THR C 28 -27.20 -19.79 5.44
CA THR C 28 -27.90 -20.98 5.85
C THR C 28 -28.31 -20.88 7.31
N SER C 29 -29.36 -21.61 7.66
CA SER C 29 -29.84 -21.64 9.04
C SER C 29 -28.97 -22.56 9.88
N THR C 30 -28.88 -22.24 11.17
CA THR C 30 -28.01 -22.96 12.09
C THR C 30 -28.71 -23.49 13.33
N PHE C 31 -29.96 -23.09 13.58
CA PHE C 31 -30.80 -23.64 14.66
C PHE C 31 -30.11 -23.37 15.99
N GLU C 32 -29.84 -24.39 16.81
CA GLU C 32 -29.30 -24.18 18.15
C GLU C 32 -27.77 -24.15 18.19
N TRP C 33 -27.11 -24.25 17.04
CA TRP C 33 -25.66 -24.27 17.00
C TRP C 33 -25.12 -22.83 16.95
N PHE C 34 -24.13 -22.54 17.80
CA PHE C 34 -23.53 -21.22 17.92
C PHE C 34 -22.12 -21.20 17.34
N PRO C 35 -21.73 -20.15 16.61
CA PRO C 35 -22.53 -18.94 16.32
C PRO C 35 -23.61 -19.18 15.27
N GLY C 36 -24.52 -18.21 15.12
CA GLY C 36 -25.66 -18.37 14.25
C GLY C 36 -25.42 -17.90 12.83
N VAL C 37 -26.04 -18.62 11.89
CA VAL C 37 -26.03 -18.32 10.45
C VAL C 37 -24.63 -18.56 9.88
N ARG C 38 -24.59 -19.27 8.75
CA ARG C 38 -23.35 -19.52 8.02
C ARG C 38 -23.49 -18.95 6.61
N ILE C 39 -22.56 -18.06 6.25
CA ILE C 39 -22.59 -17.36 4.98
C ILE C 39 -21.44 -17.87 4.13
N TYR C 40 -21.76 -18.36 2.94
CA TYR C 40 -20.77 -18.90 2.01
C TYR C 40 -20.64 -17.97 0.81
N HIS C 41 -19.43 -17.88 0.27
CA HIS C 41 -19.13 -16.99 -0.85
C HIS C 41 -18.71 -17.78 -2.07
N SER C 42 -19.09 -17.27 -3.24
CA SER C 42 -18.69 -17.89 -4.50
C SER C 42 -18.61 -16.82 -5.57
N ARG C 43 -17.86 -17.13 -6.62
CA ARG C 43 -17.81 -16.32 -7.83
C ARG C 43 -18.19 -17.08 -9.08
N ASP C 44 -18.39 -18.39 -8.99
CA ASP C 44 -18.78 -19.23 -10.12
C ASP C 44 -20.03 -20.03 -9.84
N LEU C 45 -20.66 -19.83 -8.67
CA LEU C 45 -21.88 -20.51 -8.25
C LEU C 45 -21.67 -21.99 -8.01
N LYS C 46 -20.45 -22.49 -8.24
CA LYS C 46 -20.15 -23.90 -8.08
C LYS C 46 -19.33 -24.19 -6.83
N ASN C 47 -18.27 -23.41 -6.58
CA ASN C 47 -17.37 -23.61 -5.46
C ASN C 47 -17.65 -22.55 -4.41
N TRP C 48 -17.88 -22.98 -3.17
CA TRP C 48 -18.29 -22.09 -2.10
C TRP C 48 -17.34 -22.20 -0.92
N THR C 49 -17.22 -21.12 -0.16
CA THR C 49 -16.28 -21.05 0.96
C THR C 49 -16.90 -20.25 2.09
N LEU C 50 -16.81 -20.79 3.30
CA LEU C 50 -17.34 -20.13 4.50
C LEU C 50 -16.60 -18.81 4.73
N VAL C 51 -17.35 -17.71 4.72
CA VAL C 51 -16.76 -16.39 4.88
C VAL C 51 -17.29 -15.65 6.11
N SER C 52 -18.47 -15.97 6.63
CA SER C 52 -19.02 -15.22 7.74
C SER C 52 -19.87 -16.12 8.62
N THR C 53 -19.69 -15.96 9.93
CA THR C 53 -20.58 -16.50 10.96
C THR C 53 -21.05 -15.29 11.76
N PRO C 54 -22.01 -14.52 11.24
CA PRO C 54 -22.20 -13.15 11.74
C PRO C 54 -22.79 -13.05 13.12
N LEU C 55 -23.64 -13.98 13.54
CA LEU C 55 -24.30 -13.89 14.85
C LEU C 55 -23.42 -14.59 15.90
N ASP C 56 -22.33 -13.91 16.27
CA ASP C 56 -21.36 -14.48 17.20
C ASP C 56 -21.25 -13.68 18.50
N ARG C 57 -22.27 -12.91 18.85
CA ARG C 57 -22.34 -12.24 20.14
C ARG C 57 -23.67 -12.59 20.80
N VAL C 58 -23.65 -12.77 22.12
CA VAL C 58 -24.88 -13.06 22.85
C VAL C 58 -25.86 -11.90 22.71
N SER C 59 -25.35 -10.67 22.60
CA SER C 59 -26.21 -9.53 22.37
C SER C 59 -26.96 -9.61 21.05
N MET C 60 -26.50 -10.46 20.13
CA MET C 60 -27.19 -10.71 18.88
C MET C 60 -28.06 -11.96 18.93
N LEU C 61 -27.60 -13.01 19.60
CA LEU C 61 -28.30 -14.29 19.61
C LEU C 61 -28.07 -14.96 20.95
N ASP C 62 -29.13 -15.05 21.76
CA ASP C 62 -29.07 -15.59 23.12
C ASP C 62 -29.91 -16.86 23.16
N MET C 63 -29.26 -18.01 23.01
CA MET C 63 -29.94 -19.28 22.81
C MET C 63 -29.81 -20.24 23.98
N LYS C 64 -29.31 -19.79 25.14
CA LYS C 64 -29.24 -20.67 26.28
C LYS C 64 -30.65 -21.09 26.71
N GLY C 65 -30.83 -22.40 26.93
CA GLY C 65 -32.12 -22.93 27.26
C GLY C 65 -33.05 -23.16 26.08
N ASN C 66 -32.66 -22.74 24.88
CA ASN C 66 -33.48 -22.96 23.70
C ASN C 66 -33.72 -24.46 23.51
N PRO C 67 -34.90 -24.86 23.04
CA PRO C 67 -35.15 -26.28 22.79
C PRO C 67 -34.44 -26.76 21.53
N ASP C 68 -34.27 -28.07 21.44
CA ASP C 68 -33.76 -28.69 20.23
C ASP C 68 -34.59 -28.26 19.03
N SER C 69 -33.90 -28.04 17.91
CA SER C 69 -34.49 -27.55 16.67
C SER C 69 -35.11 -26.16 16.81
N GLY C 70 -34.78 -25.44 17.88
CA GLY C 70 -35.14 -24.05 18.02
C GLY C 70 -34.04 -23.17 17.47
N GLY C 71 -34.06 -21.91 17.87
CA GLY C 71 -32.96 -21.03 17.50
C GLY C 71 -33.14 -20.54 16.08
N ILE C 72 -32.06 -20.53 15.31
CA ILE C 72 -32.01 -19.88 14.01
C ILE C 72 -32.71 -20.74 12.97
N TRP C 73 -33.90 -20.32 12.55
CA TRP C 73 -34.58 -20.93 11.42
C TRP C 73 -34.10 -20.23 10.14
N ALA C 74 -34.91 -20.26 9.09
CA ALA C 74 -34.51 -19.74 7.79
C ALA C 74 -34.13 -18.25 7.89
N PRO C 75 -32.90 -17.88 7.57
CA PRO C 75 -32.54 -16.47 7.45
C PRO C 75 -32.75 -15.97 6.02
N CYS C 76 -32.69 -14.65 5.87
CA CYS C 76 -32.74 -14.01 4.56
C CYS C 76 -31.63 -12.98 4.51
N LEU C 77 -30.63 -13.20 3.66
CA LEU C 77 -29.54 -12.26 3.46
C LEU C 77 -29.71 -11.60 2.10
N SER C 78 -29.70 -10.27 2.08
CA SER C 78 -29.84 -9.51 0.86
C SER C 78 -28.85 -8.36 0.86
N TYR C 79 -28.58 -7.83 -0.32
CA TYR C 79 -27.70 -6.69 -0.50
C TYR C 79 -28.47 -5.58 -1.20
N ALA C 80 -28.44 -4.38 -0.61
CA ALA C 80 -29.13 -3.23 -1.18
C ALA C 80 -28.63 -1.97 -0.48
N ASP C 81 -28.64 -0.87 -1.23
CA ASP C 81 -28.22 0.44 -0.72
C ASP C 81 -26.79 0.39 -0.15
N GLY C 82 -25.94 -0.41 -0.78
CA GLY C 82 -24.54 -0.47 -0.40
C GLY C 82 -24.23 -1.21 0.88
N LYS C 83 -25.15 -2.03 1.38
CA LYS C 83 -24.89 -2.78 2.60
C LYS C 83 -25.71 -4.06 2.59
N PHE C 84 -25.28 -5.02 3.42
CA PHE C 84 -25.95 -6.30 3.54
C PHE C 84 -27.02 -6.24 4.63
N TRP C 85 -28.17 -6.85 4.36
CA TRP C 85 -29.27 -6.93 5.30
C TRP C 85 -29.48 -8.39 5.68
N LEU C 86 -29.65 -8.65 6.98
CA LEU C 86 -29.76 -10.01 7.49
C LEU C 86 -30.93 -10.09 8.45
N LEU C 87 -31.96 -10.86 8.09
CA LEU C 87 -33.09 -11.14 8.96
C LEU C 87 -32.97 -12.56 9.49
N TYR C 88 -33.24 -12.73 10.79
CA TYR C 88 -33.15 -14.07 11.37
C TYR C 88 -34.17 -14.21 12.50
N THR C 89 -34.55 -15.46 12.75
CA THR C 89 -35.54 -15.81 13.76
C THR C 89 -34.90 -16.67 14.84
N ASP C 90 -35.09 -16.27 16.10
CA ASP C 90 -34.66 -17.07 17.25
C ASP C 90 -35.91 -17.70 17.85
N VAL C 91 -36.12 -18.99 17.57
CA VAL C 91 -37.33 -19.69 17.97
C VAL C 91 -37.16 -20.22 19.39
N LYS C 92 -38.15 -19.97 20.24
CA LYS C 92 -38.08 -20.32 21.65
C LYS C 92 -39.00 -21.48 22.05
N ILE C 93 -39.95 -21.87 21.21
CA ILE C 93 -40.81 -23.01 21.46
C ILE C 93 -40.81 -23.90 20.23
N VAL C 94 -40.82 -25.21 20.44
CA VAL C 94 -40.84 -26.17 19.34
C VAL C 94 -41.94 -27.21 19.56
N ASP C 95 -41.78 -28.05 20.58
CA ASP C 95 -42.73 -29.14 20.81
C ASP C 95 -43.97 -28.60 21.51
N SER C 96 -44.83 -27.96 20.70
CA SER C 96 -46.07 -27.37 21.18
C SER C 96 -46.98 -27.18 19.98
N PRO C 97 -48.30 -27.17 20.17
CA PRO C 97 -49.20 -26.95 19.02
C PRO C 97 -48.92 -25.66 18.26
N TRP C 98 -48.26 -24.69 18.88
CA TRP C 98 -47.80 -23.49 18.20
C TRP C 98 -46.52 -23.03 18.86
N LYS C 99 -45.83 -22.10 18.19
CA LYS C 99 -44.48 -21.73 18.59
C LYS C 99 -44.37 -20.22 18.78
N ASN C 100 -43.32 -19.81 19.50
CA ASN C 100 -42.97 -18.42 19.70
C ASN C 100 -41.51 -18.21 19.29
N GLY C 101 -41.19 -16.97 18.95
CA GLY C 101 -39.86 -16.65 18.51
C GLY C 101 -39.62 -15.16 18.54
N ARG C 102 -38.49 -14.76 17.94
CA ARG C 102 -38.13 -13.36 17.83
C ARG C 102 -37.43 -13.14 16.49
N ASN C 103 -37.86 -12.12 15.75
CA ASN C 103 -37.25 -11.76 14.48
C ASN C 103 -36.39 -10.52 14.65
N PHE C 104 -35.20 -10.53 14.06
CA PHE C 104 -34.25 -9.44 14.19
C PHE C 104 -33.68 -9.09 12.83
N LEU C 105 -33.15 -7.88 12.72
CA LEU C 105 -32.43 -7.42 11.54
C LEU C 105 -31.13 -6.77 11.96
N VAL C 106 -30.03 -7.22 11.39
CA VAL C 106 -28.73 -6.56 11.53
C VAL C 106 -28.18 -6.31 10.14
N THR C 107 -27.40 -5.24 10.00
CA THR C 107 -26.82 -4.86 8.72
C THR C 107 -25.31 -4.71 8.87
N ALA C 108 -24.62 -4.64 7.74
CA ALA C 108 -23.17 -4.50 7.73
C ALA C 108 -22.73 -3.93 6.39
N PRO C 109 -21.74 -3.04 6.35
CA PRO C 109 -21.25 -2.51 5.07
C PRO C 109 -20.39 -3.50 4.31
N SER C 110 -20.24 -4.72 4.82
CA SER C 110 -19.36 -5.71 4.25
C SER C 110 -19.78 -7.07 4.77
N ILE C 111 -19.45 -8.11 3.99
CA ILE C 111 -19.82 -9.46 4.38
C ILE C 111 -19.04 -9.92 5.60
N GLU C 112 -17.88 -9.31 5.87
CA GLU C 112 -17.09 -9.66 7.04
C GLU C 112 -17.51 -8.89 8.29
N GLY C 113 -18.44 -7.96 8.17
CA GLY C 113 -18.81 -7.11 9.29
C GLY C 113 -18.27 -5.71 9.11
N PRO C 114 -18.39 -4.87 10.15
CA PRO C 114 -19.03 -5.19 11.43
C PRO C 114 -20.55 -5.17 11.35
N TRP C 115 -21.19 -6.10 12.05
CA TRP C 115 -22.64 -6.23 12.01
C TRP C 115 -23.27 -5.41 13.13
N SER C 116 -24.29 -4.63 12.78
CA SER C 116 -24.97 -3.78 13.75
C SER C 116 -25.64 -4.62 14.84
N GLU C 117 -26.06 -3.93 15.90
CA GLU C 117 -26.84 -4.60 16.92
C GLU C 117 -28.26 -4.83 16.41
N PRO C 118 -28.93 -5.90 16.85
CA PRO C 118 -30.18 -6.30 16.23
C PRO C 118 -31.31 -5.29 16.43
N ILE C 119 -32.14 -5.18 15.41
CA ILE C 119 -33.38 -4.40 15.43
C ILE C 119 -34.54 -5.38 15.49
N PRO C 120 -35.40 -5.31 16.50
CA PRO C 120 -36.53 -6.25 16.55
C PRO C 120 -37.51 -6.00 15.42
N MET C 121 -37.88 -7.07 14.72
CA MET C 121 -38.79 -6.99 13.58
C MET C 121 -40.13 -7.66 13.87
N GLY C 122 -40.43 -7.95 15.13
CA GLY C 122 -41.66 -8.63 15.49
C GLY C 122 -41.43 -10.09 15.81
N ASN C 123 -42.49 -10.72 16.35
CA ASN C 123 -42.43 -12.12 16.76
C ASN C 123 -43.57 -12.94 16.16
N GLY C 124 -44.29 -12.38 15.18
CA GLY C 124 -45.53 -12.98 14.73
C GLY C 124 -45.38 -14.26 13.91
N GLY C 125 -44.17 -14.61 13.50
CA GLY C 125 -43.99 -15.80 12.71
C GLY C 125 -42.54 -16.04 12.37
N PHE C 126 -42.32 -16.82 11.30
CA PHE C 126 -40.97 -17.22 10.91
C PHE C 126 -40.80 -17.04 9.40
N ASP C 127 -39.59 -17.39 8.93
CA ASP C 127 -39.15 -17.17 7.56
C ASP C 127 -39.30 -15.71 7.16
N PRO C 128 -38.57 -14.79 7.80
CA PRO C 128 -38.65 -13.38 7.40
C PRO C 128 -37.88 -13.11 6.12
N SER C 129 -38.31 -12.06 5.42
CA SER C 129 -37.72 -11.72 4.13
C SER C 129 -37.90 -10.23 3.89
N LEU C 130 -36.83 -9.57 3.44
CA LEU C 130 -36.83 -8.14 3.14
C LEU C 130 -36.73 -7.98 1.63
N PHE C 131 -37.80 -7.47 1.02
CA PHE C 131 -37.86 -7.22 -0.40
C PHE C 131 -37.55 -5.76 -0.67
N HIS C 132 -36.54 -5.52 -1.51
CA HIS C 132 -36.13 -4.16 -1.87
C HIS C 132 -36.71 -3.83 -3.25
N ASP C 133 -37.74 -2.99 -3.26
CA ASP C 133 -38.41 -2.63 -4.50
C ASP C 133 -37.62 -1.58 -5.26
N ASP C 134 -37.85 -1.53 -6.58
CA ASP C 134 -37.11 -0.61 -7.44
C ASP C 134 -37.42 0.85 -7.15
N ASP C 135 -38.53 1.14 -6.47
CA ASP C 135 -38.91 2.52 -6.18
C ASP C 135 -38.39 3.01 -4.83
N GLY C 136 -37.45 2.29 -4.23
CA GLY C 136 -36.88 2.70 -2.96
C GLY C 136 -37.61 2.20 -1.73
N ARG C 137 -38.79 1.60 -1.88
CA ARG C 137 -39.55 1.09 -0.75
C ARG C 137 -39.11 -0.33 -0.42
N LYS C 138 -39.29 -0.72 0.83
CA LYS C 138 -38.88 -2.02 1.33
C LYS C 138 -40.02 -2.66 2.09
N TYR C 139 -40.20 -3.97 1.89
CA TYR C 139 -41.33 -4.70 2.44
C TYR C 139 -40.84 -5.91 3.22
N TYR C 140 -41.43 -6.12 4.39
CA TYR C 140 -41.06 -7.20 5.29
C TYR C 140 -42.13 -8.28 5.22
N LEU C 141 -41.73 -9.49 4.81
CA LEU C 141 -42.64 -10.62 4.67
C LEU C 141 -42.35 -11.65 5.74
N TYR C 142 -43.40 -12.34 6.17
CA TYR C 142 -43.24 -13.50 7.05
C TYR C 142 -44.53 -14.29 7.05
N ARG C 143 -44.46 -15.46 7.68
CA ARG C 143 -45.60 -16.34 7.80
C ARG C 143 -46.06 -16.35 9.25
N PRO C 144 -47.25 -15.83 9.57
CA PRO C 144 -47.72 -15.86 10.97
C PRO C 144 -47.87 -17.28 11.49
N TRP C 145 -47.55 -17.44 12.78
CA TRP C 145 -47.81 -18.66 13.52
C TRP C 145 -48.68 -18.34 14.72
N GLY C 146 -48.93 -19.36 15.55
CA GLY C 146 -49.80 -19.23 16.68
C GLY C 146 -50.92 -20.25 16.62
N PRO C 147 -51.89 -20.13 17.53
CA PRO C 147 -53.02 -21.06 17.51
C PRO C 147 -53.72 -21.06 16.16
N ARG C 148 -53.94 -22.26 15.63
CA ARG C 148 -54.62 -22.52 14.36
C ARG C 148 -53.88 -21.98 13.15
N HIS C 149 -52.63 -21.55 13.31
CA HIS C 149 -51.83 -21.04 12.21
C HIS C 149 -50.59 -21.89 12.00
N HIS C 150 -50.73 -23.20 12.17
CA HIS C 150 -49.73 -24.17 11.78
C HIS C 150 -50.36 -25.17 10.81
N SER C 151 -50.95 -24.65 9.74
CA SER C 151 -51.75 -25.42 8.79
C SER C 151 -52.88 -26.19 9.47
N ASN C 152 -53.40 -25.63 10.57
CA ASN C 152 -54.52 -26.22 11.30
C ASN C 152 -55.59 -25.18 11.56
N PRO C 153 -56.16 -24.57 10.49
CA PRO C 153 -55.96 -24.82 9.06
C PRO C 153 -55.08 -23.79 8.34
N HIS C 154 -54.62 -22.75 9.04
CA HIS C 154 -54.09 -21.57 8.38
C HIS C 154 -52.59 -21.67 8.10
N ASN C 155 -52.20 -21.24 6.91
CA ASN C 155 -50.80 -20.95 6.60
C ASN C 155 -50.80 -19.75 5.65
N THR C 156 -50.52 -18.57 6.18
CA THR C 156 -50.64 -17.33 5.44
C THR C 156 -49.27 -16.68 5.23
N ILE C 157 -49.22 -15.80 4.24
CA ILE C 157 -48.05 -14.96 3.98
C ILE C 157 -48.50 -13.51 4.09
N VAL C 158 -47.93 -12.77 5.04
CA VAL C 158 -48.33 -11.41 5.32
C VAL C 158 -47.16 -10.48 5.04
N MET C 159 -47.48 -9.21 4.81
CA MET C 159 -46.49 -8.22 4.42
C MET C 159 -46.72 -6.93 5.20
N GLN C 160 -45.61 -6.33 5.64
CA GLN C 160 -45.62 -5.01 6.27
C GLN C 160 -44.62 -4.12 5.54
N GLU C 161 -44.96 -2.84 5.39
CA GLU C 161 -44.00 -1.89 4.86
C GLU C 161 -42.96 -1.56 5.92
N PHE C 162 -41.70 -1.55 5.51
CA PHE C 162 -40.58 -1.26 6.39
C PHE C 162 -40.03 0.12 6.06
N ASP C 163 -39.92 0.97 7.08
CA ASP C 163 -39.30 2.28 6.91
C ASP C 163 -37.82 2.18 7.26
N PRO C 164 -36.94 2.15 6.25
CA PRO C 164 -35.51 1.97 6.55
C PRO C 164 -34.87 3.16 7.25
N GLN C 165 -35.46 4.36 7.13
CA GLN C 165 -34.90 5.52 7.79
C GLN C 165 -35.15 5.52 9.30
N THR C 166 -36.13 4.74 9.76
CA THR C 166 -36.47 4.67 11.18
C THR C 166 -36.34 3.28 11.77
N GLY C 167 -36.16 2.25 10.95
CA GLY C 167 -36.12 0.89 11.44
C GLY C 167 -37.45 0.35 11.92
N THR C 168 -38.52 1.14 11.85
CA THR C 168 -39.83 0.72 12.33
C THR C 168 -40.61 0.03 11.22
N LEU C 169 -41.57 -0.79 11.63
CA LEU C 169 -42.47 -1.49 10.72
C LEU C 169 -43.87 -0.92 10.85
N SER C 170 -44.61 -0.94 9.74
CA SER C 170 -45.98 -0.47 9.76
C SER C 170 -46.87 -1.52 10.43
N PRO C 171 -47.86 -1.08 11.22
CA PRO C 171 -48.76 -2.06 11.87
C PRO C 171 -49.68 -2.78 10.89
N GLU C 172 -49.94 -2.21 9.72
CA GLU C 172 -50.84 -2.85 8.77
C GLU C 172 -50.20 -4.10 8.19
N ARG C 173 -50.94 -5.22 8.23
CA ARG C 173 -50.54 -6.45 7.60
C ARG C 173 -51.38 -6.67 6.36
N LYS C 174 -50.74 -7.00 5.25
CA LYS C 174 -51.44 -7.31 4.00
C LYS C 174 -51.16 -8.77 3.66
N THR C 175 -52.23 -9.55 3.49
CA THR C 175 -52.09 -10.97 3.20
C THR C 175 -51.87 -11.16 1.71
N LEU C 176 -50.80 -11.88 1.36
CA LEU C 176 -50.46 -12.12 -0.03
C LEU C 176 -50.94 -13.46 -0.56
N PHE C 177 -51.02 -14.48 0.30
CA PHE C 177 -51.32 -15.83 -0.14
C PHE C 177 -51.74 -16.67 1.06
N THR C 178 -52.75 -17.54 0.85
CA THR C 178 -53.26 -18.39 1.91
C THR C 178 -52.93 -19.86 1.70
N GLY C 179 -52.46 -20.22 0.53
CA GLY C 179 -51.87 -21.53 0.40
C GLY C 179 -52.65 -22.42 -0.56
N THR C 180 -51.95 -23.39 -1.15
CA THR C 180 -52.36 -24.51 -1.98
C THR C 180 -52.73 -25.68 -1.07
N PRO C 181 -53.66 -26.56 -1.49
CA PRO C 181 -53.95 -27.76 -0.71
C PRO C 181 -52.73 -28.50 -0.16
N LEU C 182 -51.56 -28.31 -0.76
CA LEU C 182 -50.33 -28.86 -0.19
C LEU C 182 -49.97 -28.20 1.14
N CYS C 183 -50.42 -26.97 1.37
CA CYS C 183 -50.26 -26.28 2.66
C CYS C 183 -48.81 -26.12 3.08
N TYR C 184 -48.59 -25.85 4.37
CA TYR C 184 -47.26 -25.57 4.92
C TYR C 184 -46.59 -24.42 4.17
N THR C 185 -47.40 -23.45 3.73
CA THR C 185 -46.88 -22.32 2.97
C THR C 185 -45.95 -21.49 3.83
N GLU C 186 -44.75 -21.21 3.31
CA GLU C 186 -43.70 -20.56 4.08
C GLU C 186 -42.63 -20.06 3.13
N GLY C 187 -41.58 -19.48 3.70
CA GLY C 187 -40.39 -19.10 2.94
C GLY C 187 -40.65 -18.11 1.83
N ALA C 188 -41.58 -17.17 2.03
CA ALA C 188 -41.97 -16.26 0.96
C ALA C 188 -40.83 -15.32 0.58
N HIS C 189 -40.66 -15.11 -0.72
CA HIS C 189 -39.68 -14.17 -1.26
C HIS C 189 -40.29 -13.46 -2.46
N LEU C 190 -40.03 -12.16 -2.56
CA LEU C 190 -40.59 -11.34 -3.62
C LEU C 190 -39.51 -10.96 -4.63
N TYR C 191 -39.88 -10.92 -5.90
CA TYR C 191 -38.98 -10.55 -6.98
C TYR C 191 -39.73 -9.71 -7.99
N ARG C 192 -39.03 -8.76 -8.59
CA ARG C 192 -39.58 -7.90 -9.64
C ARG C 192 -38.80 -8.16 -10.92
N HIS C 193 -39.41 -8.92 -11.84
CA HIS C 193 -38.81 -9.22 -13.13
C HIS C 193 -39.83 -8.95 -14.22
N ALA C 194 -39.33 -8.53 -15.39
CA ALA C 194 -40.19 -8.04 -16.47
C ALA C 194 -41.15 -7.01 -15.92
N GLY C 195 -42.45 -7.27 -16.01
CA GLY C 195 -43.42 -6.33 -15.46
C GLY C 195 -44.06 -6.83 -14.19
N TRP C 196 -43.77 -8.07 -13.80
CA TRP C 196 -44.51 -8.73 -12.74
C TRP C 196 -43.74 -8.76 -11.42
N TYR C 197 -44.50 -8.71 -10.33
CA TYR C 197 -44.01 -9.17 -9.04
C TYR C 197 -44.15 -10.68 -9.00
N TYR C 198 -43.11 -11.36 -8.52
CA TYR C 198 -43.13 -12.81 -8.38
C TYR C 198 -42.98 -13.17 -6.92
N LEU C 199 -43.86 -14.04 -6.42
CA LEU C 199 -43.85 -14.49 -5.04
C LEU C 199 -43.52 -15.97 -5.01
N MET C 200 -42.37 -16.32 -4.46
CA MET C 200 -41.92 -17.69 -4.35
C MET C 200 -42.08 -18.16 -2.90
N VAL C 201 -42.76 -19.29 -2.70
CA VAL C 201 -42.98 -19.84 -1.38
C VAL C 201 -42.65 -21.32 -1.38
N ALA C 202 -42.39 -21.85 -0.18
CA ALA C 202 -42.19 -23.27 0.03
C ALA C 202 -43.49 -23.89 0.51
N GLU C 203 -43.75 -25.12 0.07
CA GLU C 203 -45.02 -25.76 0.38
C GLU C 203 -44.82 -27.27 0.48
N GLY C 204 -45.81 -27.93 1.08
CA GLY C 204 -45.79 -29.36 1.30
C GLY C 204 -45.04 -29.81 2.53
N GLY C 205 -44.38 -28.91 3.24
CA GLY C 205 -43.51 -29.29 4.34
C GLY C 205 -42.12 -29.64 3.86
N THR C 206 -41.15 -29.51 4.76
CA THR C 206 -39.76 -29.69 4.38
C THR C 206 -39.32 -31.15 4.36
N SER C 207 -40.26 -32.10 4.33
CA SER C 207 -39.92 -33.51 4.16
C SER C 207 -40.03 -33.90 2.70
N TYR C 208 -40.38 -35.15 2.42
CA TYR C 208 -40.40 -35.65 1.05
C TYR C 208 -41.49 -35.02 0.19
N GLU C 209 -42.40 -34.27 0.79
CA GLU C 209 -43.46 -33.59 0.06
C GLU C 209 -43.07 -32.18 -0.36
N HIS C 210 -41.83 -31.78 -0.10
CA HIS C 210 -41.40 -30.40 -0.31
C HIS C 210 -41.59 -29.97 -1.76
N ALA C 211 -41.88 -28.68 -1.94
CA ALA C 211 -42.09 -28.12 -3.27
C ALA C 211 -41.86 -26.62 -3.22
N VAL C 212 -41.61 -26.05 -4.39
CA VAL C 212 -41.48 -24.61 -4.57
C VAL C 212 -42.67 -24.14 -5.40
N VAL C 213 -43.50 -23.28 -4.81
CA VAL C 213 -44.68 -22.75 -5.48
C VAL C 213 -44.39 -21.29 -5.84
N VAL C 214 -44.72 -20.91 -7.07
CA VAL C 214 -44.46 -19.59 -7.60
C VAL C 214 -45.78 -18.93 -7.97
N LEU C 215 -45.97 -17.69 -7.55
CA LEU C 215 -47.11 -16.87 -7.94
C LEU C 215 -46.60 -15.58 -8.57
N ARG C 216 -47.51 -14.86 -9.22
CA ARG C 216 -47.15 -13.61 -9.84
C ARG C 216 -48.34 -12.65 -9.79
N ALA C 217 -48.02 -11.36 -9.88
CA ALA C 217 -49.01 -10.30 -9.92
C ALA C 217 -48.34 -9.07 -10.51
N LYS C 218 -49.16 -8.08 -10.86
CA LYS C 218 -48.63 -6.81 -11.35
C LYS C 218 -48.57 -5.73 -10.27
N THR C 219 -49.39 -5.85 -9.24
CA THR C 219 -49.27 -5.03 -8.04
C THR C 219 -48.74 -5.90 -6.91
N ILE C 220 -47.93 -5.30 -6.03
CA ILE C 220 -47.23 -6.09 -5.03
C ILE C 220 -48.21 -6.70 -4.01
N ASP C 221 -49.32 -6.02 -3.73
CA ASP C 221 -50.27 -6.49 -2.73
C ASP C 221 -51.31 -7.45 -3.32
N GLY C 222 -51.08 -7.95 -4.54
CA GLY C 222 -51.92 -8.98 -5.11
C GLY C 222 -53.24 -8.46 -5.65
N PRO C 223 -54.21 -9.37 -5.87
CA PRO C 223 -54.10 -10.83 -5.65
C PRO C 223 -53.12 -11.52 -6.59
N TYR C 224 -52.59 -12.67 -6.18
CA TYR C 224 -51.53 -13.34 -6.91
C TYR C 224 -52.09 -14.52 -7.70
N GLU C 225 -51.59 -14.66 -8.92
CA GLU C 225 -51.99 -15.74 -9.82
C GLU C 225 -50.97 -16.87 -9.73
N LEU C 226 -51.45 -18.10 -9.82
CA LEU C 226 -50.59 -19.27 -9.62
C LEU C 226 -49.83 -19.62 -10.89
N HIS C 227 -48.60 -20.11 -10.69
CA HIS C 227 -47.81 -20.68 -11.77
C HIS C 227 -48.63 -21.76 -12.47
N PRO C 228 -48.58 -21.84 -13.81
CA PRO C 228 -49.42 -22.82 -14.52
C PRO C 228 -49.20 -24.26 -14.09
N ASP C 229 -48.05 -24.57 -13.48
CA ASP C 229 -47.79 -25.89 -12.94
C ASP C 229 -47.92 -25.95 -11.42
N VAL C 230 -48.34 -24.85 -10.79
CA VAL C 230 -48.45 -24.74 -9.34
C VAL C 230 -47.06 -24.86 -8.72
N THR C 231 -46.51 -26.07 -8.72
CA THR C 231 -45.17 -26.32 -8.22
C THR C 231 -44.16 -26.08 -9.33
N MET C 232 -43.10 -25.32 -9.01
CA MET C 232 -42.01 -25.10 -9.95
C MET C 232 -40.87 -26.09 -9.75
N MET C 233 -40.67 -26.56 -8.52
CA MET C 233 -39.70 -27.59 -8.22
C MET C 233 -40.26 -28.51 -7.15
N THR C 234 -40.08 -29.82 -7.37
CA THR C 234 -40.35 -30.86 -6.37
C THR C 234 -39.86 -32.18 -6.93
N SER C 235 -39.47 -33.07 -6.02
CA SER C 235 -39.06 -34.42 -6.38
C SER C 235 -39.88 -35.48 -5.65
N TRP C 236 -41.04 -35.08 -5.12
CA TRP C 236 -41.88 -36.02 -4.38
C TRP C 236 -42.33 -37.17 -5.26
N HIS C 237 -42.57 -36.91 -6.54
CA HIS C 237 -43.07 -37.92 -7.46
C HIS C 237 -41.97 -38.83 -8.01
N LEU C 238 -40.70 -38.58 -7.66
CA LEU C 238 -39.58 -39.42 -8.07
C LEU C 238 -38.91 -39.96 -6.82
N PRO C 239 -39.48 -41.01 -6.21
CA PRO C 239 -38.93 -41.50 -4.93
C PRO C 239 -37.53 -42.08 -5.04
N GLU C 240 -37.07 -42.45 -6.24
CA GLU C 240 -35.71 -42.93 -6.43
C GLU C 240 -34.78 -41.83 -6.92
N ASN C 241 -35.24 -40.59 -6.96
CA ASN C 241 -34.38 -39.48 -7.35
C ASN C 241 -33.27 -39.30 -6.31
N PRO C 242 -32.02 -39.12 -6.73
CA PRO C 242 -30.94 -38.92 -5.74
C PRO C 242 -31.20 -37.80 -4.75
N LEU C 243 -31.62 -36.63 -5.24
CA LEU C 243 -31.93 -35.50 -4.36
C LEU C 243 -33.42 -35.54 -4.01
N GLN C 244 -33.72 -35.35 -2.72
CA GLN C 244 -35.09 -35.40 -2.23
C GLN C 244 -35.37 -34.17 -1.38
N LYS C 245 -36.67 -33.94 -1.14
CA LYS C 245 -37.14 -32.83 -0.30
C LYS C 245 -36.69 -31.48 -0.86
N SER C 246 -36.71 -31.35 -2.19
CA SER C 246 -36.24 -30.13 -2.85
C SER C 246 -37.29 -29.04 -2.70
N GLY C 247 -37.02 -28.09 -1.82
CA GLY C 247 -37.92 -26.97 -1.61
C GLY C 247 -37.20 -25.81 -0.98
N HIS C 248 -37.98 -24.78 -0.63
CA HIS C 248 -37.46 -23.55 -0.02
C HIS C 248 -36.43 -22.88 -0.95
N GLY C 249 -36.96 -22.37 -2.05
CA GLY C 249 -36.12 -21.78 -3.07
C GLY C 249 -35.75 -20.33 -2.80
N SER C 250 -34.70 -19.88 -3.51
CA SER C 250 -34.26 -18.49 -3.44
C SER C 250 -33.77 -18.11 -4.84
N LEU C 251 -34.60 -17.36 -5.57
CA LEU C 251 -34.28 -17.00 -6.94
C LEU C 251 -33.37 -15.79 -6.99
N LEU C 252 -32.41 -15.81 -7.90
CA LEU C 252 -31.48 -14.70 -8.06
C LEU C 252 -31.05 -14.61 -9.51
N GLN C 253 -31.04 -13.39 -10.05
CA GLN C 253 -30.50 -13.14 -11.39
C GLN C 253 -29.03 -12.77 -11.26
N THR C 254 -28.18 -13.53 -11.94
CA THR C 254 -26.75 -13.25 -11.93
C THR C 254 -26.46 -11.92 -12.63
N HIS C 255 -25.21 -11.48 -12.53
CA HIS C 255 -24.78 -10.33 -13.33
C HIS C 255 -24.61 -10.68 -14.80
N THR C 256 -24.81 -11.95 -15.16
CA THR C 256 -24.77 -12.40 -16.55
C THR C 256 -26.15 -12.37 -17.22
N GLY C 257 -27.18 -11.95 -16.49
CA GLY C 257 -28.54 -12.05 -16.98
C GLY C 257 -29.18 -13.40 -16.79
N GLU C 258 -28.42 -14.41 -16.37
CA GLU C 258 -28.95 -15.73 -16.13
C GLU C 258 -29.70 -15.79 -14.80
N TRP C 259 -30.42 -16.89 -14.58
CA TRP C 259 -31.26 -17.04 -13.41
C TRP C 259 -30.97 -18.36 -12.73
N TYR C 260 -30.74 -18.30 -11.42
CA TYR C 260 -30.44 -19.49 -10.63
C TYR C 260 -31.23 -19.45 -9.33
N MET C 261 -31.58 -20.63 -8.84
CA MET C 261 -32.36 -20.76 -7.61
C MET C 261 -31.66 -21.74 -6.67
N ALA C 262 -31.29 -21.26 -5.49
CA ALA C 262 -30.78 -22.14 -4.45
C ALA C 262 -31.95 -22.76 -3.68
N TYR C 263 -31.79 -24.01 -3.30
CA TYR C 263 -32.85 -24.74 -2.59
C TYR C 263 -32.20 -25.69 -1.61
N LEU C 264 -33.01 -26.20 -0.67
CA LEU C 264 -32.54 -27.22 0.25
C LEU C 264 -32.96 -28.60 -0.25
N THR C 265 -32.15 -29.59 0.10
CA THR C 265 -32.34 -30.95 -0.40
C THR C 265 -31.68 -31.91 0.58
N SER C 266 -32.09 -33.18 0.51
CA SER C 266 -31.55 -34.21 1.37
C SER C 266 -31.28 -35.48 0.58
N ARG C 267 -30.22 -36.18 0.95
CA ARG C 267 -29.84 -37.42 0.27
C ARG C 267 -30.10 -38.60 1.20
N PRO C 268 -31.08 -39.45 0.91
CA PRO C 268 -31.50 -40.46 1.88
C PRO C 268 -30.71 -41.77 1.81
N LEU C 269 -30.59 -42.39 2.98
CA LEU C 269 -30.10 -43.76 3.11
C LEU C 269 -31.29 -44.67 3.30
N ARG C 270 -31.39 -45.71 2.48
CA ARG C 270 -32.50 -46.64 2.53
C ARG C 270 -32.09 -47.93 3.22
N LEU C 271 -32.98 -48.46 4.06
CA LEU C 271 -32.75 -49.74 4.71
C LEU C 271 -33.18 -50.87 3.77
N PRO C 272 -32.46 -52.00 3.77
CA PRO C 272 -32.80 -53.10 2.86
C PRO C 272 -34.12 -53.74 3.23
N GLY C 273 -34.84 -54.19 2.20
CA GLY C 273 -36.10 -54.88 2.38
C GLY C 273 -37.30 -54.00 2.60
N VAL C 274 -37.12 -52.77 3.05
CA VAL C 274 -38.26 -51.90 3.31
C VAL C 274 -38.85 -51.42 1.98
N PRO C 275 -40.15 -51.57 1.76
CA PRO C 275 -40.75 -51.06 0.52
C PRO C 275 -40.55 -49.57 0.38
N LEU C 276 -40.45 -49.13 -0.88
CA LEU C 276 -40.01 -47.76 -1.17
C LEU C 276 -40.96 -46.72 -0.61
N LEU C 277 -42.27 -46.93 -0.77
CA LEU C 277 -43.26 -45.95 -0.37
C LEU C 277 -43.96 -46.31 0.94
N ALA C 278 -43.44 -47.29 1.69
CA ALA C 278 -43.91 -47.51 3.04
C ALA C 278 -43.29 -46.48 3.97
N SER C 279 -43.83 -46.38 5.18
CA SER C 279 -43.29 -45.45 6.16
C SER C 279 -41.84 -45.81 6.47
N GLY C 280 -40.94 -44.84 6.27
CA GLY C 280 -39.52 -45.09 6.42
C GLY C 280 -38.84 -45.63 5.18
N GLY C 281 -39.60 -46.09 4.18
CA GLY C 281 -39.01 -46.64 2.98
C GLY C 281 -38.29 -45.63 2.11
N ARG C 282 -38.66 -44.35 2.19
CA ARG C 282 -38.06 -43.35 1.30
C ARG C 282 -36.66 -42.95 1.74
N GLY C 283 -36.29 -43.19 2.99
CA GLY C 283 -34.90 -43.11 3.41
C GLY C 283 -34.72 -42.30 4.68
N TYR C 284 -33.50 -42.38 5.20
CA TYR C 284 -33.04 -41.62 6.35
C TYR C 284 -31.82 -40.83 5.92
N CYS C 285 -31.72 -39.57 6.39
CA CYS C 285 -30.73 -38.62 5.90
C CYS C 285 -29.85 -38.12 7.05
N PRO C 286 -28.75 -38.81 7.36
CA PRO C 286 -27.88 -38.33 8.44
C PRO C 286 -27.16 -37.04 8.12
N LEU C 287 -26.97 -36.71 6.85
CA LEU C 287 -26.37 -35.44 6.47
C LEU C 287 -27.37 -34.29 6.55
N GLY C 288 -28.61 -34.56 6.96
CA GLY C 288 -29.60 -33.53 7.16
C GLY C 288 -30.04 -32.87 5.86
N ARG C 289 -30.50 -31.62 6.01
CA ARG C 289 -30.96 -30.84 4.88
C ARG C 289 -29.79 -30.01 4.35
N GLU C 290 -29.31 -30.38 3.16
CA GLU C 290 -28.21 -29.69 2.50
C GLU C 290 -28.77 -28.72 1.46
N THR C 291 -27.86 -28.02 0.76
CA THR C 291 -28.25 -26.98 -0.17
C THR C 291 -27.76 -27.32 -1.57
N GLY C 292 -28.69 -27.31 -2.54
CA GLY C 292 -28.37 -27.39 -3.94
C GLY C 292 -28.76 -26.11 -4.66
N ILE C 293 -28.47 -26.08 -5.96
CA ILE C 293 -28.77 -24.94 -6.80
C ILE C 293 -29.14 -25.44 -8.20
N ALA C 294 -30.07 -24.74 -8.85
CA ALA C 294 -30.57 -25.14 -10.15
C ALA C 294 -30.66 -23.93 -11.06
N ARG C 295 -30.49 -24.18 -12.36
CA ARG C 295 -30.61 -23.12 -13.35
C ARG C 295 -32.07 -22.94 -13.76
N ILE C 296 -32.45 -21.69 -14.03
CA ILE C 296 -33.84 -21.33 -14.31
C ILE C 296 -33.92 -20.72 -15.70
N GLU C 297 -34.97 -21.09 -16.43
CA GLU C 297 -35.31 -20.47 -17.71
C GLU C 297 -36.71 -19.89 -17.64
N TRP C 298 -37.02 -19.00 -18.58
CA TRP C 298 -38.26 -18.24 -18.54
C TRP C 298 -39.08 -18.51 -19.79
N ARG C 299 -40.35 -18.86 -19.60
CA ARG C 299 -41.30 -19.11 -20.68
C ARG C 299 -42.61 -18.39 -20.36
N ASP C 300 -42.98 -17.43 -21.22
CA ASP C 300 -44.26 -16.74 -21.14
C ASP C 300 -44.43 -16.03 -19.79
N GLY C 301 -43.35 -15.41 -19.31
CA GLY C 301 -43.42 -14.72 -18.03
C GLY C 301 -43.51 -15.62 -16.82
N TRP C 302 -43.06 -16.86 -16.94
CA TRP C 302 -43.05 -17.80 -15.82
C TRP C 302 -41.70 -18.49 -15.74
N PRO C 303 -41.18 -18.72 -14.53
CA PRO C 303 -39.91 -19.43 -14.39
C PRO C 303 -40.08 -20.94 -14.32
N TYR C 304 -39.08 -21.64 -14.82
CA TYR C 304 -39.05 -23.10 -14.82
C TYR C 304 -37.64 -23.58 -14.50
N VAL C 305 -37.58 -24.74 -13.85
CA VAL C 305 -36.30 -25.41 -13.63
C VAL C 305 -35.92 -26.16 -14.89
N GLU C 306 -34.67 -26.00 -15.33
CA GLU C 306 -34.22 -26.64 -16.56
C GLU C 306 -34.27 -28.15 -16.43
N GLY C 307 -34.90 -28.81 -17.39
CA GLY C 307 -34.95 -30.26 -17.44
C GLY C 307 -36.08 -30.91 -16.69
N GLY C 308 -36.89 -30.15 -15.96
CA GLY C 308 -37.99 -30.70 -15.22
C GLY C 308 -38.07 -30.10 -13.84
N LYS C 309 -38.97 -30.63 -13.02
CA LYS C 309 -39.24 -30.10 -11.69
C LYS C 309 -38.35 -30.70 -10.61
N HIS C 310 -37.80 -31.89 -10.84
CA HIS C 310 -37.01 -32.56 -9.81
C HIS C 310 -35.65 -31.89 -9.63
N ALA C 311 -35.06 -32.12 -8.47
CA ALA C 311 -33.71 -31.61 -8.17
C ALA C 311 -32.69 -32.54 -8.82
N GLN C 312 -32.00 -32.06 -9.83
CA GLN C 312 -31.00 -32.84 -10.52
C GLN C 312 -29.64 -32.71 -9.83
N LEU C 313 -28.86 -33.79 -9.90
CA LEU C 313 -27.48 -33.71 -9.43
C LEU C 313 -26.65 -32.80 -10.31
N THR C 314 -26.98 -32.70 -11.60
CA THR C 314 -26.17 -31.99 -12.58
C THR C 314 -26.95 -30.80 -13.12
N VAL C 315 -26.40 -29.61 -12.93
CA VAL C 315 -26.93 -28.38 -13.52
C VAL C 315 -25.80 -27.70 -14.27
N LYS C 316 -26.17 -26.87 -15.25
CA LYS C 316 -25.20 -26.12 -16.03
C LYS C 316 -24.91 -24.78 -15.35
N GLY C 317 -23.62 -24.45 -15.26
CA GLY C 317 -23.19 -23.26 -14.55
C GLY C 317 -23.24 -21.99 -15.38
N PRO C 318 -23.12 -20.84 -14.71
CA PRO C 318 -23.25 -19.55 -15.42
C PRO C 318 -22.11 -19.31 -16.40
N GLN C 319 -22.21 -18.21 -17.15
CA GLN C 319 -21.22 -17.85 -18.15
C GLN C 319 -20.10 -17.01 -17.54
N VAL C 320 -19.47 -17.58 -16.51
CA VAL C 320 -18.30 -17.00 -15.88
C VAL C 320 -17.24 -18.09 -15.76
N ALA C 321 -16.01 -17.66 -15.45
CA ALA C 321 -14.90 -18.59 -15.37
C ALA C 321 -15.00 -19.45 -14.12
N GLU C 322 -14.63 -20.72 -14.27
CA GLU C 322 -14.51 -21.60 -13.11
C GLU C 322 -13.33 -21.15 -12.24
N GLN C 323 -13.37 -21.56 -10.98
CA GLN C 323 -12.33 -21.25 -10.01
C GLN C 323 -11.70 -22.54 -9.52
N PRO C 324 -10.50 -22.46 -8.90
CA PRO C 324 -9.92 -23.66 -8.29
C PRO C 324 -10.74 -24.15 -7.09
N SER C 330 -8.54 -34.53 4.82
CA SER C 330 -9.30 -33.48 4.16
C SER C 330 -9.62 -32.34 5.11
N TRP C 331 -9.93 -32.66 6.37
CA TRP C 331 -10.13 -31.65 7.41
C TRP C 331 -9.41 -32.07 8.68
N ARG C 332 -8.85 -31.08 9.38
CA ARG C 332 -8.12 -31.33 10.62
C ARG C 332 -7.87 -30.02 11.37
N ASP C 333 -8.14 -30.02 12.66
CA ASP C 333 -7.79 -28.91 13.54
C ASP C 333 -6.74 -29.40 14.53
N ASP C 334 -5.54 -28.83 14.46
CA ASP C 334 -4.45 -29.18 15.37
C ASP C 334 -4.43 -28.31 16.62
N PHE C 335 -5.37 -27.37 16.75
CA PHE C 335 -5.50 -26.51 17.92
C PHE C 335 -4.21 -25.76 18.22
N ASP C 336 -3.46 -25.40 17.17
CA ASP C 336 -2.23 -24.63 17.33
C ASP C 336 -2.49 -23.13 17.47
N GLY C 337 -3.64 -22.65 17.02
CA GLY C 337 -3.91 -21.22 16.96
C GLY C 337 -4.60 -20.69 18.20
N SER C 338 -5.20 -19.51 18.04
CA SER C 338 -5.88 -18.83 19.12
C SER C 338 -7.39 -18.94 19.02
N THR C 339 -7.91 -19.54 17.94
CA THR C 339 -9.34 -19.70 17.75
C THR C 339 -9.62 -21.10 17.24
N LEU C 340 -10.82 -21.60 17.52
CA LEU C 340 -11.24 -22.87 16.96
C LEU C 340 -11.41 -22.76 15.46
N ASP C 341 -11.17 -23.86 14.76
CA ASP C 341 -11.42 -23.90 13.34
C ASP C 341 -12.88 -23.55 13.07
N PRO C 342 -13.17 -22.73 12.04
CA PRO C 342 -14.55 -22.28 11.83
C PRO C 342 -15.55 -23.39 11.55
N GLU C 343 -15.09 -24.59 11.16
CA GLU C 343 -16.02 -25.70 10.99
C GLU C 343 -16.55 -26.24 12.32
N LEU C 344 -15.98 -25.79 13.44
CA LEU C 344 -16.40 -26.23 14.76
C LEU C 344 -17.40 -25.25 15.34
N GLN C 345 -18.50 -25.77 15.89
CA GLN C 345 -19.53 -24.97 16.52
C GLN C 345 -19.84 -25.54 17.89
N THR C 346 -20.38 -24.69 18.76
CA THR C 346 -20.86 -25.10 20.07
C THR C 346 -22.39 -25.14 20.07
N LEU C 347 -22.95 -25.48 21.22
CA LEU C 347 -24.39 -25.63 21.37
C LEU C 347 -24.93 -24.42 22.14
N ARG C 348 -25.68 -23.57 21.43
CA ARG C 348 -26.46 -22.46 22.01
C ARG C 348 -25.60 -21.31 22.49
N ILE C 349 -24.59 -21.57 23.31
CA ILE C 349 -23.82 -20.51 23.94
C ILE C 349 -22.46 -20.35 23.25
N PRO C 350 -21.81 -19.19 23.35
CA PRO C 350 -20.52 -19.02 22.71
C PRO C 350 -19.41 -19.80 23.40
N PHE C 351 -18.38 -20.12 22.63
CA PHE C 351 -17.20 -20.78 23.17
C PHE C 351 -16.35 -19.74 23.89
N ASP C 352 -16.12 -19.95 25.19
CA ASP C 352 -15.26 -19.06 25.97
C ASP C 352 -14.62 -19.88 27.08
N ASP C 353 -14.01 -19.18 28.04
CA ASP C 353 -13.23 -19.84 29.09
C ASP C 353 -14.08 -20.75 29.96
N THR C 354 -15.40 -20.55 30.01
CA THR C 354 -16.24 -21.44 30.81
C THR C 354 -16.36 -22.81 30.17
N LEU C 355 -16.19 -22.90 28.85
CA LEU C 355 -16.26 -24.18 28.14
C LEU C 355 -14.90 -24.78 27.86
N GLY C 356 -13.89 -23.96 27.60
CA GLY C 356 -12.58 -24.50 27.29
C GLY C 356 -11.58 -23.39 26.98
N SER C 357 -10.39 -23.81 26.60
CA SER C 357 -9.30 -22.88 26.38
C SER C 357 -8.34 -23.42 25.34
N LEU C 358 -7.75 -22.50 24.57
CA LEU C 358 -6.62 -22.80 23.70
C LEU C 358 -5.32 -22.21 24.22
N THR C 359 -5.35 -21.51 25.36
CA THR C 359 -4.17 -20.92 25.96
C THR C 359 -3.76 -21.57 27.28
N ALA C 360 -4.66 -22.31 27.93
CA ALA C 360 -4.30 -22.97 29.19
C ALA C 360 -3.17 -23.96 28.97
N ARG C 361 -3.21 -24.69 27.86
CA ARG C 361 -2.15 -25.63 27.49
C ARG C 361 -1.93 -25.50 25.99
N PRO C 362 -0.98 -24.67 25.57
CA PRO C 362 -0.81 -24.40 24.13
C PRO C 362 -0.52 -25.66 23.35
N GLY C 363 -1.15 -25.77 22.18
CA GLY C 363 -1.06 -26.95 21.36
C GLY C 363 -2.20 -27.94 21.54
N TYR C 364 -2.98 -27.80 22.60
CA TYR C 364 -4.14 -28.64 22.85
C TYR C 364 -5.39 -27.78 22.92
N LEU C 365 -6.53 -28.43 22.75
CA LEU C 365 -7.83 -27.84 23.09
C LEU C 365 -8.23 -28.39 24.45
N ARG C 366 -8.19 -27.54 25.47
CA ARG C 366 -8.65 -27.91 26.79
C ARG C 366 -10.15 -27.68 26.88
N LEU C 367 -10.88 -28.69 27.35
CA LEU C 367 -12.31 -28.59 27.58
C LEU C 367 -12.60 -28.82 29.06
N TYR C 368 -13.28 -27.87 29.69
CA TYR C 368 -13.60 -27.99 31.10
C TYR C 368 -14.90 -28.75 31.27
N GLY C 369 -15.05 -29.37 32.45
CA GLY C 369 -16.20 -30.21 32.72
C GLY C 369 -17.43 -29.46 33.18
N ASN C 370 -18.50 -29.51 32.38
CA ASN C 370 -19.77 -28.88 32.75
C ASN C 370 -20.92 -29.87 32.61
N ASP C 371 -21.97 -29.48 31.89
CA ASP C 371 -23.16 -30.31 31.77
C ASP C 371 -22.93 -31.48 30.81
N SER C 372 -23.83 -32.45 30.88
CA SER C 372 -23.78 -33.59 29.99
C SER C 372 -24.45 -33.26 28.66
N LEU C 373 -24.43 -34.22 27.73
CA LEU C 373 -24.86 -33.96 26.37
C LEU C 373 -26.36 -33.71 26.24
N ASN C 374 -27.14 -34.08 27.25
CA ASN C 374 -28.59 -33.90 27.20
C ASN C 374 -29.05 -32.53 27.69
N SER C 375 -28.12 -31.63 28.03
CA SER C 375 -28.47 -30.34 28.61
C SER C 375 -28.59 -29.27 27.54
N THR C 376 -29.63 -28.45 27.66
CA THR C 376 -29.83 -27.30 26.79
C THR C 376 -29.22 -26.03 27.37
N PHE C 377 -28.28 -26.15 28.30
CA PHE C 377 -27.72 -24.96 28.95
C PHE C 377 -26.22 -24.81 28.66
N THR C 378 -25.37 -25.48 29.44
CA THR C 378 -23.92 -25.23 29.39
C THR C 378 -23.16 -26.55 29.25
N GLN C 379 -23.02 -27.04 28.02
CA GLN C 379 -22.11 -28.14 27.72
C GLN C 379 -20.86 -27.60 27.05
N SER C 380 -19.72 -28.19 27.41
CA SER C 380 -18.46 -27.94 26.69
C SER C 380 -18.41 -28.94 25.55
N THR C 381 -19.03 -28.56 24.43
CA THR C 381 -19.19 -29.43 23.27
C THR C 381 -18.71 -28.68 22.05
N VAL C 382 -17.73 -29.24 21.34
CA VAL C 382 -17.21 -28.68 20.10
C VAL C 382 -17.45 -29.70 19.00
N ALA C 383 -18.31 -29.36 18.04
CA ALA C 383 -18.73 -30.31 17.02
C ALA C 383 -18.66 -29.70 15.64
N ARG C 384 -18.52 -30.57 14.64
CA ARG C 384 -18.55 -30.20 13.24
C ARG C 384 -19.48 -31.14 12.50
N ARG C 385 -19.86 -30.74 11.29
CA ARG C 385 -20.91 -31.43 10.55
C ARG C 385 -20.43 -32.75 9.96
N TRP C 386 -21.33 -33.73 9.92
CA TRP C 386 -21.21 -34.82 8.96
C TRP C 386 -21.43 -34.26 7.56
N GLN C 387 -20.50 -34.52 6.66
CA GLN C 387 -20.66 -34.07 5.28
C GLN C 387 -20.53 -35.20 4.27
N HIS C 388 -20.25 -36.42 4.71
CA HIS C 388 -20.16 -37.58 3.82
C HIS C 388 -20.71 -38.79 4.54
N PHE C 389 -21.18 -39.77 3.76
CA PHE C 389 -21.72 -40.99 4.34
C PHE C 389 -20.65 -41.93 4.87
N ILE C 390 -19.41 -41.80 4.39
CA ILE C 390 -18.31 -42.67 4.78
C ILE C 390 -17.14 -41.77 5.17
N PHE C 391 -16.80 -41.76 6.46
CA PHE C 391 -15.66 -40.96 6.93
C PHE C 391 -15.16 -41.53 8.25
N ARG C 392 -14.04 -40.99 8.70
CA ARG C 392 -13.45 -41.32 9.99
C ARG C 392 -13.06 -40.04 10.70
N ALA C 393 -13.50 -39.91 11.95
CA ALA C 393 -13.12 -38.81 12.83
C ALA C 393 -12.27 -39.34 13.97
N GLU C 394 -11.26 -38.58 14.38
CA GLU C 394 -10.27 -39.08 15.31
C GLU C 394 -9.74 -37.96 16.18
N THR C 395 -9.35 -38.32 17.40
CA THR C 395 -8.77 -37.38 18.34
C THR C 395 -7.81 -38.11 19.28
N ARG C 396 -6.88 -37.36 19.85
CA ARG C 396 -5.99 -37.85 20.90
C ARG C 396 -6.27 -37.06 22.16
N MET C 397 -6.68 -37.75 23.23
CA MET C 397 -7.17 -37.11 24.44
C MET C 397 -6.27 -37.44 25.63
N GLN C 398 -6.17 -36.49 26.56
CA GLN C 398 -5.49 -36.69 27.83
C GLN C 398 -6.44 -36.24 28.94
N PHE C 399 -6.69 -37.13 29.89
CA PHE C 399 -7.80 -36.94 30.81
C PHE C 399 -7.61 -37.89 31.98
N SER C 400 -7.75 -37.37 33.20
CA SER C 400 -7.66 -38.16 34.43
C SER C 400 -8.82 -37.78 35.34
N PRO C 401 -9.98 -38.39 35.15
CA PRO C 401 -11.10 -38.15 36.07
C PRO C 401 -10.87 -38.86 37.39
N VAL C 402 -11.56 -38.39 38.42
CA VAL C 402 -11.40 -38.92 39.77
C VAL C 402 -12.67 -39.56 40.32
N HIS C 403 -13.82 -39.42 39.66
CA HIS C 403 -15.02 -40.09 40.10
C HIS C 403 -15.94 -40.30 38.89
N PHE C 404 -17.09 -40.91 39.14
CA PHE C 404 -17.94 -41.42 38.08
C PHE C 404 -18.70 -40.34 37.32
N GLN C 405 -18.68 -39.09 37.79
CA GLN C 405 -19.41 -38.02 37.13
C GLN C 405 -18.53 -37.18 36.22
N GLN C 406 -17.23 -37.48 36.13
CA GLN C 406 -16.32 -36.80 35.23
C GLN C 406 -16.04 -37.70 34.03
N SER C 407 -16.29 -37.20 32.82
CA SER C 407 -16.05 -37.99 31.62
C SER C 407 -15.71 -37.06 30.47
N ALA C 408 -15.11 -37.64 29.42
CA ALA C 408 -14.68 -36.89 28.26
C ALA C 408 -14.44 -37.86 27.11
N GLY C 409 -14.72 -37.41 25.90
CA GLY C 409 -14.47 -38.26 24.75
C GLY C 409 -15.11 -37.74 23.48
N LEU C 410 -15.53 -38.67 22.65
CA LEU C 410 -16.01 -38.40 21.30
C LEU C 410 -17.51 -38.68 21.20
N THR C 411 -18.24 -37.78 20.55
CA THR C 411 -19.68 -37.90 20.43
C THR C 411 -20.12 -37.75 18.97
N CYS C 412 -21.10 -38.56 18.58
CA CYS C 412 -21.89 -38.35 17.37
C CYS C 412 -23.25 -37.85 17.82
N TYR C 413 -23.60 -36.63 17.43
CA TYR C 413 -24.67 -35.88 18.09
C TYR C 413 -25.67 -35.38 17.05
N TYR C 414 -26.96 -35.55 17.34
CA TYR C 414 -28.02 -34.92 16.57
C TYR C 414 -28.76 -33.87 17.38
N ASN C 415 -29.41 -34.26 18.49
CA ASN C 415 -29.96 -33.32 19.45
C ASN C 415 -29.77 -33.89 20.85
N SER C 416 -30.32 -33.20 21.84
CA SER C 416 -30.06 -33.57 23.23
C SER C 416 -30.67 -34.92 23.61
N LYS C 417 -31.62 -35.41 22.82
CA LYS C 417 -32.25 -36.70 23.09
C LYS C 417 -31.81 -37.80 22.14
N ASN C 418 -30.89 -37.51 21.22
CA ASN C 418 -30.44 -38.49 20.24
C ASN C 418 -28.95 -38.28 19.98
N TRP C 419 -28.12 -39.18 20.52
CA TRP C 419 -26.68 -39.13 20.30
C TRP C 419 -26.06 -40.41 20.86
N SER C 420 -24.79 -40.60 20.52
CA SER C 420 -23.94 -41.61 21.16
C SER C 420 -22.67 -40.92 21.65
N TYR C 421 -22.00 -41.57 22.58
CA TYR C 421 -20.93 -40.93 23.34
C TYR C 421 -19.97 -41.99 23.86
N CYS C 422 -18.73 -41.95 23.40
CA CYS C 422 -17.68 -42.87 23.82
C CYS C 422 -16.63 -42.09 24.60
N PHE C 423 -16.41 -42.47 25.85
CA PHE C 423 -15.72 -41.57 26.78
C PHE C 423 -14.87 -42.35 27.77
N VAL C 424 -13.93 -41.63 28.37
CA VAL C 424 -13.14 -42.10 29.51
C VAL C 424 -13.77 -41.53 30.77
N ASP C 425 -13.94 -42.38 31.79
CA ASP C 425 -14.40 -41.92 33.10
C ASP C 425 -13.57 -42.62 34.16
N TYR C 426 -13.90 -42.36 35.42
CA TYR C 426 -13.28 -43.05 36.54
C TYR C 426 -14.29 -43.99 37.17
N GLU C 427 -13.91 -45.26 37.31
CA GLU C 427 -14.75 -46.28 37.94
C GLU C 427 -14.11 -46.65 39.27
N GLU C 428 -14.84 -46.40 40.36
CA GLU C 428 -14.32 -46.67 41.69
C GLU C 428 -13.97 -48.15 41.84
N GLY C 429 -12.79 -48.43 42.37
CA GLY C 429 -12.31 -49.78 42.51
C GLY C 429 -11.65 -50.36 41.29
N GLN C 430 -11.64 -49.65 40.17
CA GLN C 430 -11.04 -50.14 38.93
C GLN C 430 -10.07 -49.14 38.31
N GLY C 431 -10.41 -47.85 38.31
CA GLY C 431 -9.57 -46.83 37.71
C GLY C 431 -10.25 -46.19 36.51
N ARG C 432 -9.44 -45.68 35.59
CA ARG C 432 -9.97 -45.14 34.34
C ARG C 432 -10.52 -46.27 33.47
N THR C 433 -11.72 -46.05 32.93
CA THR C 433 -12.34 -47.01 32.01
C THR C 433 -12.94 -46.27 30.83
N ILE C 434 -13.23 -47.02 29.78
CA ILE C 434 -13.92 -46.53 28.60
C ILE C 434 -15.33 -47.10 28.60
N LYS C 435 -16.32 -46.24 28.40
CA LYS C 435 -17.72 -46.65 28.34
C LYS C 435 -18.38 -45.96 27.15
N VAL C 436 -19.63 -46.34 26.89
CA VAL C 436 -20.42 -45.74 25.81
C VAL C 436 -21.84 -45.54 26.31
N ILE C 437 -22.44 -44.43 25.90
CA ILE C 437 -23.84 -44.13 26.19
C ILE C 437 -24.49 -43.68 24.90
N GLN C 438 -25.68 -44.22 24.61
CA GLN C 438 -26.46 -43.83 23.44
C GLN C 438 -27.85 -43.45 23.90
N LEU C 439 -28.32 -42.28 23.44
CA LEU C 439 -29.71 -41.88 23.60
C LEU C 439 -30.41 -42.07 22.26
N ASP C 440 -31.41 -42.95 22.24
CA ASP C 440 -32.20 -43.23 21.05
C ASP C 440 -33.66 -43.00 21.42
N HIS C 441 -34.26 -41.95 20.85
CA HIS C 441 -35.60 -41.52 21.23
C HIS C 441 -35.67 -41.25 22.73
N ASN C 442 -34.62 -40.60 23.25
CA ASN C 442 -34.47 -40.26 24.66
C ASN C 442 -34.33 -41.49 25.56
N VAL C 443 -34.13 -42.67 24.98
CA VAL C 443 -34.05 -43.93 25.72
C VAL C 443 -32.58 -44.29 25.90
N PRO C 444 -32.12 -44.59 27.11
CA PRO C 444 -30.69 -44.79 27.33
C PRO C 444 -30.21 -46.17 26.94
N SER C 445 -28.91 -46.24 26.63
CA SER C 445 -28.26 -47.48 26.20
C SER C 445 -26.81 -47.42 26.66
N TRP C 446 -26.46 -48.23 27.66
CA TRP C 446 -25.12 -48.23 28.24
C TRP C 446 -24.67 -49.66 28.48
N PRO C 447 -24.27 -50.36 27.41
CA PRO C 447 -23.98 -51.80 27.55
C PRO C 447 -22.67 -52.10 28.24
N LEU C 448 -21.76 -51.14 28.37
CA LEU C 448 -20.45 -51.39 28.97
C LEU C 448 -20.36 -50.95 30.42
N HIS C 449 -21.44 -50.44 31.00
CA HIS C 449 -21.34 -49.87 32.35
C HIS C 449 -21.10 -50.94 33.41
N GLU C 450 -21.56 -52.18 33.16
CA GLU C 450 -21.38 -53.25 34.14
C GLU C 450 -20.07 -54.01 33.94
N GLN C 451 -19.42 -53.87 32.80
CA GLN C 451 -18.06 -54.38 32.61
C GLN C 451 -17.38 -53.49 31.58
N PRO C 452 -16.83 -52.36 32.02
CA PRO C 452 -16.25 -51.41 31.07
C PRO C 452 -14.85 -51.81 30.62
N ILE C 453 -14.44 -51.22 29.51
CA ILE C 453 -13.11 -51.44 28.95
C ILE C 453 -12.11 -50.71 29.84
N PRO C 454 -11.21 -51.43 30.51
CA PRO C 454 -10.26 -50.77 31.42
C PRO C 454 -9.19 -50.00 30.64
N VAL C 455 -8.80 -48.86 31.20
CA VAL C 455 -7.72 -48.04 30.65
C VAL C 455 -6.48 -48.29 31.50
N PRO C 456 -5.36 -48.69 30.91
CA PRO C 456 -4.14 -48.88 31.72
C PRO C 456 -3.73 -47.57 32.38
N GLU C 457 -3.22 -47.68 33.61
CA GLU C 457 -2.80 -46.52 34.37
C GLU C 457 -1.76 -45.69 33.63
N GLN C 458 -0.80 -46.36 33.00
CA GLN C 458 0.34 -45.69 32.39
C GLN C 458 0.05 -45.15 31.00
N ALA C 459 -1.19 -45.26 30.52
CA ALA C 459 -1.55 -44.66 29.24
C ALA C 459 -1.58 -43.15 29.39
N GLU C 460 -0.61 -42.47 28.80
CA GLU C 460 -0.56 -41.02 28.90
C GLU C 460 -1.66 -40.37 28.07
N SER C 461 -2.03 -41.00 26.96
CA SER C 461 -3.09 -40.50 26.09
C SER C 461 -4.00 -41.66 25.73
N VAL C 462 -5.26 -41.34 25.44
CA VAL C 462 -6.21 -42.30 24.90
C VAL C 462 -6.70 -41.75 23.56
N TRP C 463 -6.39 -42.47 22.49
CA TRP C 463 -6.90 -42.11 21.16
C TRP C 463 -8.32 -42.62 21.02
N LEU C 464 -9.21 -41.79 20.48
CA LEU C 464 -10.58 -42.18 20.19
C LEU C 464 -10.89 -41.93 18.73
N ARG C 465 -11.76 -42.77 18.17
CA ARG C 465 -12.02 -42.73 16.74
C ARG C 465 -13.39 -43.33 16.47
N VAL C 466 -14.13 -42.73 15.54
CA VAL C 466 -15.40 -43.26 15.06
C VAL C 466 -15.30 -43.42 13.56
N ASP C 467 -15.76 -44.57 13.06
CA ASP C 467 -15.72 -44.88 11.64
C ASP C 467 -17.15 -44.99 11.12
N VAL C 468 -17.45 -44.22 10.08
CA VAL C 468 -18.81 -44.09 9.54
C VAL C 468 -18.86 -44.77 8.18
N ASP C 469 -19.86 -45.64 8.00
CA ASP C 469 -20.04 -46.37 6.74
C ASP C 469 -21.53 -46.48 6.47
N ARG C 470 -22.09 -45.46 5.82
CA ARG C 470 -23.50 -45.42 5.45
C ARG C 470 -24.42 -45.62 6.64
N LEU C 471 -25.00 -46.82 6.76
CA LEU C 471 -26.04 -47.05 7.76
C LEU C 471 -25.49 -47.28 9.16
N VAL C 472 -24.22 -47.67 9.30
CA VAL C 472 -23.65 -48.02 10.59
C VAL C 472 -22.47 -47.12 10.90
N TYR C 473 -22.10 -47.07 12.17
CA TYR C 473 -20.84 -46.48 12.60
C TYR C 473 -20.39 -47.14 13.90
N ARG C 474 -19.07 -47.14 14.11
CA ARG C 474 -18.46 -47.85 15.23
C ARG C 474 -17.36 -46.99 15.83
N TYR C 475 -17.18 -47.13 17.15
CA TYR C 475 -16.12 -46.45 17.87
C TYR C 475 -14.91 -47.36 18.04
N SER C 476 -13.73 -46.75 18.11
CA SER C 476 -12.50 -47.47 18.35
C SER C 476 -11.58 -46.61 19.22
N TYR C 477 -10.66 -47.28 19.91
CA TYR C 477 -9.77 -46.61 20.84
C TYR C 477 -8.37 -47.18 20.72
N SER C 478 -7.40 -46.44 21.27
CA SER C 478 -6.01 -46.86 21.27
C SER C 478 -5.28 -46.18 22.43
N PHE C 479 -4.28 -46.88 22.96
CA PHE C 479 -3.46 -46.37 24.05
C PHE C 479 -2.05 -46.01 23.62
N ASP C 480 -1.70 -46.28 22.36
CA ASP C 480 -0.40 -45.87 21.83
C ASP C 480 -0.46 -45.22 20.45
N GLY C 481 -1.66 -44.99 19.90
CA GLY C 481 -1.79 -44.40 18.59
C GLY C 481 -1.45 -45.30 17.41
N GLU C 482 -0.98 -46.52 17.66
CA GLU C 482 -0.62 -47.45 16.61
C GLU C 482 -1.56 -48.64 16.54
N THR C 483 -1.82 -49.31 17.66
CA THR C 483 -2.72 -50.46 17.72
C THR C 483 -4.10 -50.00 18.17
N TRP C 484 -5.11 -50.27 17.35
CA TRP C 484 -6.48 -49.84 17.62
C TRP C 484 -7.36 -51.04 17.92
N HIS C 485 -8.27 -50.86 18.88
CA HIS C 485 -9.28 -51.86 19.23
C HIS C 485 -10.66 -51.23 19.12
N ALA C 486 -11.62 -52.03 18.68
CA ALA C 486 -12.97 -51.53 18.44
C ALA C 486 -13.83 -51.67 19.69
N VAL C 487 -14.68 -50.68 19.93
CA VAL C 487 -15.74 -50.79 20.92
C VAL C 487 -16.84 -51.65 20.29
N PRO C 488 -17.14 -52.83 20.86
CA PRO C 488 -18.03 -53.81 20.22
C PRO C 488 -19.51 -53.46 20.28
N VAL C 489 -19.86 -52.24 19.86
CA VAL C 489 -21.23 -51.81 19.72
C VAL C 489 -21.40 -51.15 18.36
N THR C 490 -22.33 -51.65 17.56
CA THR C 490 -22.61 -51.11 16.24
C THR C 490 -23.81 -50.18 16.33
N TYR C 491 -23.58 -48.89 16.05
CA TYR C 491 -24.63 -47.88 16.13
C TYR C 491 -25.23 -47.62 14.76
N GLU C 492 -26.48 -47.18 14.77
CA GLU C 492 -27.24 -46.93 13.55
C GLU C 492 -27.07 -45.47 13.15
N ALA C 493 -26.35 -45.22 12.05
CA ALA C 493 -26.20 -43.86 11.57
C ALA C 493 -27.51 -43.29 11.02
N TRP C 494 -28.38 -44.16 10.52
CA TRP C 494 -29.67 -43.70 10.01
C TRP C 494 -30.59 -43.20 11.11
N LYS C 495 -30.29 -43.53 12.38
CA LYS C 495 -31.08 -43.03 13.49
C LYS C 495 -30.72 -41.61 13.87
N LEU C 496 -29.55 -41.12 13.48
CA LEU C 496 -29.18 -39.73 13.71
C LEU C 496 -29.76 -38.86 12.60
N SER C 497 -31.07 -38.98 12.37
CA SER C 497 -31.74 -38.22 11.32
C SER C 497 -33.15 -37.88 11.77
N ASP C 498 -33.69 -36.80 11.21
CA ASP C 498 -35.06 -36.44 11.52
C ASP C 498 -36.06 -37.46 10.97
N ASP C 499 -35.68 -38.17 9.91
CA ASP C 499 -36.54 -39.21 9.37
C ASP C 499 -36.90 -40.24 10.42
N TYR C 500 -35.94 -40.59 11.29
CA TYR C 500 -36.17 -41.55 12.34
C TYR C 500 -36.64 -40.91 13.63
N ILE C 501 -36.09 -39.74 13.97
CA ILE C 501 -36.43 -39.10 15.24
C ILE C 501 -37.86 -38.58 15.22
N GLY C 502 -38.28 -37.99 14.10
CA GLY C 502 -39.60 -37.43 14.02
C GLY C 502 -39.78 -36.23 14.94
N GLY C 503 -40.98 -36.10 15.49
CA GLY C 503 -41.29 -35.00 16.38
C GLY C 503 -41.51 -33.70 15.65
N ARG C 504 -41.82 -32.67 16.43
CA ARG C 504 -42.11 -31.35 15.86
C ARG C 504 -40.86 -30.64 15.37
N GLY C 505 -39.68 -31.12 15.76
CA GLY C 505 -38.46 -30.51 15.27
C GLY C 505 -38.23 -30.77 13.79
N PHE C 506 -37.39 -29.93 13.19
CA PHE C 506 -37.09 -30.01 11.77
C PHE C 506 -35.67 -30.52 11.57
N ALA C 507 -35.46 -31.15 10.41
CA ALA C 507 -34.18 -31.80 10.13
C ALA C 507 -33.03 -30.80 10.18
N THR C 508 -32.03 -31.11 11.00
CA THR C 508 -30.80 -30.34 10.99
C THR C 508 -29.68 -31.14 10.35
N GLY C 509 -29.04 -32.01 11.11
CA GLY C 509 -28.00 -32.86 10.59
C GLY C 509 -27.11 -33.39 11.68
N ALA C 510 -26.39 -34.46 11.35
CA ALA C 510 -25.54 -35.14 12.32
C ALA C 510 -24.21 -34.41 12.47
N PHE C 511 -23.75 -34.30 13.71
CA PHE C 511 -22.47 -33.72 14.05
C PHE C 511 -21.57 -34.77 14.69
N VAL C 512 -20.26 -34.56 14.58
CA VAL C 512 -19.27 -35.30 15.33
C VAL C 512 -18.42 -34.29 16.09
N GLY C 513 -18.14 -34.58 17.36
CA GLY C 513 -17.44 -33.58 18.13
C GLY C 513 -16.77 -34.12 19.37
N LEU C 514 -16.00 -33.24 20.00
CA LEU C 514 -15.31 -33.51 21.26
C LEU C 514 -16.12 -32.95 22.43
N HIS C 515 -16.02 -33.61 23.58
CA HIS C 515 -16.88 -33.28 24.70
C HIS C 515 -16.19 -33.69 26.00
N CYS C 516 -16.48 -32.94 27.06
CA CYS C 516 -16.04 -33.26 28.41
C CYS C 516 -17.05 -32.67 29.38
N GLU C 517 -17.42 -33.45 30.39
CA GLU C 517 -18.43 -33.01 31.36
C GLU C 517 -17.96 -33.34 32.76
N ASP C 518 -18.57 -32.66 33.73
CA ASP C 518 -18.40 -32.97 35.16
C ASP C 518 -19.76 -32.70 35.81
N ILE C 519 -20.57 -33.76 35.92
CA ILE C 519 -21.89 -33.64 36.55
C ILE C 519 -21.74 -33.17 37.99
N SER C 520 -20.65 -33.54 38.67
CA SER C 520 -20.47 -33.17 40.06
C SER C 520 -20.29 -31.66 40.24
N GLY C 521 -19.72 -31.00 39.24
CA GLY C 521 -19.37 -29.60 39.36
C GLY C 521 -18.06 -29.32 40.07
N ASP C 522 -17.32 -30.37 40.46
CA ASP C 522 -16.06 -30.16 41.16
C ASP C 522 -15.03 -29.46 40.28
N GLY C 523 -15.06 -29.70 38.98
CA GLY C 523 -14.09 -29.13 38.07
C GLY C 523 -13.15 -30.16 37.52
N CYS C 524 -13.06 -30.22 36.19
CA CYS C 524 -12.14 -31.13 35.52
C CYS C 524 -11.80 -30.54 34.15
N HIS C 525 -10.85 -31.17 33.47
CA HIS C 525 -10.49 -30.74 32.13
C HIS C 525 -9.89 -31.90 31.36
N ALA C 526 -10.13 -31.90 30.06
CA ALA C 526 -9.58 -32.89 29.14
C ALA C 526 -8.92 -32.17 27.98
N ASP C 527 -7.71 -32.58 27.63
CA ASP C 527 -6.96 -31.95 26.55
C ASP C 527 -7.01 -32.82 25.30
N PHE C 528 -7.22 -32.19 24.16
CA PHE C 528 -7.26 -32.88 22.87
C PHE C 528 -6.14 -32.32 22.00
N ASP C 529 -5.22 -33.19 21.59
CA ASP C 529 -4.11 -32.75 20.73
C ASP C 529 -4.63 -32.26 19.38
N TYR C 530 -5.56 -32.99 18.78
CA TYR C 530 -6.02 -32.66 17.45
C TYR C 530 -7.44 -33.21 17.26
N PHE C 531 -7.98 -32.97 16.08
CA PHE C 531 -9.31 -33.45 15.71
C PHE C 531 -9.35 -33.52 14.18
N THR C 532 -9.55 -34.71 13.64
CA THR C 532 -9.50 -34.92 12.20
C THR C 532 -10.84 -35.44 11.69
N TYR C 533 -11.14 -35.10 10.43
CA TYR C 533 -12.32 -35.59 9.72
C TYR C 533 -11.87 -36.00 8.33
N GLU C 534 -11.82 -37.30 8.07
CA GLU C 534 -11.26 -37.83 6.83
C GLU C 534 -12.32 -38.58 6.03
N PRO C 535 -12.85 -37.99 4.96
CA PRO C 535 -13.79 -38.73 4.10
C PRO C 535 -13.10 -39.91 3.43
N ALA C 536 -13.92 -40.83 2.94
CA ALA C 536 -13.42 -42.01 2.24
C ALA C 536 -12.70 -41.63 0.95
N MET D 1 16.40 -7.63 42.73
CA MET D 1 15.79 -7.18 43.98
C MET D 1 15.95 -5.68 44.15
N GLU D 2 17.05 -5.14 43.62
CA GLU D 2 17.29 -3.70 43.58
C GLU D 2 17.43 -3.28 42.12
N ILE D 3 16.57 -2.36 41.69
CA ILE D 3 16.56 -1.85 40.32
C ILE D 3 17.08 -0.42 40.34
N THR D 4 18.09 -0.14 39.52
CA THR D 4 18.67 1.19 39.43
C THR D 4 18.20 1.84 38.13
N ASN D 5 17.55 3.00 38.26
CA ASN D 5 16.99 3.82 37.19
C ASN D 5 18.00 4.84 36.71
N PRO D 6 17.98 5.21 35.41
CA PRO D 6 17.10 4.67 34.37
C PRO D 6 17.47 3.24 33.95
N ILE D 7 16.46 2.46 33.58
CA ILE D 7 16.71 1.10 33.09
C ILE D 7 17.03 1.09 31.60
N LEU D 8 16.42 2.01 30.83
CA LEU D 8 16.77 2.23 29.43
C LEU D 8 17.41 3.61 29.36
N THR D 9 18.73 3.63 29.24
CA THR D 9 19.45 4.90 29.20
C THR D 9 19.48 5.45 27.77
N GLY D 10 19.54 6.77 27.67
CA GLY D 10 19.54 7.43 26.39
C GLY D 10 18.14 7.76 25.91
N PHE D 11 18.08 8.22 24.66
CA PHE D 11 16.83 8.55 23.99
C PHE D 11 15.87 7.36 24.03
N ASN D 12 14.95 7.37 24.99
CA ASN D 12 14.03 6.25 25.20
C ASN D 12 12.78 6.71 25.94
N PRO D 13 11.92 7.53 25.33
CA PRO D 13 10.77 8.06 26.06
C PRO D 13 9.51 7.23 25.84
N ASP D 14 8.42 7.63 26.50
CA ASP D 14 7.10 7.04 26.32
C ASP D 14 7.10 5.52 26.49
N PRO D 15 7.64 5.00 27.60
CA PRO D 15 7.78 3.54 27.72
C PRO D 15 6.46 2.83 27.91
N SER D 16 5.98 2.15 26.87
CA SER D 16 4.75 1.37 26.94
C SER D 16 5.09 -0.03 27.43
N LEU D 17 4.62 -0.37 28.62
CA LEU D 17 5.00 -1.62 29.28
C LEU D 17 3.89 -2.65 29.15
N CYS D 18 4.27 -3.87 28.77
CA CYS D 18 3.32 -4.97 28.66
C CYS D 18 4.05 -6.26 29.01
N ARG D 19 3.28 -7.35 29.12
CA ARG D 19 3.85 -8.64 29.44
C ARG D 19 3.10 -9.73 28.68
N GLN D 20 3.83 -10.78 28.33
CA GLN D 20 3.27 -12.00 27.76
C GLN D 20 3.76 -13.14 28.65
N GLY D 21 2.88 -13.63 29.52
CA GLY D 21 3.29 -14.64 30.47
C GLY D 21 4.32 -14.06 31.42
N GLU D 22 5.49 -14.66 31.46
CA GLU D 22 6.58 -14.21 32.32
C GLU D 22 7.60 -13.36 31.57
N ASP D 23 7.38 -13.07 30.29
CA ASP D 23 8.25 -12.21 29.51
C ASP D 23 7.67 -10.80 29.50
N TYR D 24 8.54 -9.81 29.72
CA TYR D 24 8.11 -8.42 29.84
C TYR D 24 8.75 -7.59 28.74
N TYR D 25 7.97 -6.65 28.20
CA TYR D 25 8.39 -5.87 27.05
C TYR D 25 8.05 -4.41 27.26
N ILE D 26 8.92 -3.52 26.80
CA ILE D 26 8.70 -2.09 26.82
C ILE D 26 9.01 -1.53 25.43
N ALA D 27 8.10 -0.74 24.88
CA ALA D 27 8.28 -0.06 23.61
C ALA D 27 8.51 1.42 23.85
N THR D 28 9.52 1.99 23.20
CA THR D 28 9.86 3.39 23.34
C THR D 28 9.70 4.12 22.02
N SER D 29 9.48 5.43 22.10
CA SER D 29 9.32 6.25 20.91
C SER D 29 10.68 6.57 20.28
N THR D 30 10.67 6.79 18.97
CA THR D 30 11.89 7.04 18.22
C THR D 30 11.87 8.30 17.37
N PHE D 31 10.71 8.94 17.20
CA PHE D 31 10.58 10.22 16.50
C PHE D 31 11.08 10.04 15.06
N GLU D 32 11.99 10.87 14.56
CA GLU D 32 12.36 10.85 13.15
C GLU D 32 13.45 9.82 12.83
N TRP D 33 13.96 9.10 13.83
CA TRP D 33 14.98 8.09 13.57
C TRP D 33 14.33 6.78 13.11
N PHE D 34 14.92 6.18 12.07
CA PHE D 34 14.44 4.97 11.41
C PHE D 34 15.39 3.80 11.68
N PRO D 35 14.87 2.58 11.91
CA PRO D 35 13.45 2.20 11.96
C PRO D 35 12.73 2.70 13.21
N GLY D 36 11.40 2.68 13.17
CA GLY D 36 10.60 3.23 14.26
C GLY D 36 10.27 2.22 15.33
N VAL D 37 10.12 2.74 16.56
CA VAL D 37 9.77 1.98 17.76
C VAL D 37 10.91 1.05 18.15
N ARG D 38 11.24 1.01 19.44
CA ARG D 38 12.24 0.11 19.98
C ARG D 38 11.62 -0.69 21.12
N ILE D 39 11.72 -2.01 21.03
CA ILE D 39 11.10 -2.92 21.99
C ILE D 39 12.20 -3.65 22.74
N TYR D 40 12.18 -3.53 24.06
CA TYR D 40 13.14 -4.19 24.93
C TYR D 40 12.47 -5.31 25.69
N HIS D 41 13.24 -6.33 26.05
CA HIS D 41 12.73 -7.52 26.73
C HIS D 41 13.41 -7.68 28.08
N SER D 42 12.68 -8.26 29.03
CA SER D 42 13.23 -8.53 30.35
C SER D 42 12.37 -9.58 31.05
N ARG D 43 13.01 -10.32 31.96
CA ARG D 43 12.32 -11.29 32.79
C ARG D 43 12.43 -10.98 34.27
N ASP D 44 13.12 -9.90 34.64
CA ASP D 44 13.22 -9.47 36.03
C ASP D 44 12.89 -8.00 36.24
N LEU D 45 12.53 -7.28 35.17
CA LEU D 45 12.25 -5.85 35.17
C LEU D 45 13.47 -5.00 35.53
N LYS D 46 14.63 -5.62 35.68
CA LYS D 46 15.88 -4.91 35.98
C LYS D 46 16.82 -4.84 34.80
N ASN D 47 17.13 -5.98 34.19
CA ASN D 47 18.06 -6.06 33.07
C ASN D 47 17.28 -6.15 31.76
N TRP D 48 17.48 -5.17 30.88
CA TRP D 48 16.72 -5.05 29.64
C TRP D 48 17.66 -5.09 28.45
N THR D 49 17.22 -5.79 27.39
CA THR D 49 17.95 -5.87 26.13
C THR D 49 16.99 -5.64 24.98
N LEU D 50 17.44 -4.89 23.97
CA LEU D 50 16.64 -4.64 22.78
C LEU D 50 16.40 -5.93 22.01
N VAL D 51 15.17 -6.12 21.54
CA VAL D 51 14.82 -7.36 20.86
C VAL D 51 14.09 -7.14 19.55
N SER D 52 13.63 -5.91 19.30
CA SER D 52 12.86 -5.68 18.08
C SER D 52 12.84 -4.21 17.71
N THR D 53 12.98 -3.93 16.42
CA THR D 53 12.77 -2.61 15.83
C THR D 53 11.69 -2.80 14.76
N PRO D 54 10.41 -2.81 15.17
CA PRO D 54 9.37 -3.39 14.30
C PRO D 54 9.08 -2.60 13.04
N LEU D 55 9.08 -1.27 13.09
CA LEU D 55 8.69 -0.46 11.93
C LEU D 55 9.91 -0.21 11.04
N ASP D 56 10.27 -1.24 10.27
CA ASP D 56 11.53 -1.23 9.53
C ASP D 56 11.34 -1.28 8.00
N ARG D 57 10.20 -0.81 7.51
CA ARG D 57 10.02 -0.68 6.07
C ARG D 57 9.11 0.50 5.77
N VAL D 58 9.28 1.07 4.58
CA VAL D 58 8.63 2.34 4.23
C VAL D 58 7.11 2.20 4.25
N SER D 59 6.59 1.03 3.86
CA SER D 59 5.14 0.83 3.86
C SER D 59 4.54 0.91 5.26
N MET D 60 5.33 0.64 6.30
CA MET D 60 4.87 0.81 7.66
C MET D 60 5.12 2.21 8.19
N LEU D 61 6.20 2.86 7.75
CA LEU D 61 6.62 4.14 8.29
C LEU D 61 7.39 4.90 7.22
N ASP D 62 6.83 6.00 6.74
CA ASP D 62 7.39 6.80 5.65
C ASP D 62 7.62 8.22 6.18
N MET D 63 8.84 8.50 6.62
CA MET D 63 9.14 9.73 7.35
C MET D 63 10.03 10.70 6.57
N LYS D 64 10.25 10.46 5.28
CA LYS D 64 11.05 11.40 4.51
C LYS D 64 10.37 12.76 4.45
N GLY D 65 11.12 13.80 4.82
CA GLY D 65 10.57 15.14 4.89
C GLY D 65 9.87 15.48 6.19
N ASN D 66 9.76 14.52 7.10
CA ASN D 66 9.15 14.80 8.40
C ASN D 66 9.91 15.92 9.10
N PRO D 67 9.22 16.78 9.85
CA PRO D 67 9.92 17.82 10.60
C PRO D 67 10.69 17.22 11.76
N ASP D 68 11.66 17.98 12.25
CA ASP D 68 12.38 17.59 13.46
C ASP D 68 11.39 17.37 14.60
N SER D 69 11.64 16.33 15.39
CA SER D 69 10.78 15.91 16.49
C SER D 69 9.40 15.47 16.04
N GLY D 70 9.20 15.26 14.73
CA GLY D 70 8.02 14.59 14.24
C GLY D 70 8.23 13.08 14.29
N GLY D 71 7.46 12.37 13.49
CA GLY D 71 7.61 10.93 13.41
C GLY D 71 6.92 10.16 14.51
N ILE D 72 7.61 9.18 15.08
CA ILE D 72 7.01 8.26 16.03
C ILE D 72 6.95 8.92 17.40
N TRP D 73 5.73 9.26 17.84
CA TRP D 73 5.54 9.73 19.21
C TRP D 73 5.28 8.51 20.10
N ALA D 74 4.52 8.69 21.18
CA ALA D 74 4.31 7.62 22.14
C ALA D 74 3.69 6.39 21.49
N PRO D 75 4.34 5.24 21.51
CA PRO D 75 3.71 4.01 21.06
C PRO D 75 2.97 3.32 22.20
N CYS D 76 2.22 2.29 21.86
CA CYS D 76 1.63 1.41 22.85
C CYS D 76 1.74 -0.02 22.36
N LEU D 77 2.39 -0.86 23.17
CA LEU D 77 2.54 -2.28 22.87
C LEU D 77 1.76 -3.07 23.92
N SER D 78 0.90 -3.97 23.44
CA SER D 78 0.09 -4.79 24.33
C SER D 78 0.04 -6.21 23.78
N TYR D 79 -0.39 -7.14 24.62
CA TYR D 79 -0.56 -8.53 24.24
C TYR D 79 -1.95 -8.99 24.59
N ALA D 80 -2.64 -9.59 23.62
CA ALA D 80 -3.99 -10.08 23.82
C ALA D 80 -4.36 -11.00 22.66
N ASP D 81 -5.16 -12.02 22.98
CA ASP D 81 -5.69 -12.96 21.98
C ASP D 81 -4.57 -13.57 21.14
N GLY D 82 -3.42 -13.82 21.78
CA GLY D 82 -2.35 -14.55 21.14
C GLY D 82 -1.44 -13.75 20.23
N LYS D 83 -1.43 -12.43 20.33
CA LYS D 83 -0.58 -11.63 19.46
C LYS D 83 -0.28 -10.29 20.12
N PHE D 84 0.74 -9.62 19.60
CA PHE D 84 1.13 -8.29 20.06
C PHE D 84 0.44 -7.23 19.22
N TRP D 85 -0.08 -6.20 19.90
CA TRP D 85 -0.73 -5.07 19.24
C TRP D 85 0.13 -3.83 19.45
N LEU D 86 0.48 -3.15 18.36
CA LEU D 86 1.36 -2.00 18.39
C LEU D 86 0.68 -0.82 17.71
N LEU D 87 0.25 0.16 18.50
CA LEU D 87 -0.28 1.41 17.99
C LEU D 87 0.83 2.46 17.97
N TYR D 88 0.86 3.26 16.90
CA TYR D 88 1.88 4.29 16.81
C TYR D 88 1.37 5.45 15.95
N THR D 89 2.00 6.60 16.12
CA THR D 89 1.65 7.83 15.43
C THR D 89 2.83 8.31 14.62
N ASP D 90 2.57 8.72 13.38
CA ASP D 90 3.56 9.38 12.53
C ASP D 90 3.16 10.85 12.43
N VAL D 91 3.87 11.70 13.16
CA VAL D 91 3.51 13.11 13.29
C VAL D 91 4.14 13.89 12.15
N LYS D 92 3.32 14.72 11.47
CA LYS D 92 3.75 15.39 10.26
C LYS D 92 3.94 16.90 10.42
N ILE D 93 3.41 17.51 11.47
CA ILE D 93 3.59 18.93 11.74
C ILE D 93 4.03 19.10 13.19
N VAL D 94 5.03 19.96 13.41
CA VAL D 94 5.51 20.21 14.77
C VAL D 94 5.44 21.70 15.08
N ASP D 95 6.15 22.51 14.29
CA ASP D 95 6.25 23.95 14.57
C ASP D 95 5.03 24.65 13.97
N SER D 96 3.92 24.57 14.69
CA SER D 96 2.65 25.15 14.27
C SER D 96 1.74 25.25 15.48
N PRO D 97 0.77 26.16 15.48
CA PRO D 97 -0.18 26.23 16.61
C PRO D 97 -0.89 24.92 16.89
N TRP D 98 -1.03 24.06 15.88
CA TRP D 98 -1.54 22.71 16.08
C TRP D 98 -0.87 21.79 15.07
N LYS D 99 -1.00 20.49 15.30
CA LYS D 99 -0.24 19.49 14.56
C LYS D 99 -1.17 18.54 13.81
N ASN D 100 -0.59 17.83 12.85
CA ASN D 100 -1.26 16.75 12.12
C ASN D 100 -0.41 15.50 12.20
N GLY D 101 -1.03 14.36 11.94
CA GLY D 101 -0.33 13.10 11.99
C GLY D 101 -1.23 11.97 11.53
N ARG D 102 -0.72 10.75 11.70
CA ARG D 102 -1.46 9.54 11.32
C ARG D 102 -1.22 8.45 12.35
N ASN D 103 -2.29 7.80 12.80
CA ASN D 103 -2.20 6.67 13.71
C ASN D 103 -2.36 5.36 12.93
N PHE D 104 -1.66 4.33 13.39
CA PHE D 104 -1.68 3.02 12.74
C PHE D 104 -1.65 1.93 13.78
N LEU D 105 -2.07 0.74 13.37
CA LEU D 105 -2.00 -0.47 14.20
C LEU D 105 -1.35 -1.57 13.39
N VAL D 106 -0.31 -2.19 13.96
CA VAL D 106 0.29 -3.39 13.38
C VAL D 106 0.30 -4.48 14.45
N THR D 107 0.23 -5.73 14.00
CA THR D 107 0.17 -6.88 14.87
C THR D 107 1.32 -7.84 14.55
N ALA D 108 1.54 -8.80 15.45
CA ALA D 108 2.59 -9.79 15.26
C ALA D 108 2.32 -10.99 16.15
N PRO D 109 2.50 -12.22 15.65
CA PRO D 109 2.31 -13.39 16.52
C PRO D 109 3.40 -13.55 17.55
N SER D 110 4.53 -12.87 17.38
CA SER D 110 5.65 -12.94 18.30
C SER D 110 6.45 -11.65 18.17
N ILE D 111 7.23 -11.33 19.21
CA ILE D 111 7.81 -9.99 19.33
C ILE D 111 8.76 -9.68 18.18
N GLU D 112 9.40 -10.69 17.61
CA GLU D 112 10.35 -10.49 16.53
C GLU D 112 9.68 -10.44 15.16
N GLY D 113 8.35 -10.35 15.11
CA GLY D 113 7.63 -10.37 13.87
C GLY D 113 7.09 -11.74 13.56
N PRO D 114 6.54 -11.93 12.35
CA PRO D 114 6.42 -10.91 11.32
C PRO D 114 5.30 -9.90 11.63
N TRP D 115 5.57 -8.62 11.39
CA TRP D 115 4.61 -7.57 11.69
C TRP D 115 3.73 -7.31 10.48
N SER D 116 2.47 -7.00 10.75
CA SER D 116 1.48 -6.79 9.71
C SER D 116 1.78 -5.51 8.93
N GLU D 117 0.96 -5.26 7.92
CA GLU D 117 0.90 -3.93 7.34
C GLU D 117 0.05 -3.03 8.25
N PRO D 118 0.29 -1.72 8.24
CA PRO D 118 -0.44 -0.85 9.16
C PRO D 118 -1.92 -0.77 8.82
N ILE D 119 -2.74 -0.76 9.86
CA ILE D 119 -4.17 -0.50 9.75
C ILE D 119 -4.40 0.94 10.21
N PRO D 120 -4.96 1.80 9.36
CA PRO D 120 -5.17 3.21 9.77
C PRO D 120 -6.20 3.31 10.89
N MET D 121 -5.81 3.97 11.97
CA MET D 121 -6.67 4.15 13.14
C MET D 121 -7.14 5.59 13.31
N GLY D 122 -7.06 6.39 12.26
CA GLY D 122 -7.45 7.78 12.32
C GLY D 122 -6.28 8.71 12.56
N ASN D 123 -6.54 10.00 12.41
CA ASN D 123 -5.52 11.02 12.52
C ASN D 123 -5.82 12.08 13.57
N GLY D 124 -6.89 11.90 14.34
CA GLY D 124 -7.41 12.96 15.19
C GLY D 124 -6.56 13.35 16.37
N GLY D 125 -5.47 12.64 16.63
CA GLY D 125 -4.64 13.00 17.76
C GLY D 125 -3.43 12.10 17.93
N PHE D 126 -2.92 12.07 19.17
CA PHE D 126 -1.70 11.36 19.48
C PHE D 126 -1.87 10.60 20.79
N ASP D 127 -0.80 9.94 21.22
CA ASP D 127 -0.81 9.02 22.35
C ASP D 127 -1.93 7.97 22.23
N PRO D 128 -1.97 7.20 21.14
CA PRO D 128 -3.02 6.18 21.01
C PRO D 128 -2.77 5.02 21.97
N SER D 129 -3.86 4.39 22.39
CA SER D 129 -3.79 3.28 23.33
C SER D 129 -4.94 2.33 23.06
N LEU D 130 -4.63 1.03 23.09
CA LEU D 130 -5.62 -0.03 22.87
C LEU D 130 -5.87 -0.73 24.21
N PHE D 131 -7.13 -0.78 24.61
CA PHE D 131 -7.54 -1.40 25.86
C PHE D 131 -8.35 -2.65 25.54
N HIS D 132 -7.91 -3.79 26.07
CA HIS D 132 -8.62 -5.05 25.94
C HIS D 132 -9.36 -5.30 27.25
N ASP D 133 -10.68 -5.11 27.22
CA ASP D 133 -11.48 -5.35 28.42
C ASP D 133 -11.70 -6.84 28.62
N ASP D 134 -12.15 -7.20 29.83
CA ASP D 134 -12.32 -8.60 30.20
C ASP D 134 -13.42 -9.29 29.40
N ASP D 135 -14.38 -8.53 28.86
CA ASP D 135 -15.50 -9.10 28.14
C ASP D 135 -15.24 -9.24 26.64
N GLY D 136 -13.96 -9.18 26.23
CA GLY D 136 -13.60 -9.38 24.84
C GLY D 136 -13.69 -8.15 23.96
N ARG D 137 -14.35 -7.08 24.43
CA ARG D 137 -14.47 -5.87 23.63
C ARG D 137 -13.23 -5.00 23.79
N LYS D 138 -12.91 -4.25 22.74
CA LYS D 138 -11.69 -3.47 22.67
C LYS D 138 -12.01 -2.00 22.48
N TYR D 139 -11.21 -1.14 23.10
CA TYR D 139 -11.45 0.29 23.10
C TYR D 139 -10.16 1.03 22.76
N TYR D 140 -10.31 2.11 21.99
CA TYR D 140 -9.19 2.88 21.45
C TYR D 140 -9.25 4.30 22.01
N LEU D 141 -8.14 4.75 22.61
CA LEU D 141 -8.06 6.06 23.24
C LEU D 141 -7.01 6.92 22.53
N TYR D 142 -7.20 8.24 22.61
CA TYR D 142 -6.19 9.17 22.12
C TYR D 142 -6.51 10.57 22.60
N ARG D 143 -5.51 11.45 22.51
CA ARG D 143 -5.67 12.88 22.80
C ARG D 143 -5.98 13.60 21.51
N PRO D 144 -7.20 14.09 21.30
CA PRO D 144 -7.47 14.90 20.09
C PRO D 144 -6.64 16.17 20.10
N TRP D 145 -6.12 16.52 18.92
CA TRP D 145 -5.40 17.75 18.71
C TRP D 145 -6.09 18.57 17.62
N GLY D 146 -5.48 19.71 17.28
CA GLY D 146 -6.06 20.61 16.32
C GLY D 146 -6.21 22.01 16.89
N PRO D 147 -6.87 22.89 16.15
CA PRO D 147 -7.09 24.25 16.65
C PRO D 147 -7.81 24.23 17.99
N ARG D 148 -7.25 24.96 18.96
CA ARG D 148 -7.79 25.06 20.32
C ARG D 148 -7.78 23.73 21.05
N HIS D 149 -6.97 22.77 20.61
CA HIS D 149 -6.89 21.48 21.30
C HIS D 149 -5.45 21.11 21.60
N HIS D 150 -4.59 22.11 21.77
CA HIS D 150 -3.28 21.92 22.37
C HIS D 150 -3.22 22.72 23.66
N SER D 151 -4.15 22.42 24.57
CA SER D 151 -4.28 23.10 25.87
C SER D 151 -4.53 24.60 25.70
N ASN D 152 -5.26 24.97 24.65
CA ASN D 152 -5.57 26.37 24.38
C ASN D 152 -7.02 26.51 23.92
N PRO D 153 -7.99 26.16 24.79
CA PRO D 153 -7.86 25.69 26.16
C PRO D 153 -8.03 24.17 26.35
N HIS D 154 -8.35 23.43 25.29
CA HIS D 154 -8.82 22.05 25.42
C HIS D 154 -7.67 21.05 25.42
N ASN D 155 -7.80 20.03 26.28
CA ASN D 155 -6.95 18.83 26.24
C ASN D 155 -7.81 17.67 26.72
N THR D 156 -8.33 16.88 25.78
CA THR D 156 -9.32 15.88 26.11
C THR D 156 -8.78 14.47 25.88
N ILE D 157 -9.44 13.51 26.51
CA ILE D 157 -9.16 12.09 26.33
C ILE D 157 -10.45 11.44 25.86
N VAL D 158 -10.46 10.93 24.63
CA VAL D 158 -11.65 10.37 24.03
C VAL D 158 -11.44 8.89 23.76
N MET D 159 -12.56 8.18 23.56
CA MET D 159 -12.54 6.74 23.42
C MET D 159 -13.48 6.31 22.30
N GLN D 160 -13.01 5.37 21.47
CA GLN D 160 -13.79 4.76 20.41
C GLN D 160 -13.77 3.24 20.60
N GLU D 161 -14.89 2.60 20.30
CA GLU D 161 -14.93 1.14 20.32
C GLU D 161 -14.29 0.58 19.06
N PHE D 162 -13.51 -0.47 19.22
CA PHE D 162 -12.73 -1.06 18.14
C PHE D 162 -13.22 -2.47 17.87
N ASP D 163 -13.52 -2.76 16.60
CA ASP D 163 -13.91 -4.10 16.18
C ASP D 163 -12.68 -4.80 15.61
N PRO D 164 -12.02 -5.70 16.36
CA PRO D 164 -10.78 -6.29 15.86
C PRO D 164 -10.97 -7.18 14.64
N GLN D 165 -12.15 -7.78 14.48
CA GLN D 165 -12.36 -8.70 13.36
C GLN D 165 -12.25 -7.98 12.02
N THR D 166 -12.63 -6.71 11.96
CA THR D 166 -12.55 -5.94 10.73
C THR D 166 -11.67 -4.70 10.85
N GLY D 167 -11.05 -4.46 12.00
CA GLY D 167 -10.23 -3.29 12.17
C GLY D 167 -10.98 -1.97 12.13
N THR D 168 -12.28 -2.00 12.41
CA THR D 168 -13.12 -0.82 12.27
C THR D 168 -13.24 -0.09 13.60
N LEU D 169 -13.15 1.23 13.54
CA LEU D 169 -13.45 2.11 14.66
C LEU D 169 -14.84 2.68 14.50
N SER D 170 -15.60 2.69 15.60
CA SER D 170 -16.92 3.31 15.58
C SER D 170 -16.78 4.83 15.56
N PRO D 171 -17.65 5.54 14.82
CA PRO D 171 -17.48 6.99 14.69
C PRO D 171 -17.68 7.75 16.00
N GLU D 172 -18.49 7.22 16.92
CA GLU D 172 -18.78 7.93 18.15
C GLU D 172 -17.55 7.96 19.05
N ARG D 173 -17.27 9.15 19.60
CA ARG D 173 -16.21 9.33 20.58
C ARG D 173 -16.84 9.60 21.95
N LYS D 174 -16.21 9.06 22.99
CA LYS D 174 -16.65 9.27 24.36
C LYS D 174 -15.53 9.95 25.12
N THR D 175 -15.80 11.17 25.61
CA THR D 175 -14.82 11.89 26.41
C THR D 175 -14.72 11.25 27.78
N LEU D 176 -13.50 10.88 28.18
CA LEU D 176 -13.27 10.29 29.49
C LEU D 176 -12.80 11.30 30.52
N PHE D 177 -12.03 12.30 30.11
CA PHE D 177 -11.42 13.24 31.05
C PHE D 177 -11.01 14.49 30.30
N THR D 178 -11.23 15.66 30.91
CA THR D 178 -10.92 16.94 30.29
C THR D 178 -9.74 17.66 30.95
N GLY D 179 -9.13 17.07 31.97
CA GLY D 179 -7.89 17.59 32.51
C GLY D 179 -8.10 18.41 33.77
N THR D 180 -7.01 18.57 34.52
CA THR D 180 -6.90 19.42 35.69
C THR D 180 -6.08 20.67 35.34
N PRO D 181 -6.01 21.66 36.26
CA PRO D 181 -5.22 22.88 35.98
C PRO D 181 -3.78 22.63 35.52
N LEU D 182 -3.26 21.42 35.69
CA LEU D 182 -1.94 21.11 35.16
C LEU D 182 -1.94 21.04 33.64
N CYS D 183 -3.07 20.64 33.05
CA CYS D 183 -3.25 20.60 31.60
C CYS D 183 -2.28 19.65 30.92
N TYR D 184 -2.19 19.73 29.59
CA TYR D 184 -1.39 18.80 28.78
C TYR D 184 -1.80 17.35 29.03
N THR D 185 -3.08 17.13 29.30
CA THR D 185 -3.58 15.79 29.57
C THR D 185 -3.38 14.89 28.37
N GLU D 186 -2.60 13.83 28.54
CA GLU D 186 -2.22 12.97 27.43
C GLU D 186 -1.83 11.60 27.98
N GLY D 187 -1.42 10.71 27.07
CA GLY D 187 -0.93 9.39 27.44
C GLY D 187 -1.94 8.56 28.20
N ALA D 188 -3.17 8.49 27.71
CA ALA D 188 -4.23 7.80 28.42
C ALA D 188 -4.06 6.29 28.34
N HIS D 189 -4.33 5.61 29.45
CA HIS D 189 -4.31 4.16 29.51
C HIS D 189 -5.42 3.68 30.43
N LEU D 190 -6.11 2.62 30.01
CA LEU D 190 -7.18 2.03 30.80
C LEU D 190 -6.70 0.71 31.41
N TYR D 191 -7.09 0.50 32.66
CA TYR D 191 -6.83 -0.77 33.35
C TYR D 191 -8.06 -1.14 34.15
N ARG D 192 -8.30 -2.44 34.29
CA ARG D 192 -9.40 -2.95 35.10
C ARG D 192 -8.83 -3.81 36.21
N HIS D 193 -9.03 -3.38 37.45
CA HIS D 193 -8.55 -4.09 38.62
C HIS D 193 -9.55 -3.89 39.74
N ALA D 194 -9.65 -4.90 40.62
CA ALA D 194 -10.67 -4.96 41.66
C ALA D 194 -12.02 -4.78 40.97
N GLY D 195 -12.88 -3.88 41.42
CA GLY D 195 -14.11 -3.61 40.71
C GLY D 195 -14.11 -2.24 40.07
N TRP D 196 -12.94 -1.78 39.62
CA TRP D 196 -12.78 -0.43 39.12
C TRP D 196 -12.05 -0.41 37.79
N TYR D 197 -12.47 0.49 36.91
CA TYR D 197 -11.64 0.92 35.79
C TYR D 197 -10.72 2.03 36.26
N TYR D 198 -9.45 1.96 35.86
CA TYR D 198 -8.48 2.99 36.20
C TYR D 198 -7.97 3.65 34.93
N LEU D 199 -8.08 4.97 34.87
CA LEU D 199 -7.60 5.76 33.74
C LEU D 199 -6.36 6.52 34.18
N MET D 200 -5.23 6.26 33.52
CA MET D 200 -3.96 6.89 33.84
C MET D 200 -3.60 7.86 32.72
N VAL D 201 -3.35 9.11 33.09
CA VAL D 201 -2.99 10.16 32.14
C VAL D 201 -1.67 10.79 32.57
N ALA D 202 -1.07 11.54 31.64
CA ALA D 202 0.08 12.39 31.92
C ALA D 202 -0.37 13.85 31.86
N GLU D 203 0.15 14.67 32.75
CA GLU D 203 -0.24 16.07 32.82
C GLU D 203 0.99 16.93 33.07
N GLY D 204 0.83 18.23 32.85
CA GLY D 204 1.88 19.21 33.10
C GLY D 204 2.92 19.35 32.02
N GLY D 205 2.85 18.56 30.95
CA GLY D 205 3.86 18.59 29.92
C GLY D 205 5.06 17.73 30.28
N THR D 206 5.81 17.34 29.24
CA THR D 206 6.88 16.37 29.41
C THR D 206 8.20 17.01 29.87
N SER D 207 8.17 18.23 30.41
CA SER D 207 9.37 18.83 30.98
C SER D 207 9.36 18.68 32.50
N TYR D 208 9.94 19.64 33.22
CA TYR D 208 10.13 19.52 34.66
C TYR D 208 8.82 19.48 35.43
N GLU D 209 7.71 19.84 34.81
CA GLU D 209 6.40 19.81 35.46
C GLU D 209 5.66 18.50 35.20
N HIS D 210 6.33 17.51 34.62
CA HIS D 210 5.68 16.26 34.25
C HIS D 210 5.08 15.56 35.46
N ALA D 211 3.92 14.94 35.26
CA ALA D 211 3.24 14.24 36.34
C ALA D 211 2.42 13.09 35.77
N VAL D 212 2.18 12.09 36.59
CA VAL D 212 1.26 11.00 36.30
C VAL D 212 0.01 11.20 37.15
N VAL D 213 -1.16 11.08 36.53
CA VAL D 213 -2.43 11.34 37.19
C VAL D 213 -3.37 10.17 36.93
N VAL D 214 -4.06 9.71 37.98
CA VAL D 214 -4.88 8.51 37.93
C VAL D 214 -6.31 8.86 38.31
N LEU D 215 -7.27 8.28 37.59
CA LEU D 215 -8.69 8.40 37.90
C LEU D 215 -9.27 6.99 37.95
N ARG D 216 -10.52 6.90 38.45
CA ARG D 216 -11.19 5.61 38.50
C ARG D 216 -12.69 5.81 38.33
N ALA D 217 -13.35 4.77 37.84
CA ALA D 217 -14.78 4.79 37.62
C ALA D 217 -15.30 3.35 37.66
N LYS D 218 -16.57 3.20 38.01
CA LYS D 218 -17.18 1.86 38.03
C LYS D 218 -17.43 1.36 36.62
N THR D 219 -17.91 2.23 35.73
CA THR D 219 -18.12 1.91 34.34
C THR D 219 -17.01 2.51 33.48
N ILE D 220 -16.88 1.99 32.26
CA ILE D 220 -15.77 2.38 31.40
C ILE D 220 -15.94 3.79 30.85
N ASP D 221 -17.18 4.22 30.64
CA ASP D 221 -17.42 5.53 30.03
C ASP D 221 -17.49 6.67 31.04
N GLY D 222 -17.41 6.37 32.33
CA GLY D 222 -17.34 7.41 33.34
C GLY D 222 -18.64 7.59 34.09
N PRO D 223 -18.74 8.68 34.87
CA PRO D 223 -17.71 9.72 35.02
C PRO D 223 -16.57 9.31 35.95
N TYR D 224 -15.34 9.64 35.56
CA TYR D 224 -14.17 9.29 36.36
C TYR D 224 -13.93 10.32 37.43
N GLU D 225 -13.61 9.84 38.64
CA GLU D 225 -13.25 10.70 39.75
C GLU D 225 -11.75 10.60 40.02
N LEU D 226 -11.17 11.70 40.47
CA LEU D 226 -9.73 11.84 40.57
C LEU D 226 -9.17 11.11 41.79
N HIS D 227 -7.90 10.72 41.68
CA HIS D 227 -7.08 10.18 42.76
C HIS D 227 -7.13 11.14 43.95
N PRO D 228 -7.02 10.63 45.18
CA PRO D 228 -7.02 11.56 46.33
C PRO D 228 -5.93 12.61 46.26
N ASP D 229 -4.74 12.25 45.78
CA ASP D 229 -3.65 13.19 45.61
C ASP D 229 -3.53 13.71 44.19
N VAL D 230 -4.51 13.42 43.34
CA VAL D 230 -4.50 13.79 41.92
C VAL D 230 -3.26 13.21 41.28
N THR D 231 -2.11 13.79 41.64
CA THR D 231 -0.84 13.33 41.12
C THR D 231 -0.40 12.06 41.83
N MET D 232 -0.21 10.99 41.06
CA MET D 232 0.40 9.79 41.62
C MET D 232 1.93 9.80 41.53
N MET D 233 2.48 10.44 40.51
CA MET D 233 3.94 10.59 40.39
C MET D 233 4.27 11.94 39.79
N THR D 234 5.23 12.64 40.40
CA THR D 234 5.93 13.77 39.81
C THR D 234 7.10 14.14 40.72
N SER D 235 8.15 14.68 40.12
CA SER D 235 9.30 15.19 40.86
C SER D 235 9.46 16.69 40.72
N TRP D 236 8.39 17.38 40.33
CA TRP D 236 8.48 18.82 40.09
C TRP D 236 8.81 19.59 41.36
N HIS D 237 8.28 19.12 42.50
CA HIS D 237 8.45 19.83 43.77
C HIS D 237 9.80 19.56 44.42
N LEU D 238 10.65 18.71 43.82
CA LEU D 238 11.99 18.43 44.32
C LEU D 238 12.98 18.77 43.22
N PRO D 239 13.34 20.05 43.06
CA PRO D 239 14.20 20.47 41.95
C PRO D 239 15.63 19.95 42.04
N GLU D 240 15.99 19.25 43.11
CA GLU D 240 17.31 18.63 43.22
C GLU D 240 17.25 17.10 43.19
N ASN D 241 16.06 16.53 42.99
CA ASN D 241 15.95 15.09 42.82
C ASN D 241 16.80 14.64 41.64
N PRO D 242 17.50 13.52 41.74
CA PRO D 242 18.32 13.06 40.60
C PRO D 242 17.51 12.89 39.32
N LEU D 243 16.36 12.22 39.41
CA LEU D 243 15.51 12.01 38.25
C LEU D 243 14.45 13.12 38.19
N GLN D 244 14.31 13.71 37.01
CA GLN D 244 13.36 14.79 36.78
C GLN D 244 12.38 14.41 35.67
N LYS D 245 11.36 15.26 35.50
CA LYS D 245 10.39 15.12 34.41
C LYS D 245 9.68 13.77 34.44
N SER D 246 9.49 13.21 35.64
CA SER D 246 8.91 11.88 35.79
C SER D 246 7.42 11.92 35.44
N GLY D 247 7.05 11.31 34.33
CA GLY D 247 5.66 11.27 33.93
C GLY D 247 5.45 10.31 32.79
N HIS D 248 4.22 10.31 32.27
CA HIS D 248 3.79 9.42 31.20
C HIS D 248 3.96 7.95 31.61
N GLY D 249 3.08 7.55 32.53
CA GLY D 249 3.22 6.26 33.17
C GLY D 249 2.61 5.12 32.37
N SER D 250 3.11 3.92 32.66
CA SER D 250 2.64 2.69 32.03
C SER D 250 2.51 1.64 33.13
N LEU D 251 1.28 1.40 33.58
CA LEU D 251 1.03 0.50 34.71
C LEU D 251 0.88 -0.94 34.21
N LEU D 252 1.40 -1.88 34.98
CA LEU D 252 1.31 -3.28 34.63
C LEU D 252 1.36 -4.14 35.89
N GLN D 253 0.48 -5.13 35.95
CA GLN D 253 0.53 -6.15 37.00
C GLN D 253 1.34 -7.34 36.51
N THR D 254 2.32 -7.76 37.32
CA THR D 254 3.20 -8.86 36.93
C THR D 254 2.47 -10.20 37.08
N HIS D 255 3.11 -11.25 36.55
CA HIS D 255 2.59 -12.60 36.73
C HIS D 255 2.68 -13.08 38.17
N THR D 256 3.38 -12.36 39.03
CA THR D 256 3.46 -12.68 40.45
C THR D 256 2.38 -12.00 41.27
N GLY D 257 1.62 -11.09 40.67
CA GLY D 257 0.62 -10.32 41.39
C GLY D 257 1.07 -8.95 41.84
N GLU D 258 2.31 -8.57 41.57
CA GLU D 258 2.83 -7.26 41.92
C GLU D 258 2.49 -6.24 40.84
N TRP D 259 2.67 -4.97 41.18
CA TRP D 259 2.31 -3.86 40.30
C TRP D 259 3.53 -2.98 40.05
N TYR D 260 3.79 -2.68 38.78
CA TYR D 260 4.93 -1.88 38.40
C TYR D 260 4.52 -0.89 37.32
N MET D 261 5.13 0.29 37.36
CA MET D 261 4.83 1.36 36.41
C MET D 261 6.12 1.82 35.76
N ALA D 262 6.17 1.76 34.43
CA ALA D 262 7.24 2.37 33.67
C ALA D 262 6.88 3.82 33.38
N TYR D 263 7.90 4.68 33.39
CA TYR D 263 7.71 6.11 33.18
C TYR D 263 8.94 6.67 32.50
N LEU D 264 8.81 7.89 31.99
CA LEU D 264 9.95 8.59 31.40
C LEU D 264 10.50 9.61 32.37
N THR D 265 11.80 9.89 32.24
CA THR D 265 12.50 10.77 33.17
C THR D 265 13.80 11.21 32.52
N SER D 266 14.37 12.29 33.07
CA SER D 266 15.60 12.86 32.55
C SER D 266 16.56 13.17 33.69
N ARG D 267 17.85 13.14 33.38
CA ARG D 267 18.92 13.42 34.34
C ARG D 267 19.65 14.68 33.92
N PRO D 268 19.34 15.84 34.49
CA PRO D 268 19.89 17.10 33.99
C PRO D 268 21.29 17.40 34.49
N LEU D 269 22.07 18.04 33.62
CA LEU D 269 23.34 18.64 33.99
C LEU D 269 23.14 20.12 34.21
N ARG D 270 23.59 20.63 35.35
CA ARG D 270 23.38 22.02 35.71
C ARG D 270 24.64 22.84 35.40
N LEU D 271 24.44 24.03 34.84
CA LEU D 271 25.55 24.94 34.64
C LEU D 271 25.94 25.60 35.96
N PRO D 272 27.23 25.84 36.18
CA PRO D 272 27.64 26.48 37.44
C PRO D 272 27.16 27.92 37.51
N GLY D 273 26.87 28.36 38.74
CA GLY D 273 26.48 29.73 39.01
C GLY D 273 25.03 30.06 38.74
N VAL D 274 24.31 29.22 38.00
CA VAL D 274 22.93 29.53 37.66
C VAL D 274 22.02 29.15 38.83
N PRO D 275 21.20 30.07 39.33
CA PRO D 275 20.25 29.71 40.39
C PRO D 275 19.35 28.56 39.95
N LEU D 276 18.99 27.71 40.92
CA LEU D 276 18.37 26.43 40.61
C LEU D 276 16.99 26.61 39.99
N LEU D 277 16.22 27.58 40.46
CA LEU D 277 14.86 27.79 39.99
C LEU D 277 14.74 28.91 38.96
N ALA D 278 15.84 29.56 38.60
CA ALA D 278 15.83 30.45 37.46
C ALA D 278 15.81 29.64 36.17
N SER D 279 15.66 30.34 35.04
CA SER D 279 15.57 29.70 33.74
C SER D 279 16.82 28.88 33.45
N GLY D 280 16.62 27.66 32.98
CA GLY D 280 17.74 26.75 32.83
C GLY D 280 18.46 26.35 34.11
N GLY D 281 17.93 26.67 35.29
CA GLY D 281 18.66 26.33 36.51
C GLY D 281 18.46 24.88 36.92
N ARG D 282 17.38 24.27 36.47
CA ARG D 282 17.14 22.88 36.83
C ARG D 282 17.98 21.91 36.00
N GLY D 283 18.58 22.36 34.90
CA GLY D 283 19.61 21.59 34.22
C GLY D 283 19.30 21.40 32.76
N TYR D 284 20.25 20.75 32.08
CA TYR D 284 20.14 20.40 30.68
C TYR D 284 20.37 18.90 30.54
N CYS D 285 19.64 18.26 29.62
CA CYS D 285 19.56 16.80 29.54
C CYS D 285 20.02 16.35 28.16
N PRO D 286 21.33 16.17 27.96
CA PRO D 286 21.82 15.67 26.68
C PRO D 286 21.47 14.22 26.42
N LEU D 287 21.18 13.44 27.46
CA LEU D 287 20.74 12.06 27.30
C LEU D 287 19.24 11.95 27.04
N GLY D 288 18.54 13.09 26.94
CA GLY D 288 17.15 13.11 26.53
C GLY D 288 16.21 12.55 27.59
N ARG D 289 15.07 12.06 27.13
CA ARG D 289 14.05 11.47 27.99
C ARG D 289 14.27 9.96 28.00
N GLU D 290 14.69 9.44 29.15
CA GLU D 290 14.99 8.03 29.34
C GLU D 290 13.83 7.34 30.05
N THR D 291 14.01 6.05 30.35
CA THR D 291 12.96 5.23 30.92
C THR D 291 13.35 4.74 32.31
N GLY D 292 12.47 4.96 33.29
CA GLY D 292 12.60 4.37 34.61
C GLY D 292 11.39 3.50 34.91
N ILE D 293 11.47 2.80 36.04
CA ILE D 293 10.38 1.94 36.49
C ILE D 293 10.31 2.01 38.02
N ALA D 294 9.10 1.89 38.54
CA ALA D 294 8.86 2.01 39.97
C ALA D 294 7.85 0.97 40.42
N ARG D 295 7.99 0.54 41.67
CA ARG D 295 7.04 -0.38 42.27
C ARG D 295 5.83 0.39 42.79
N ILE D 296 4.65 -0.20 42.63
CA ILE D 296 3.39 0.44 42.98
C ILE D 296 2.72 -0.36 44.07
N GLU D 297 2.27 0.32 45.12
CA GLU D 297 1.48 -0.29 46.18
C GLU D 297 0.05 0.24 46.12
N TRP D 298 -0.87 -0.51 46.72
CA TRP D 298 -2.29 -0.20 46.67
C TRP D 298 -2.84 0.03 48.06
N ARG D 299 -3.64 1.09 48.20
CA ARG D 299 -4.32 1.39 49.46
C ARG D 299 -5.68 1.98 49.16
N ASP D 300 -6.72 1.39 49.73
CA ASP D 300 -8.10 1.87 49.59
C ASP D 300 -8.54 1.93 48.13
N GLY D 301 -8.07 0.98 47.32
CA GLY D 301 -8.42 0.97 45.91
C GLY D 301 -7.71 1.99 45.05
N TRP D 302 -6.74 2.71 45.59
CA TRP D 302 -5.97 3.66 44.83
C TRP D 302 -4.50 3.24 44.78
N PRO D 303 -3.82 3.45 43.66
CA PRO D 303 -2.40 3.10 43.57
C PRO D 303 -1.51 4.24 44.04
N TYR D 304 -0.35 3.86 44.58
CA TYR D 304 0.64 4.82 45.07
C TYR D 304 2.04 4.34 44.70
N VAL D 305 2.93 5.30 44.52
CA VAL D 305 4.34 5.01 44.33
C VAL D 305 4.99 4.84 45.70
N GLU D 306 5.82 3.80 45.84
CA GLU D 306 6.45 3.52 47.12
C GLU D 306 7.37 4.64 47.54
N GLY D 307 7.16 5.17 48.75
CA GLY D 307 8.03 6.15 49.33
C GLY D 307 7.77 7.59 48.94
N GLY D 308 6.79 7.86 48.09
CA GLY D 308 6.49 9.22 47.69
C GLY D 308 6.19 9.35 46.21
N LYS D 309 5.81 10.56 45.79
CA LYS D 309 5.43 10.78 44.39
C LYS D 309 6.64 10.79 43.47
N HIS D 310 7.80 11.20 43.97
CA HIS D 310 8.96 11.43 43.11
C HIS D 310 9.52 10.12 42.57
N ALA D 311 10.43 10.25 41.61
CA ALA D 311 11.09 9.11 40.98
C ALA D 311 12.44 8.90 41.64
N GLN D 312 12.68 7.69 42.16
CA GLN D 312 13.89 7.38 42.89
C GLN D 312 14.86 6.60 42.02
N LEU D 313 16.17 6.77 42.32
CA LEU D 313 17.19 6.06 41.57
C LEU D 313 17.10 4.55 41.78
N THR D 314 16.70 4.11 42.97
CA THR D 314 16.62 2.69 43.30
C THR D 314 15.22 2.34 43.77
N VAL D 315 14.72 1.19 43.29
CA VAL D 315 13.40 0.69 43.65
C VAL D 315 13.51 -0.80 43.92
N LYS D 316 12.47 -1.36 44.53
CA LYS D 316 12.45 -2.77 44.87
C LYS D 316 12.00 -3.62 43.69
N GLY D 317 12.81 -4.61 43.32
CA GLY D 317 12.51 -5.46 42.19
C GLY D 317 11.45 -6.49 42.50
N PRO D 318 10.84 -7.04 41.46
CA PRO D 318 9.75 -8.01 41.66
C PRO D 318 10.26 -9.31 42.28
N GLN D 319 9.31 -10.18 42.60
CA GLN D 319 9.60 -11.45 43.27
C GLN D 319 9.91 -12.54 42.24
N VAL D 320 10.94 -12.28 41.44
CA VAL D 320 11.44 -13.23 40.46
C VAL D 320 12.96 -13.27 40.57
N ALA D 321 13.56 -14.25 39.91
CA ALA D 321 15.00 -14.43 39.96
C ALA D 321 15.70 -13.36 39.12
N GLU D 322 16.83 -12.87 39.65
CA GLU D 322 17.61 -11.87 38.93
C GLU D 322 18.39 -12.53 37.80
N GLN D 323 18.27 -11.99 36.60
CA GLN D 323 19.07 -12.43 35.47
C GLN D 323 20.45 -11.79 35.52
N PRO D 324 21.43 -12.35 34.83
CA PRO D 324 22.74 -11.69 34.75
C PRO D 324 22.63 -10.34 34.06
N ALA D 325 23.55 -9.44 34.42
CA ALA D 325 23.56 -8.11 33.84
C ALA D 325 24.58 -8.01 32.71
N GLN D 328 23.09 0.17 27.98
CA GLN D 328 24.08 0.94 28.70
C GLN D 328 25.34 0.13 28.95
N GLY D 329 26.30 0.24 28.03
CA GLY D 329 27.55 -0.49 28.18
C GLY D 329 28.46 -0.23 27.00
N SER D 330 29.62 -0.87 27.05
CA SER D 330 30.61 -0.73 25.99
C SER D 330 30.07 -1.35 24.70
N TRP D 331 30.27 -0.64 23.59
CA TRP D 331 29.68 -1.02 22.32
C TRP D 331 30.67 -0.73 21.19
N ARG D 332 30.62 -1.59 20.17
CA ARG D 332 31.42 -1.35 18.97
C ARG D 332 30.84 -2.18 17.82
N ASP D 333 30.91 -1.61 16.63
CA ASP D 333 30.50 -2.29 15.40
C ASP D 333 31.69 -2.30 14.46
N ASP D 334 32.13 -3.50 14.09
CA ASP D 334 33.23 -3.66 13.14
C ASP D 334 32.72 -3.81 11.71
N PHE D 335 31.41 -3.69 11.49
CA PHE D 335 30.82 -3.70 10.15
C PHE D 335 31.18 -4.97 9.38
N ASP D 336 31.15 -6.10 10.07
CA ASP D 336 31.45 -7.39 9.45
C ASP D 336 30.25 -8.00 8.74
N GLY D 337 29.06 -7.89 9.32
CA GLY D 337 27.88 -8.49 8.76
C GLY D 337 27.21 -7.63 7.70
N SER D 338 26.17 -8.21 7.11
CA SER D 338 25.37 -7.53 6.09
C SER D 338 24.23 -6.71 6.69
N THR D 339 24.21 -6.53 8.00
CA THR D 339 23.19 -5.75 8.68
C THR D 339 23.85 -4.75 9.62
N LEU D 340 23.33 -3.53 9.63
CA LEU D 340 23.78 -2.55 10.62
C LEU D 340 23.46 -3.06 12.02
N ASP D 341 24.34 -2.72 12.96
CA ASP D 341 24.07 -3.05 14.35
C ASP D 341 22.75 -2.40 14.77
N PRO D 342 21.85 -3.14 15.42
CA PRO D 342 20.56 -2.54 15.83
C PRO D 342 20.71 -1.33 16.74
N GLU D 343 21.89 -1.08 17.29
CA GLU D 343 22.11 0.14 18.06
C GLU D 343 22.17 1.38 17.17
N LEU D 344 22.39 1.20 15.87
CA LEU D 344 22.52 2.31 14.93
C LEU D 344 21.21 2.54 14.20
N GLN D 345 20.93 3.81 13.92
CA GLN D 345 19.74 4.20 13.19
C GLN D 345 20.11 5.23 12.13
N THR D 346 19.20 5.42 11.19
CA THR D 346 19.28 6.46 10.17
C THR D 346 18.21 7.51 10.45
N LEU D 347 18.23 8.58 9.66
CA LEU D 347 17.28 9.66 9.82
C LEU D 347 16.17 9.50 8.78
N ARG D 348 14.96 9.21 9.25
CA ARG D 348 13.73 9.25 8.47
C ARG D 348 13.61 8.11 7.45
N ILE D 349 14.64 7.88 6.65
CA ILE D 349 14.56 6.90 5.57
C ILE D 349 15.37 5.66 5.93
N PRO D 350 15.06 4.49 5.35
CA PRO D 350 15.83 3.28 5.68
C PRO D 350 17.24 3.34 5.13
N PHE D 351 18.06 2.40 5.60
CA PHE D 351 19.43 2.25 5.13
C PHE D 351 19.43 1.25 3.98
N ASP D 352 19.43 1.76 2.76
CA ASP D 352 19.57 0.94 1.55
C ASP D 352 20.78 1.43 0.75
N ASP D 353 20.90 0.97 -0.50
CA ASP D 353 22.06 1.33 -1.29
C ASP D 353 22.08 2.79 -1.71
N THR D 354 21.04 3.56 -1.41
CA THR D 354 21.10 5.00 -1.64
C THR D 354 22.01 5.67 -0.60
N LEU D 355 21.97 5.19 0.64
CA LEU D 355 22.79 5.75 1.71
C LEU D 355 24.14 5.05 1.82
N GLY D 356 24.20 3.74 1.62
CA GLY D 356 25.46 3.05 1.72
C GLY D 356 25.29 1.56 1.48
N SER D 357 26.33 0.81 1.86
CA SER D 357 26.32 -0.63 1.67
C SER D 357 27.34 -1.27 2.59
N LEU D 358 26.94 -2.37 3.24
CA LEU D 358 27.86 -3.22 3.97
C LEU D 358 28.35 -4.40 3.14
N THR D 359 27.89 -4.49 1.89
CA THR D 359 28.27 -5.56 0.97
C THR D 359 29.25 -5.12 -0.11
N ALA D 360 29.29 -3.83 -0.44
CA ALA D 360 30.18 -3.36 -1.50
C ALA D 360 31.64 -3.52 -1.12
N ARG D 361 31.97 -3.36 0.15
CA ARG D 361 33.33 -3.55 0.64
C ARG D 361 33.24 -4.27 1.99
N PRO D 362 33.45 -5.59 2.01
CA PRO D 362 33.25 -6.34 3.26
C PRO D 362 34.19 -5.89 4.36
N GLY D 363 33.65 -5.81 5.58
CA GLY D 363 34.40 -5.32 6.72
C GLY D 363 34.37 -3.82 6.90
N TYR D 364 33.74 -3.09 5.99
CA TYR D 364 33.68 -1.64 6.04
C TYR D 364 32.24 -1.17 5.88
N LEU D 365 31.91 -0.08 6.55
CA LEU D 365 30.65 0.62 6.30
C LEU D 365 30.91 1.66 5.21
N ARG D 366 30.35 1.43 4.03
CA ARG D 366 30.44 2.40 2.94
C ARG D 366 29.24 3.34 3.03
N LEU D 367 29.52 4.64 3.00
CA LEU D 367 28.51 5.68 3.04
C LEU D 367 28.63 6.55 1.80
N TYR D 368 27.53 6.71 1.08
CA TYR D 368 27.53 7.47 -0.16
C TYR D 368 27.18 8.93 0.12
N GLY D 369 27.78 9.84 -0.63
CA GLY D 369 27.58 11.25 -0.39
C GLY D 369 26.24 11.80 -0.87
N ASN D 370 25.41 12.25 0.06
CA ASN D 370 24.13 12.85 -0.27
C ASN D 370 23.99 14.23 0.38
N ASP D 371 22.90 14.45 1.11
CA ASP D 371 22.63 15.76 1.69
C ASP D 371 23.46 16.00 2.94
N SER D 372 23.55 17.27 3.32
CA SER D 372 24.25 17.65 4.54
C SER D 372 23.35 17.37 5.75
N LEU D 373 23.90 17.61 6.95
CA LEU D 373 23.23 17.22 8.18
C LEU D 373 22.02 18.09 8.52
N ASN D 374 21.76 19.15 7.76
CA ASN D 374 20.62 20.02 7.98
C ASN D 374 19.41 19.64 7.13
N SER D 375 19.46 18.49 6.46
CA SER D 375 18.42 18.09 5.53
C SER D 375 17.46 17.10 6.16
N THR D 376 16.17 17.26 5.86
CA THR D 376 15.13 16.35 6.31
C THR D 376 14.77 15.32 5.24
N PHE D 377 15.64 15.12 4.24
CA PHE D 377 15.32 14.21 3.17
C PHE D 377 16.29 13.04 3.12
N THR D 378 17.44 13.19 2.46
CA THR D 378 18.36 12.08 2.21
C THR D 378 19.75 12.41 2.77
N GLN D 379 19.95 12.10 4.05
CA GLN D 379 21.28 12.12 4.66
C GLN D 379 21.81 10.70 4.75
N SER D 380 23.06 10.51 4.33
CA SER D 380 23.77 9.27 4.64
C SER D 380 24.39 9.43 6.03
N THR D 381 23.57 9.18 7.04
CA THR D 381 23.96 9.38 8.43
C THR D 381 23.56 8.15 9.24
N VAL D 382 24.55 7.58 9.94
CA VAL D 382 24.34 6.40 10.77
C VAL D 382 24.82 6.76 12.17
N ALA D 383 23.89 6.83 13.13
CA ALA D 383 24.19 7.32 14.46
C ALA D 383 23.59 6.41 15.52
N ARG D 384 24.20 6.44 16.70
CA ARG D 384 23.71 5.72 17.87
C ARG D 384 23.54 6.68 19.03
N ARG D 385 22.93 6.19 20.09
CA ARG D 385 22.49 7.06 21.18
C ARG D 385 23.63 7.44 22.11
N TRP D 386 23.61 8.69 22.58
CA TRP D 386 24.32 9.06 23.80
C TRP D 386 23.65 8.36 24.97
N GLN D 387 24.40 7.53 25.70
CA GLN D 387 23.83 6.83 26.84
C GLN D 387 24.57 7.10 28.14
N HIS D 388 25.63 7.90 28.11
CA HIS D 388 26.36 8.28 29.31
C HIS D 388 26.82 9.73 29.18
N PHE D 389 27.08 10.35 30.32
CA PHE D 389 27.58 11.71 30.33
C PHE D 389 29.06 11.78 29.97
N ILE D 390 29.80 10.70 30.16
CA ILE D 390 31.24 10.65 29.91
C ILE D 390 31.53 9.41 29.08
N PHE D 391 32.00 9.61 27.85
CA PHE D 391 32.32 8.49 26.97
C PHE D 391 33.25 8.99 25.87
N ARG D 392 33.65 8.06 25.00
CA ARG D 392 34.44 8.37 23.82
C ARG D 392 33.91 7.57 22.64
N ALA D 393 33.70 8.24 21.52
CA ALA D 393 33.34 7.60 20.27
C ALA D 393 34.48 7.71 19.28
N GLU D 394 34.65 6.69 18.45
CA GLU D 394 35.81 6.62 17.58
C GLU D 394 35.48 5.84 16.32
N THR D 395 36.23 6.12 15.25
CA THR D 395 36.08 5.43 13.98
C THR D 395 37.34 5.64 13.16
N ARG D 396 37.57 4.72 12.22
CA ARG D 396 38.66 4.81 11.26
C ARG D 396 38.05 4.96 9.87
N MET D 397 38.37 6.04 9.19
CA MET D 397 37.71 6.41 7.94
C MET D 397 38.71 6.50 6.80
N GLN D 398 38.28 6.08 5.62
CA GLN D 398 39.02 6.28 4.38
C GLN D 398 38.16 7.11 3.44
N PHE D 399 38.72 8.22 2.95
CA PHE D 399 37.96 9.19 2.19
C PHE D 399 38.94 10.06 1.40
N SER D 400 38.63 10.31 0.13
CA SER D 400 39.44 11.16 -0.72
C SER D 400 38.53 11.99 -1.61
N PRO D 401 38.04 13.11 -1.08
CA PRO D 401 37.17 13.98 -1.88
C PRO D 401 37.98 14.75 -2.92
N VAL D 402 37.26 15.43 -3.81
CA VAL D 402 37.88 16.15 -4.91
C VAL D 402 37.53 17.62 -4.95
N HIS D 403 36.51 18.07 -4.23
CA HIS D 403 36.20 19.50 -4.16
C HIS D 403 35.55 19.80 -2.80
N PHE D 404 35.19 21.07 -2.61
CA PHE D 404 34.79 21.54 -1.29
C PHE D 404 33.42 21.02 -0.85
N GLN D 405 32.59 20.55 -1.77
CA GLN D 405 31.25 20.10 -1.42
C GLN D 405 31.19 18.63 -1.06
N GLN D 406 32.33 17.94 -1.04
CA GLN D 406 32.41 16.55 -0.59
C GLN D 406 33.09 16.52 0.77
N SER D 407 32.42 15.92 1.75
CA SER D 407 32.96 15.84 3.10
C SER D 407 32.42 14.58 3.77
N ALA D 408 33.13 14.14 4.82
CA ALA D 408 32.77 12.91 5.52
C ALA D 408 33.47 12.89 6.86
N GLY D 409 32.78 12.39 7.88
CA GLY D 409 33.39 12.29 9.19
C GLY D 409 32.46 11.94 10.33
N LEU D 410 32.66 12.62 11.47
CA LEU D 410 31.99 12.30 12.72
C LEU D 410 31.11 13.46 13.15
N THR D 411 29.95 13.15 13.73
CA THR D 411 29.01 14.18 14.13
C THR D 411 28.38 13.83 15.47
N CYS D 412 28.15 14.87 16.27
CA CYS D 412 27.28 14.81 17.46
C CYS D 412 26.04 15.62 17.13
N TYR D 413 24.89 14.97 17.13
CA TYR D 413 23.71 15.47 16.45
C TYR D 413 22.49 15.38 17.36
N TYR D 414 21.71 16.46 17.42
CA TYR D 414 20.41 16.45 18.10
C TYR D 414 19.25 16.58 17.13
N ASN D 415 19.28 17.60 16.27
CA ASN D 415 18.32 17.71 15.16
C ASN D 415 18.98 18.50 14.03
N SER D 416 18.21 18.73 12.97
CA SER D 416 18.74 19.34 11.76
C SER D 416 19.31 20.74 11.97
N LYS D 417 19.04 21.37 13.11
CA LYS D 417 19.52 22.72 13.39
C LYS D 417 20.46 22.79 14.58
N ASN D 418 20.84 21.64 15.16
CA ASN D 418 21.69 21.63 16.35
C ASN D 418 22.58 20.40 16.27
N TRP D 419 23.84 20.60 15.89
CA TRP D 419 24.81 19.52 15.77
C TRP D 419 26.19 20.11 15.58
N SER D 420 27.21 19.25 15.70
CA SER D 420 28.58 19.57 15.36
C SER D 420 29.13 18.46 14.47
N TYR D 421 30.12 18.80 13.65
CA TYR D 421 30.54 17.94 12.55
C TYR D 421 32.03 18.16 12.29
N CYS D 422 32.83 17.13 12.55
CA CYS D 422 34.26 17.15 12.27
C CYS D 422 34.53 16.21 11.10
N PHE D 423 35.06 16.76 10.00
CA PHE D 423 35.04 16.05 8.74
C PHE D 423 36.33 16.30 7.96
N VAL D 424 36.54 15.46 6.95
CA VAL D 424 37.61 15.63 5.97
C VAL D 424 36.96 16.08 4.66
N ASP D 425 37.54 17.09 4.04
CA ASP D 425 37.07 17.56 2.73
C ASP D 425 38.29 17.81 1.85
N TYR D 426 38.07 18.53 0.75
CA TYR D 426 39.15 18.88 -0.17
C TYR D 426 39.21 20.40 -0.30
N GLU D 427 40.44 20.90 -0.50
CA GLU D 427 40.69 22.30 -0.78
C GLU D 427 41.60 22.37 -2.00
N GLU D 428 41.26 23.24 -2.94
CA GLU D 428 41.89 23.20 -4.27
C GLU D 428 43.40 23.39 -4.18
N GLY D 429 43.86 24.38 -3.41
CA GLY D 429 45.27 24.66 -3.33
C GLY D 429 46.04 23.90 -2.27
N GLN D 430 45.35 23.22 -1.36
CA GLN D 430 45.98 22.50 -0.27
C GLN D 430 45.87 20.98 -0.43
N GLY D 431 44.65 20.47 -0.58
CA GLY D 431 44.42 19.04 -0.59
C GLY D 431 43.37 18.65 0.43
N ARG D 432 43.49 17.44 0.98
CA ARG D 432 42.55 17.01 2.00
C ARG D 432 42.80 17.78 3.29
N THR D 433 41.72 18.31 3.87
CA THR D 433 41.82 19.05 5.13
C THR D 433 40.72 18.60 6.09
N ILE D 434 40.92 18.90 7.37
CA ILE D 434 39.97 18.61 8.43
C ILE D 434 39.37 19.93 8.90
N LYS D 435 38.04 20.01 8.93
CA LYS D 435 37.34 21.20 9.39
C LYS D 435 36.23 20.79 10.35
N VAL D 436 35.60 21.79 10.96
CA VAL D 436 34.50 21.58 11.89
C VAL D 436 33.40 22.57 11.57
N ILE D 437 32.16 22.09 11.65
CA ILE D 437 30.97 22.94 11.49
C ILE D 437 30.03 22.64 12.65
N GLN D 438 29.53 23.70 13.29
CA GLN D 438 28.54 23.56 14.35
C GLN D 438 27.33 24.42 14.03
N LEU D 439 26.15 23.84 14.19
CA LEU D 439 24.89 24.57 14.15
C LEU D 439 24.38 24.71 15.56
N ASP D 440 24.20 25.95 16.02
CA ASP D 440 23.71 26.25 17.36
C ASP D 440 22.54 27.20 17.19
N HIS D 441 21.33 26.72 17.50
CA HIS D 441 20.09 27.47 17.25
C HIS D 441 20.00 27.89 15.79
N ASN D 442 20.44 26.99 14.90
CA ASN D 442 20.52 27.19 13.45
C ASN D 442 21.55 28.23 13.06
N VAL D 443 22.44 28.62 13.96
CA VAL D 443 23.49 29.60 13.67
C VAL D 443 24.79 28.84 13.43
N PRO D 444 25.51 29.12 12.35
CA PRO D 444 26.70 28.31 12.02
C PRO D 444 27.99 28.82 12.63
N SER D 445 28.85 27.87 13.00
CA SER D 445 30.22 28.14 13.42
C SER D 445 31.14 27.27 12.58
N TRP D 446 32.17 27.88 11.99
CA TRP D 446 33.17 27.15 11.19
C TRP D 446 34.52 27.83 11.35
N PRO D 447 35.13 27.72 12.53
CA PRO D 447 36.37 28.47 12.80
C PRO D 447 37.58 27.96 12.05
N LEU D 448 37.53 26.77 11.46
CA LEU D 448 38.69 26.17 10.82
C LEU D 448 38.64 26.27 9.29
N HIS D 449 37.77 27.11 8.74
CA HIS D 449 37.64 27.16 7.28
C HIS D 449 38.71 28.03 6.64
N GLU D 450 39.11 29.13 7.30
CA GLU D 450 40.16 29.98 6.76
C GLU D 450 41.56 29.48 7.09
N GLN D 451 41.70 28.53 8.01
CA GLN D 451 42.99 27.90 8.30
C GLN D 451 42.74 26.46 8.73
N PRO D 452 42.49 25.57 7.77
CA PRO D 452 42.14 24.19 8.11
C PRO D 452 43.38 23.35 8.42
N ILE D 453 43.11 22.19 8.99
CA ILE D 453 44.15 21.24 9.39
C ILE D 453 44.49 20.37 8.20
N PRO D 454 45.73 20.34 7.72
CA PRO D 454 46.06 19.56 6.53
C PRO D 454 46.11 18.06 6.83
N VAL D 455 45.81 17.28 5.80
CA VAL D 455 45.88 15.83 5.84
C VAL D 455 46.97 15.39 4.87
N PRO D 456 47.88 14.51 5.28
CA PRO D 456 48.95 14.08 4.36
C PRO D 456 48.36 13.39 3.12
N GLU D 457 49.10 13.50 2.02
CA GLU D 457 48.58 13.01 0.74
C GLU D 457 48.47 11.50 0.72
N GLN D 458 49.48 10.80 1.23
CA GLN D 458 49.36 9.35 1.36
C GLN D 458 49.13 8.96 2.81
N ALA D 459 48.09 9.55 3.41
CA ALA D 459 47.55 9.07 4.69
C ALA D 459 46.30 8.26 4.35
N GLU D 460 46.49 6.93 4.28
CA GLU D 460 45.43 6.02 3.84
C GLU D 460 44.13 6.13 4.65
N SER D 461 44.24 6.52 5.90
CA SER D 461 43.11 6.47 6.82
C SER D 461 43.21 7.62 7.80
N VAL D 462 42.07 8.22 8.12
CA VAL D 462 42.00 9.27 9.13
C VAL D 462 41.13 8.75 10.25
N TRP D 463 41.69 8.68 11.45
CA TRP D 463 40.93 8.29 12.63
C TRP D 463 40.25 9.53 13.21
N LEU D 464 38.97 9.41 13.54
CA LEU D 464 38.24 10.48 14.17
C LEU D 464 37.72 10.02 15.52
N ARG D 465 37.67 10.94 16.48
CA ARG D 465 37.34 10.60 17.85
C ARG D 465 36.76 11.82 18.55
N VAL D 466 35.71 11.60 19.32
CA VAL D 466 35.12 12.64 20.16
C VAL D 466 35.07 12.14 21.59
N ASP D 467 35.56 12.95 22.53
CA ASP D 467 35.48 12.65 23.94
C ASP D 467 34.45 13.58 24.58
N VAL D 468 33.43 13.00 25.19
CA VAL D 468 32.39 13.74 25.87
C VAL D 468 32.64 13.67 27.37
N ASP D 469 32.71 14.83 28.02
CA ASP D 469 32.94 14.92 29.45
C ASP D 469 31.90 15.87 30.04
N ARG D 470 30.74 15.31 30.41
CA ARG D 470 29.64 16.05 31.02
C ARG D 470 29.23 17.27 30.19
N LEU D 471 29.65 18.47 30.60
CA LEU D 471 29.17 19.69 29.97
C LEU D 471 29.82 19.97 28.62
N VAL D 472 31.02 19.44 28.37
CA VAL D 472 31.75 19.76 27.15
C VAL D 472 32.13 18.48 26.42
N TYR D 473 32.46 18.64 25.14
CA TYR D 473 33.00 17.55 24.33
C TYR D 473 33.93 18.13 23.28
N ARG D 474 34.92 17.32 22.87
CA ARG D 474 35.97 17.77 21.98
C ARG D 474 36.29 16.68 20.97
N TYR D 475 36.52 17.10 19.72
CA TYR D 475 36.93 16.20 18.66
C TYR D 475 38.45 16.05 18.64
N SER D 476 38.91 14.95 18.06
CA SER D 476 40.33 14.69 17.89
C SER D 476 40.51 13.77 16.70
N TYR D 477 41.69 13.82 16.10
CA TYR D 477 41.97 13.06 14.90
C TYR D 477 43.30 12.33 15.03
N SER D 478 43.51 11.39 14.11
CA SER D 478 44.74 10.61 14.05
C SER D 478 45.03 10.30 12.59
N PHE D 479 46.31 10.07 12.30
CA PHE D 479 46.74 9.62 10.98
C PHE D 479 47.43 8.27 11.02
N ASP D 480 47.62 7.70 12.21
CA ASP D 480 48.33 6.45 12.39
C ASP D 480 47.63 5.46 13.33
N GLY D 481 46.60 5.88 14.05
CA GLY D 481 46.04 5.08 15.12
C GLY D 481 46.83 5.10 16.41
N GLU D 482 47.97 5.78 16.44
CA GLU D 482 48.85 5.78 17.60
C GLU D 482 48.88 7.14 18.29
N THR D 483 49.24 8.21 17.59
CA THR D 483 49.32 9.54 18.17
C THR D 483 48.15 10.39 17.68
N TRP D 484 47.49 11.07 18.61
CA TRP D 484 46.28 11.82 18.33
C TRP D 484 46.49 13.30 18.57
N HIS D 485 45.71 14.12 17.88
CA HIS D 485 45.80 15.57 17.98
C HIS D 485 44.41 16.14 18.21
N ALA D 486 44.33 17.19 19.02
CA ALA D 486 43.06 17.79 19.39
C ALA D 486 42.67 18.85 18.36
N VAL D 487 41.39 18.83 17.98
CA VAL D 487 40.81 19.94 17.22
C VAL D 487 40.54 21.05 18.21
N PRO D 488 41.22 22.20 18.10
CA PRO D 488 41.14 23.21 19.17
C PRO D 488 39.82 23.94 19.25
N VAL D 489 38.73 23.19 19.40
CA VAL D 489 37.39 23.76 19.59
C VAL D 489 36.70 22.99 20.69
N THR D 490 36.22 23.68 21.72
CA THR D 490 35.46 23.08 22.81
C THR D 490 33.98 23.35 22.57
N TYR D 491 33.18 22.29 22.53
CA TYR D 491 31.76 22.38 22.26
C TYR D 491 30.95 22.12 23.53
N GLU D 492 29.76 22.72 23.59
CA GLU D 492 28.89 22.60 24.74
C GLU D 492 27.97 21.39 24.54
N ALA D 493 28.11 20.38 25.38
CA ALA D 493 27.25 19.21 25.30
C ALA D 493 25.84 19.50 25.81
N TRP D 494 25.69 20.51 26.68
CA TRP D 494 24.37 20.87 27.17
C TRP D 494 23.52 21.60 26.13
N LYS D 495 24.10 21.95 24.98
CA LYS D 495 23.33 22.55 23.90
C LYS D 495 22.68 21.51 23.00
N LEU D 496 23.08 20.25 23.10
CA LEU D 496 22.39 19.15 22.42
C LEU D 496 21.28 18.61 23.33
N SER D 497 20.31 19.48 23.61
CA SER D 497 19.24 19.16 24.53
C SER D 497 18.05 20.06 24.25
N ASP D 498 16.86 19.53 24.49
CA ASP D 498 15.64 20.32 24.33
C ASP D 498 15.59 21.47 25.32
N ASP D 499 16.26 21.33 26.46
CA ASP D 499 16.30 22.40 27.45
C ASP D 499 16.91 23.67 26.86
N TYR D 500 17.90 23.50 25.99
CA TYR D 500 18.57 24.64 25.38
C TYR D 500 17.95 25.03 24.04
N ILE D 501 17.50 24.06 23.25
CA ILE D 501 16.97 24.36 21.93
C ILE D 501 15.58 25.00 22.03
N GLY D 502 14.73 24.46 22.90
CA GLY D 502 13.38 24.96 23.01
C GLY D 502 12.52 24.60 21.81
N GLY D 503 11.65 25.54 21.43
CA GLY D 503 10.72 25.31 20.33
C GLY D 503 9.63 24.33 20.70
N ARG D 504 8.78 24.04 19.72
CA ARG D 504 7.64 23.17 19.94
C ARG D 504 7.97 21.70 19.84
N GLY D 505 9.19 21.35 19.43
CA GLY D 505 9.61 19.96 19.49
C GLY D 505 9.85 19.51 20.92
N PHE D 506 9.76 18.21 21.12
CA PHE D 506 9.92 17.61 22.43
C PHE D 506 11.28 16.93 22.54
N ALA D 507 11.71 16.72 23.78
CA ALA D 507 13.03 16.18 24.04
C ALA D 507 13.19 14.79 23.45
N THR D 508 14.24 14.61 22.65
CA THR D 508 14.58 13.29 22.14
C THR D 508 15.88 12.87 22.81
N GLY D 509 17.04 13.27 22.30
CA GLY D 509 18.30 12.90 22.90
C GLY D 509 19.45 13.05 21.93
N ALA D 510 20.65 13.24 22.44
CA ALA D 510 21.81 13.43 21.59
C ALA D 510 22.26 12.12 20.97
N PHE D 511 22.76 12.19 19.74
CA PHE D 511 23.32 11.05 19.04
C PHE D 511 24.75 11.35 18.64
N VAL D 512 25.52 10.29 18.43
CA VAL D 512 26.85 10.38 17.84
C VAL D 512 26.90 9.39 16.68
N GLY D 513 27.40 9.83 15.52
CA GLY D 513 27.35 8.94 14.38
C GLY D 513 28.31 9.32 13.28
N LEU D 514 28.29 8.51 12.23
CA LEU D 514 29.11 8.69 11.05
C LEU D 514 28.28 9.30 9.92
N HIS D 515 28.95 10.10 9.08
CA HIS D 515 28.26 10.84 8.05
C HIS D 515 29.19 11.06 6.87
N CYS D 516 28.59 11.19 5.69
CA CYS D 516 29.30 11.54 4.47
C CYS D 516 28.31 12.20 3.52
N GLU D 517 28.73 13.28 2.87
CA GLU D 517 27.83 14.06 2.04
C GLU D 517 28.56 14.54 0.79
N ASP D 518 27.77 14.83 -0.25
CA ASP D 518 28.26 15.47 -1.48
C ASP D 518 27.18 16.45 -1.92
N ILE D 519 27.32 17.71 -1.52
CA ILE D 519 26.37 18.74 -1.91
C ILE D 519 26.33 18.88 -3.42
N SER D 520 27.41 18.51 -4.11
CA SER D 520 27.48 18.68 -5.55
C SER D 520 26.67 17.64 -6.30
N GLY D 521 26.41 16.48 -5.69
CA GLY D 521 25.77 15.38 -6.37
C GLY D 521 26.63 14.70 -7.42
N ASP D 522 27.91 15.03 -7.52
CA ASP D 522 28.79 14.32 -8.45
C ASP D 522 28.89 12.85 -8.09
N GLY D 523 29.00 12.55 -6.80
CA GLY D 523 29.18 11.19 -6.36
C GLY D 523 30.48 10.97 -5.62
N CYS D 524 30.38 10.55 -4.36
CA CYS D 524 31.56 10.19 -3.57
C CYS D 524 31.15 9.07 -2.63
N HIS D 525 32.11 8.63 -1.81
CA HIS D 525 31.82 7.63 -0.79
C HIS D 525 32.94 7.58 0.22
N ALA D 526 32.58 7.39 1.48
CA ALA D 526 33.54 7.20 2.56
C ALA D 526 33.39 5.81 3.14
N ASP D 527 34.50 5.27 3.63
CA ASP D 527 34.52 3.93 4.22
C ASP D 527 34.96 4.02 5.67
N PHE D 528 34.22 3.36 6.55
CA PHE D 528 34.50 3.36 7.99
C PHE D 528 34.76 1.93 8.43
N ASP D 529 35.95 1.68 8.99
CA ASP D 529 36.31 0.34 9.41
C ASP D 529 35.48 -0.10 10.61
N TYR D 530 35.36 0.76 11.61
CA TYR D 530 34.65 0.41 12.83
C TYR D 530 33.97 1.64 13.40
N PHE D 531 33.29 1.46 14.52
CA PHE D 531 32.64 2.55 15.25
C PHE D 531 32.48 2.09 16.68
N THR D 532 33.22 2.73 17.60
CA THR D 532 33.24 2.31 19.00
C THR D 532 32.56 3.36 19.87
N TYR D 533 31.84 2.88 20.89
CA TYR D 533 31.26 3.72 21.93
C TYR D 533 31.77 3.21 23.27
N GLU D 534 32.70 3.93 23.87
CA GLU D 534 33.35 3.49 25.11
C GLU D 534 32.97 4.42 26.25
N PRO D 535 32.09 4.02 27.16
CA PRO D 535 31.76 4.85 28.30
C PRO D 535 32.85 4.80 29.37
N ALA D 536 32.94 5.87 30.14
CA ALA D 536 33.91 5.94 31.22
C ALA D 536 33.39 5.17 32.45
CA CA E . -20.71 23.67 -11.32
C1 GOL F . 15.38 -21.53 -21.86
O1 GOL F . 14.16 -21.12 -22.41
C2 GOL F . 15.10 -22.81 -21.01
O2 GOL F . 16.16 -23.70 -21.03
C3 GOL F . 13.77 -23.40 -21.54
O3 GOL F . 14.09 -24.23 -22.62
CA CA G . -4.37 9.96 -25.87
CA CA H . -2.04 -30.36 18.72
C1 GOL I . 4.96 12.48 26.07
O1 GOL I . 5.58 13.72 26.09
C2 GOL I . 3.86 12.54 24.99
O2 GOL I . 2.59 12.53 25.54
C3 GOL I . 4.12 11.31 24.12
O3 GOL I . 3.86 11.65 22.79
CA CA J . 36.04 -3.45 10.36
#